data_307D
# 
_entry.id   307D 
# 
_audit_conform.dict_name       mmcif_pdbx.dic 
_audit_conform.dict_version    5.389 
_audit_conform.dict_location   http://mmcif.pdb.org/dictionaries/ascii/mmcif_pdbx.dic 
# 
loop_
_database_2.database_id 
_database_2.database_code 
_database_2.pdbx_database_accession 
_database_2.pdbx_DOI 
PDB   307D         pdb_0000307d 10.2210/pdb307d/pdb 
RCSB  BDJ081       ?            ?                   
WWPDB D_1000178775 ?            ?                   
# 
loop_
_pdbx_audit_revision_history.ordinal 
_pdbx_audit_revision_history.data_content_type 
_pdbx_audit_revision_history.major_revision 
_pdbx_audit_revision_history.minor_revision 
_pdbx_audit_revision_history.revision_date 
1 'Structure model' 1 0 1997-01-27 
2 'Structure model' 1 1 2008-05-22 
3 'Structure model' 1 2 2011-07-13 
4 'Structure model' 1 3 2018-04-04 
5 'Structure model' 1 4 2024-02-21 
6 'Structure model' 1 5 2024-04-03 
# 
_pdbx_audit_revision_details.ordinal             1 
_pdbx_audit_revision_details.revision_ordinal    1 
_pdbx_audit_revision_details.data_content_type   'Structure model' 
_pdbx_audit_revision_details.provider            repository 
_pdbx_audit_revision_details.type                'Initial release' 
_pdbx_audit_revision_details.description         ? 
_pdbx_audit_revision_details.details             ? 
# 
loop_
_pdbx_audit_revision_group.ordinal 
_pdbx_audit_revision_group.revision_ordinal 
_pdbx_audit_revision_group.data_content_type 
_pdbx_audit_revision_group.group 
1 2 'Structure model' 'Version format compliance' 
2 3 'Structure model' 'Version format compliance' 
3 4 'Structure model' 'Data collection'           
4 5 'Structure model' 'Data collection'           
5 5 'Structure model' 'Database references'       
6 6 'Structure model' 'Refinement description'    
# 
loop_
_pdbx_audit_revision_category.ordinal 
_pdbx_audit_revision_category.revision_ordinal 
_pdbx_audit_revision_category.data_content_type 
_pdbx_audit_revision_category.category 
1 4 'Structure model' diffrn_source                 
2 5 'Structure model' chem_comp_atom                
3 5 'Structure model' chem_comp_bond                
4 5 'Structure model' database_2                    
5 6 'Structure model' pdbx_initial_refinement_model 
# 
loop_
_pdbx_audit_revision_item.ordinal 
_pdbx_audit_revision_item.revision_ordinal 
_pdbx_audit_revision_item.data_content_type 
_pdbx_audit_revision_item.item 
1 4 'Structure model' '_diffrn_source.type'                 
2 5 'Structure model' '_database_2.pdbx_DOI'                
3 5 'Structure model' '_database_2.pdbx_database_accession' 
# 
_pdbx_database_status.status_code                     REL 
_pdbx_database_status.entry_id                        307D 
_pdbx_database_status.recvd_initial_deposition_date   1997-01-07 
_pdbx_database_status.deposit_site                    NDB 
_pdbx_database_status.process_site                    NDB 
_pdbx_database_status.status_code_sf                  REL 
_pdbx_database_status.status_code_mr                  ? 
_pdbx_database_status.SG_entry                        ? 
_pdbx_database_status.pdb_format_compatible           Y 
_pdbx_database_status.status_code_cs                  ? 
_pdbx_database_status.methods_development_category    ? 
_pdbx_database_status.status_code_nmr_data            ? 
# 
loop_
_audit_author.name 
_audit_author.pdbx_ordinal 
'Han, G.W.'       1 
'Kopka, M.L.'     2 
'Cascio, D.'      3 
'Grzeskowiak, K.' 4 
'Dickerson, R.E.' 5 
# 
_citation.id                        primary 
_citation.title                     'Structure of a DNA analog of the primer for HIV-1 RT second strand synthesis.' 
_citation.journal_abbrev            J.Mol.Biol. 
_citation.journal_volume            269 
_citation.page_first                811 
_citation.page_last                 826 
_citation.year                      1997 
_citation.journal_id_ASTM           JMOBAK 
_citation.country                   UK 
_citation.journal_id_ISSN           0022-2836 
_citation.journal_id_CSD            0070 
_citation.book_publisher            ? 
_citation.pdbx_database_id_PubMed   9223643 
_citation.pdbx_database_id_DOI      10.1006/jmbi.1997.1085 
# 
loop_
_citation_author.citation_id 
_citation_author.name 
_citation_author.ordinal 
_citation_author.identifier_ORCID 
primary 'Han, G.W.'       1 ? 
primary 'Kopka, M.L.'     2 ? 
primary 'Cascio, D.'      3 ? 
primary 'Grzeskowiak, K.' 4 ? 
primary 'Dickerson, R.E.' 5 ? 
# 
loop_
_entity.id 
_entity.type 
_entity.src_method 
_entity.pdbx_description 
_entity.formula_weight 
_entity.pdbx_number_of_molecules 
_entity.pdbx_ec 
_entity.pdbx_mutation 
_entity.pdbx_fragment 
_entity.details 
1 polymer syn 
;DNA (5'-D(*CP*AP*AP*AP*GP*AP*AP*AP*AP*G)-3')
;
3095.083 3   ? ? ? ? 
2 polymer syn 
;DNA (5'-D(*CP*TP*TP*TP*TP*CP*TP*TP*TP*G)-3')
;
2991.961 3   ? ? ? ? 
3 water   nat water                                          18.015   138 ? ? ? ? 
# 
loop_
_entity_poly.entity_id 
_entity_poly.type 
_entity_poly.nstd_linkage 
_entity_poly.nstd_monomer 
_entity_poly.pdbx_seq_one_letter_code 
_entity_poly.pdbx_seq_one_letter_code_can 
_entity_poly.pdbx_strand_id 
_entity_poly.pdbx_target_identifier 
1 polydeoxyribonucleotide no no '(DC)(DA)(DA)(DA)(DG)(DA)(DA)(DA)(DA)(DG)' CAAAGAAAAG A,C,E ? 
2 polydeoxyribonucleotide no no '(DC)(DT)(DT)(DT)(DT)(DC)(DT)(DT)(DT)(DG)' CTTTTCTTTG B,D,F ? 
# 
_pdbx_entity_nonpoly.entity_id   3 
_pdbx_entity_nonpoly.name        water 
_pdbx_entity_nonpoly.comp_id     HOH 
# 
loop_
_entity_poly_seq.entity_id 
_entity_poly_seq.num 
_entity_poly_seq.mon_id 
_entity_poly_seq.hetero 
1 1  DC n 
1 2  DA n 
1 3  DA n 
1 4  DA n 
1 5  DG n 
1 6  DA n 
1 7  DA n 
1 8  DA n 
1 9  DA n 
1 10 DG n 
2 1  DC n 
2 2  DT n 
2 3  DT n 
2 4  DT n 
2 5  DT n 
2 6  DC n 
2 7  DT n 
2 8  DT n 
2 9  DT n 
2 10 DG n 
# 
loop_
_chem_comp.id 
_chem_comp.type 
_chem_comp.mon_nstd_flag 
_chem_comp.name 
_chem_comp.pdbx_synonyms 
_chem_comp.formula 
_chem_comp.formula_weight 
DA  'DNA linking' y "2'-DEOXYADENOSINE-5'-MONOPHOSPHATE" ? 'C10 H14 N5 O6 P' 331.222 
DC  'DNA linking' y "2'-DEOXYCYTIDINE-5'-MONOPHOSPHATE"  ? 'C9 H14 N3 O7 P'  307.197 
DG  'DNA linking' y "2'-DEOXYGUANOSINE-5'-MONOPHOSPHATE" ? 'C10 H14 N5 O7 P' 347.221 
DT  'DNA linking' y "THYMIDINE-5'-MONOPHOSPHATE"         ? 'C10 H15 N2 O8 P' 322.208 
HOH non-polymer   . WATER                                ? 'H2 O'            18.015  
# 
loop_
_pdbx_poly_seq_scheme.asym_id 
_pdbx_poly_seq_scheme.entity_id 
_pdbx_poly_seq_scheme.seq_id 
_pdbx_poly_seq_scheme.mon_id 
_pdbx_poly_seq_scheme.ndb_seq_num 
_pdbx_poly_seq_scheme.pdb_seq_num 
_pdbx_poly_seq_scheme.auth_seq_num 
_pdbx_poly_seq_scheme.pdb_mon_id 
_pdbx_poly_seq_scheme.auth_mon_id 
_pdbx_poly_seq_scheme.pdb_strand_id 
_pdbx_poly_seq_scheme.pdb_ins_code 
_pdbx_poly_seq_scheme.hetero 
A 1 1  DC 1  1  1   DC C A . n 
A 1 2  DA 2  2  2   DA A A . n 
A 1 3  DA 3  3  3   DA A A . n 
A 1 4  DA 4  4  4   DA A A . n 
A 1 5  DG 5  5  5   DG G A . n 
A 1 6  DA 6  6  6   DA A A . n 
A 1 7  DA 7  7  7   DA A A . n 
A 1 8  DA 8  8  8   DA A A . n 
A 1 9  DA 9  9  9   DA A A . n 
A 1 10 DG 10 10 10  DG G A . n 
B 2 1  DC 1  11 11  DC C B . n 
B 2 2  DT 2  12 12  DT T B . n 
B 2 3  DT 3  13 13  DT T B . n 
B 2 4  DT 4  14 14  DT T B . n 
B 2 5  DT 5  15 15  DT T B . n 
B 2 6  DC 6  16 16  DC C B . n 
B 2 7  DT 7  17 17  DT T B . n 
B 2 8  DT 8  18 18  DT T B . n 
B 2 9  DT 9  19 19  DT T B . n 
B 2 10 DG 10 20 20  DG G B . n 
C 1 1  DC 1  21 21  DC C C . n 
C 1 2  DA 2  22 22  DA A C . n 
C 1 3  DA 3  23 23  DA A C . n 
C 1 4  DA 4  24 24  DA A C . n 
C 1 5  DG 5  25 25  DG G C . n 
C 1 6  DA 6  26 26  DA A C . n 
C 1 7  DA 7  27 27  DA A C . n 
C 1 8  DA 8  28 28  DA A C . n 
C 1 9  DA 9  29 29  DA A C . n 
C 1 10 DG 10 30 30  DG G C . n 
D 2 1  DC 1  31 31  DC C D . n 
D 2 2  DT 2  32 32  DT T D . n 
D 2 3  DT 3  33 33  DT T D . n 
D 2 4  DT 4  34 34  DT T D . n 
D 2 5  DT 5  35 35  DT T D . n 
D 2 6  DC 6  36 36  DC C D . n 
D 2 7  DT 7  37 37  DT T D . n 
D 2 8  DT 8  38 38  DT T D . n 
D 2 9  DT 9  39 39  DT T D . n 
D 2 10 DG 10 40 40  DG G D . n 
E 1 1  DC 1  41 121 DC C E . n 
E 1 2  DA 2  42 122 DA A E . n 
E 1 3  DA 3  43 123 DA A E . n 
E 1 4  DA 4  44 124 DA A E . n 
E 1 5  DG 5  45 125 DG G E . n 
E 1 6  DA 6  46 126 DA A E . n 
E 1 7  DA 7  47 127 DA A E . n 
E 1 8  DA 8  48 128 DA A E . n 
E 1 9  DA 9  49 129 DA A E . n 
E 1 10 DG 10 50 130 DG G E . n 
F 2 1  DC 1  51 131 DC C F . n 
F 2 2  DT 2  52 132 DT T F . n 
F 2 3  DT 3  53 133 DT T F . n 
F 2 4  DT 4  54 134 DT T F . n 
F 2 5  DT 5  55 135 DT T F . n 
F 2 6  DC 6  56 136 DC C F . n 
F 2 7  DT 7  57 137 DT T F . n 
F 2 8  DT 8  58 138 DT T F . n 
F 2 9  DT 9  59 139 DT T F . n 
F 2 10 DG 10 60 140 DG G F . n 
# 
loop_
_pdbx_nonpoly_scheme.asym_id 
_pdbx_nonpoly_scheme.entity_id 
_pdbx_nonpoly_scheme.mon_id 
_pdbx_nonpoly_scheme.ndb_seq_num 
_pdbx_nonpoly_scheme.pdb_seq_num 
_pdbx_nonpoly_scheme.auth_seq_num 
_pdbx_nonpoly_scheme.pdb_mon_id 
_pdbx_nonpoly_scheme.auth_mon_id 
_pdbx_nonpoly_scheme.pdb_strand_id 
_pdbx_nonpoly_scheme.pdb_ins_code 
G 3 HOH 1  63  63  HOH HOH A . 
G 3 HOH 2  64  64  HOH HOH A . 
G 3 HOH 3  67  67  HOH HOH A . 
G 3 HOH 4  71  71  HOH HOH A . 
G 3 HOH 5  73  73  HOH HOH A . 
G 3 HOH 6  74  74  HOH HOH A . 
G 3 HOH 7  78  78  HOH HOH A . 
G 3 HOH 8  80  80  HOH HOH A . 
G 3 HOH 9  81  81  HOH HOH A . 
G 3 HOH 10 83  83  HOH HOH A . 
G 3 HOH 11 86  86  HOH HOH A . 
G 3 HOH 12 87  87  HOH HOH A . 
G 3 HOH 13 89  89  HOH HOH A . 
G 3 HOH 14 90  90  HOH HOH A . 
G 3 HOH 15 95  95  HOH HOH A . 
G 3 HOH 16 96  96  HOH HOH A . 
G 3 HOH 17 99  99  HOH HOH A . 
G 3 HOH 18 102 102 HOH HOH A . 
G 3 HOH 19 106 106 HOH HOH A . 
G 3 HOH 20 114 114 HOH HOH A . 
G 3 HOH 21 116 116 HOH HOH A . 
G 3 HOH 22 117 117 HOH HOH A . 
G 3 HOH 23 120 120 HOH HOH A . 
G 3 HOH 24 124 124 HOH HOH A . 
G 3 HOH 25 126 126 HOH HOH A . 
G 3 HOH 26 128 128 HOH HOH A . 
G 3 HOH 27 129 129 HOH HOH A . 
G 3 HOH 28 131 131 HOH HOH A . 
G 3 HOH 29 133 133 HOH HOH A . 
G 3 HOH 30 134 134 HOH HOH A . 
G 3 HOH 31 135 135 HOH HOH A . 
G 3 HOH 32 136 136 HOH HOH A . 
G 3 HOH 33 140 140 HOH HOH A . 
G 3 HOH 34 143 143 HOH HOH A . 
G 3 HOH 35 145 145 HOH HOH A . 
G 3 HOH 36 146 146 HOH HOH A . 
G 3 HOH 37 147 147 HOH HOH A . 
G 3 HOH 38 148 148 HOH HOH A . 
G 3 HOH 39 149 149 HOH HOH A . 
G 3 HOH 40 154 154 HOH HOH A . 
G 3 HOH 41 156 156 HOH HOH A . 
G 3 HOH 42 158 158 HOH HOH A . 
G 3 HOH 43 162 162 HOH HOH A . 
G 3 HOH 44 167 167 HOH HOH A . 
G 3 HOH 45 169 169 HOH HOH A . 
G 3 HOH 46 170 170 HOH HOH A . 
G 3 HOH 47 172 172 HOH HOH A . 
G 3 HOH 48 173 173 HOH HOH A . 
G 3 HOH 49 176 176 HOH HOH A . 
G 3 HOH 50 177 177 HOH HOH A . 
G 3 HOH 51 178 178 HOH HOH A . 
G 3 HOH 52 179 179 HOH HOH A . 
G 3 HOH 53 192 192 HOH HOH A . 
H 3 HOH 1  61  61  HOH HOH B . 
H 3 HOH 2  62  62  HOH HOH B . 
H 3 HOH 3  65  65  HOH HOH B . 
H 3 HOH 4  66  66  HOH HOH B . 
H 3 HOH 5  69  69  HOH HOH B . 
H 3 HOH 6  70  70  HOH HOH B . 
H 3 HOH 7  72  72  HOH HOH B . 
H 3 HOH 8  75  75  HOH HOH B . 
H 3 HOH 9  76  76  HOH HOH B . 
H 3 HOH 10 79  79  HOH HOH B . 
H 3 HOH 11 82  82  HOH HOH B . 
H 3 HOH 12 85  85  HOH HOH B . 
H 3 HOH 13 92  92  HOH HOH B . 
H 3 HOH 14 93  93  HOH HOH B . 
H 3 HOH 15 94  94  HOH HOH B . 
H 3 HOH 16 97  97  HOH HOH B . 
H 3 HOH 17 98  98  HOH HOH B . 
H 3 HOH 18 100 100 HOH HOH B . 
H 3 HOH 19 101 101 HOH HOH B . 
H 3 HOH 20 103 103 HOH HOH B . 
H 3 HOH 21 104 104 HOH HOH B . 
H 3 HOH 22 105 105 HOH HOH B . 
H 3 HOH 23 107 107 HOH HOH B . 
H 3 HOH 24 108 108 HOH HOH B . 
H 3 HOH 25 109 109 HOH HOH B . 
H 3 HOH 26 111 111 HOH HOH B . 
H 3 HOH 27 118 118 HOH HOH B . 
H 3 HOH 28 119 119 HOH HOH B . 
H 3 HOH 29 121 121 HOH HOH B . 
H 3 HOH 30 122 122 HOH HOH B . 
H 3 HOH 31 123 123 HOH HOH B . 
H 3 HOH 32 125 125 HOH HOH B . 
H 3 HOH 33 127 127 HOH HOH B . 
H 3 HOH 34 130 130 HOH HOH B . 
H 3 HOH 35 132 132 HOH HOH B . 
H 3 HOH 36 137 137 HOH HOH B . 
H 3 HOH 37 138 138 HOH HOH B . 
H 3 HOH 38 139 139 HOH HOH B . 
H 3 HOH 39 141 141 HOH HOH B . 
H 3 HOH 40 144 144 HOH HOH B . 
H 3 HOH 41 150 150 HOH HOH B . 
H 3 HOH 42 151 151 HOH HOH B . 
H 3 HOH 43 153 153 HOH HOH B . 
H 3 HOH 44 157 157 HOH HOH B . 
H 3 HOH 45 160 160 HOH HOH B . 
H 3 HOH 46 161 161 HOH HOH B . 
H 3 HOH 47 163 163 HOH HOH B . 
H 3 HOH 48 164 164 HOH HOH B . 
H 3 HOH 49 175 175 HOH HOH B . 
I 3 HOH 1  68  68  HOH HOH C . 
I 3 HOH 2  77  77  HOH HOH C . 
I 3 HOH 3  91  91  HOH HOH C . 
I 3 HOH 4  113 113 HOH HOH C . 
I 3 HOH 5  142 142 HOH HOH C . 
I 3 HOH 6  159 159 HOH HOH C . 
I 3 HOH 7  171 171 HOH HOH C . 
I 3 HOH 8  181 181 HOH HOH C . 
I 3 HOH 9  188 188 HOH HOH C . 
I 3 HOH 10 195 195 HOH HOH C . 
I 3 HOH 11 198 198 HOH HOH C . 
J 3 HOH 1  88  88  HOH HOH D . 
J 3 HOH 2  110 110 HOH HOH D . 
J 3 HOH 3  112 112 HOH HOH D . 
J 3 HOH 4  115 115 HOH HOH D . 
J 3 HOH 5  182 182 HOH HOH D . 
J 3 HOH 6  187 187 HOH HOH D . 
J 3 HOH 7  189 189 HOH HOH D . 
J 3 HOH 8  191 191 HOH HOH D . 
K 3 HOH 1  84  84  HOH HOH E . 
K 3 HOH 2  152 152 HOH HOH E . 
K 3 HOH 3  155 155 HOH HOH E . 
K 3 HOH 4  165 165 HOH HOH E . 
K 3 HOH 5  168 168 HOH HOH E . 
K 3 HOH 6  184 184 HOH HOH E . 
K 3 HOH 7  185 185 HOH HOH E . 
K 3 HOH 8  190 190 HOH HOH E . 
K 3 HOH 9  193 193 HOH HOH E . 
L 3 HOH 1  166 166 HOH HOH F . 
L 3 HOH 2  174 174 HOH HOH F . 
L 3 HOH 3  180 180 HOH HOH F . 
L 3 HOH 4  183 183 HOH HOH F . 
L 3 HOH 5  186 186 HOH HOH F . 
L 3 HOH 6  194 194 HOH HOH F . 
L 3 HOH 7  196 196 HOH HOH F . 
L 3 HOH 8  197 197 HOH HOH F . 
# 
loop_
_software.name 
_software.classification 
_software.version 
_software.citation_id 
_software.pdbx_ordinal 
MLPHARE   phasing          . ? 1 
TNT       refinement       . ? 2 
DENZO     'data reduction' . ? 3 
SCALEPACK 'data scaling'   . ? 4 
# 
_cell.entry_id           307D 
_cell.length_a           59.820 
_cell.length_b           28.280 
_cell.length_c           72.490 
_cell.angle_alpha        90.00 
_cell.angle_beta         103.87 
_cell.angle_gamma        90.00 
_cell.Z_PDB              12 
_cell.pdbx_unique_axis   ? 
# 
_symmetry.entry_id                         307D 
_symmetry.space_group_name_H-M             'C 1 2 1' 
_symmetry.pdbx_full_space_group_name_H-M   ? 
_symmetry.cell_setting                     ? 
_symmetry.Int_Tables_number                5 
# 
_exptl.entry_id          307D 
_exptl.method            'X-RAY DIFFRACTION' 
_exptl.crystals_number   1 
# 
_exptl_crystal.id                    1 
_exptl_crystal.density_meas          ? 
_exptl_crystal.density_Matthews      1.63 
_exptl_crystal.density_percent_sol   50.0000 
_exptl_crystal.description           ? 
# 
_exptl_crystal_grow.crystal_id      1 
_exptl_crystal_grow.method          'VAPOR DIFFUSION, SITTING DROP' 
_exptl_crystal_grow.temp            277.00 
_exptl_crystal_grow.temp_details    ? 
_exptl_crystal_grow.pH              ? 
_exptl_crystal_grow.pdbx_details    'VAPOR DIFFUSION, SITTING DROP, temperature 277.00K' 
_exptl_crystal_grow.pdbx_pH_range   ? 
# 
loop_
_exptl_crystal_grow_comp.crystal_id 
_exptl_crystal_grow_comp.id 
_exptl_crystal_grow_comp.sol_id 
_exptl_crystal_grow_comp.name 
_exptl_crystal_grow_comp.volume 
_exptl_crystal_grow_comp.conc 
_exptl_crystal_grow_comp.details 
1 1 1 WATER              ? ? ? 
1 2 1 MPD                ? ? ? 
1 3 1 'MG ACETATE'       ? ? ? 
1 4 1 SPERMIDINE         ? ? ? 
1 5 1 BETA-OCTAGLUCOSIDE ? ? ? 
1 6 2 WATER              ? ? ? 
1 7 2 MPD                ? ? ? 
# 
_diffrn.id                     1 
_diffrn.ambient_temp           93.00 
_diffrn.ambient_temp_details   ? 
_diffrn.crystal_id             1 
# 
_diffrn_detector.diffrn_id              1 
_diffrn_detector.detector               'IMAGE PLATE' 
_diffrn_detector.type                   'RIGAKU RAXIS II' 
_diffrn_detector.pdbx_collection_date   1996-09-01 
_diffrn_detector.details                'MIRROR MSC-YALE' 
# 
_diffrn_radiation.diffrn_id                        1 
_diffrn_radiation.wavelength_id                    1 
_diffrn_radiation.pdbx_monochromatic_or_laue_m_l   M 
_diffrn_radiation.monochromator                    ? 
_diffrn_radiation.pdbx_diffrn_protocol             ? 
_diffrn_radiation.pdbx_scattering_type             x-ray 
# 
_diffrn_radiation_wavelength.id           1 
_diffrn_radiation_wavelength.wavelength   1.5418 
_diffrn_radiation_wavelength.wt           1.0 
# 
_diffrn_source.diffrn_id                   1 
_diffrn_source.source                      'ROTATING ANODE' 
_diffrn_source.type                        'RIGAKU RU200' 
_diffrn_source.pdbx_synchrotron_site       ? 
_diffrn_source.pdbx_synchrotron_beamline   ? 
_diffrn_source.pdbx_wavelength             1.5418 
_diffrn_source.pdbx_wavelength_list        ? 
# 
_reflns.entry_id                     307D 
_reflns.observed_criterion_sigma_I   ? 
_reflns.observed_criterion_sigma_F   ? 
_reflns.d_resolution_low             100.000 
_reflns.d_resolution_high            1.850 
_reflns.number_obs                   9686 
_reflns.number_all                   ? 
_reflns.percent_possible_obs         93.800 
_reflns.pdbx_Rmerge_I_obs            ? 
_reflns.pdbx_Rsym_value              0.0580000 
_reflns.pdbx_netI_over_sigmaI        ? 
_reflns.B_iso_Wilson_estimate        24.60 
_reflns.pdbx_redundancy              ? 
_reflns.pdbx_diffrn_id               1 
_reflns.pdbx_ordinal                 1 
# 
_reflns_shell.d_res_high             1.850 
_reflns_shell.d_res_low              1.920 
_reflns_shell.percent_possible_all   91.00 
_reflns_shell.Rmerge_I_obs           ? 
_reflns_shell.pdbx_Rsym_value        0.2400000 
_reflns_shell.meanI_over_sigI_obs    5.000 
_reflns_shell.pdbx_redundancy        3.000 
_reflns_shell.pdbx_diffrn_id         ? 
_reflns_shell.pdbx_ordinal           1 
# 
_refine.entry_id                                 307D 
_refine.ls_number_reflns_obs                     9630 
_refine.ls_number_reflns_all                     ? 
_refine.pdbx_ls_sigma_I                          ? 
_refine.pdbx_ls_sigma_F                          2.000 
_refine.pdbx_data_cutoff_high_absF               ? 
_refine.pdbx_data_cutoff_low_absF                ? 
_refine.pdbx_data_cutoff_high_rms_absF           ? 
_refine.ls_d_res_low                             8.000 
_refine.ls_d_res_high                            1.850 
_refine.ls_percent_reflns_obs                    93.000 
_refine.ls_R_factor_obs                          0.2330000 
_refine.ls_R_factor_all                          ? 
_refine.ls_R_factor_R_work                       ? 
_refine.ls_R_factor_R_free                       ? 
_refine.ls_R_factor_R_free_error                 ? 
_refine.ls_R_factor_R_free_error_details         ? 
_refine.ls_percent_reflns_R_free                 ? 
_refine.ls_number_reflns_R_free                  ? 
_refine.ls_number_parameters                     ? 
_refine.ls_number_restraints                     ? 
_refine.occupancy_min                            ? 
_refine.occupancy_max                            ? 
_refine.B_iso_mean                               ? 
_refine.aniso_B[1][1]                            ? 
_refine.aniso_B[2][2]                            ? 
_refine.aniso_B[3][3]                            ? 
_refine.aniso_B[1][2]                            ? 
_refine.aniso_B[1][3]                            ? 
_refine.aniso_B[2][3]                            ? 
_refine.solvent_model_details                    ? 
_refine.solvent_model_param_ksol                 ? 
_refine.solvent_model_param_bsol                 ? 
_refine.pdbx_ls_cross_valid_method               ? 
_refine.details                                  
;THIS ENTRY PRESENTS THE COORDINATES OF THE CRYSTAL
STRUCTURE OF CAAAGAAAAG AND ITS COMPLEMENTARY STRAND.
THERE ARE TWO MOLECULES IN THE ASYMMETRIC UNIT. HOWEVER,
THE FIRST MOLECULE (HELIX #1 WITH STRANDS A AND B) IS
ORDERED, AND THE SECOND MOLECULE IS DISORDERED WITH HELIX
#2 (STRANDS C AND D) AND HELIX #3 (STRANDS E AND F). THIS
IS EVIDENCED BY THE MULTIPLE ISOMORPHOUS REPLACEMENT METHOD
FROM ONE BROMINE AND ONE IODINE ISOMORPHOUS DERIVATIVE
PLUS ANOMALOUS DATA. HELICES IN THE SECOND MOLECULE ARE DISORDERED END-FOR-END
WITH HALF-WEIGHT HELICES #2 AND #3 BEING RELATED BY A
TWOFOLD AXIS THROUGH THEIR CENTERS, NORMAL TO THE HELICAL
AXIS. THE OCCUPANCY FOR THE HELIX #2 IS 0.52 AND FOR THE
HELIX #3 IS 0.46.
;
_refine.pdbx_starting_model                      'IDEAL B-DNA HELIX OF SEQUENCE CAAAGAAAAG' 
_refine.pdbx_method_to_determine_struct          'MIR PHASE ANALYSIS' 
_refine.pdbx_isotropic_thermal_model             ? 
_refine.pdbx_stereochemistry_target_values       ? 
_refine.pdbx_stereochem_target_val_spec_case     ? 
_refine.pdbx_R_Free_selection_details            ? 
_refine.pdbx_overall_ESU_R                       ? 
_refine.pdbx_overall_ESU_R_Free                  ? 
_refine.overall_SU_ML                            ? 
_refine.overall_SU_B                             ? 
_refine.pdbx_refine_id                           'X-RAY DIFFRACTION' 
_refine.pdbx_diffrn_id                           1 
_refine.pdbx_TLS_residual_ADP_flag               ? 
_refine.correlation_coeff_Fo_to_Fc               ? 
_refine.correlation_coeff_Fo_to_Fc_free          ? 
_refine.pdbx_solvent_vdw_probe_radii             ? 
_refine.pdbx_solvent_ion_probe_radii             ? 
_refine.pdbx_solvent_shrinkage_radii             ? 
_refine.pdbx_overall_phase_error                 ? 
_refine.overall_SU_R_Cruickshank_DPI             ? 
_refine.pdbx_overall_SU_R_free_Cruickshank_DPI   ? 
_refine.pdbx_overall_SU_R_Blow_DPI               ? 
_refine.pdbx_overall_SU_R_free_Blow_DPI          ? 
# 
_refine_hist.pdbx_refine_id                   'X-RAY DIFFRACTION' 
_refine_hist.cycle_id                         LAST 
_refine_hist.pdbx_number_atoms_protein        0 
_refine_hist.pdbx_number_atoms_nucleic_acid   1212 
_refine_hist.pdbx_number_atoms_ligand         0 
_refine_hist.number_atoms_solvent             138 
_refine_hist.number_atoms_total               1350 
_refine_hist.d_res_high                       1.850 
_refine_hist.d_res_low                        8.000 
# 
loop_
_refine_ls_restr.type 
_refine_ls_restr.dev_ideal 
_refine_ls_restr.dev_ideal_target 
_refine_ls_restr.weight 
_refine_ls_restr.number 
_refine_ls_restr.pdbx_refine_id 
_refine_ls_restr.pdbx_restraint_function 
t_bond_d           0.015 ? 0.450 ? 'X-RAY DIFFRACTION' ? 
t_angle_deg        2.134 ? 1.000 ? 'X-RAY DIFFRACTION' ? 
t_dihedral_angle_d 15.95 ? 1.000 ? 'X-RAY DIFFRACTION' ? 
t_incorr_chiral_ct ?     ? ?     ? 'X-RAY DIFFRACTION' ? 
t_pseud_angle      ?     ? ?     ? 'X-RAY DIFFRACTION' ? 
t_trig_c_planes    ?     ? ?     ? 'X-RAY DIFFRACTION' ? 
t_gen_planes       0.007 ? 10.00 ? 'X-RAY DIFFRACTION' ? 
t_it               4.500 ? ?     ? 'X-RAY DIFFRACTION' ? 
t_nbd              0.016 ? 10.00 ? 'X-RAY DIFFRACTION' ? 
# 
_struct.entry_id                  307D 
_struct.title                     'Structure of a DNA analog of the primer for HIV-1 RT second strand synthesis' 
_struct.pdbx_model_details        ? 
_struct.pdbx_CASP_flag            ? 
_struct.pdbx_model_type_details   ? 
# 
_struct_keywords.entry_id        307D 
_struct_keywords.pdbx_keywords   DNA 
_struct_keywords.text            'B-DNA, DOUBLE HELIX, DNA' 
# 
loop_
_struct_asym.id 
_struct_asym.pdbx_blank_PDB_chainid_flag 
_struct_asym.pdbx_modified 
_struct_asym.entity_id 
_struct_asym.details 
A N N 1 ? 
B N N 2 ? 
C N N 1 ? 
D N N 2 ? 
E N N 1 ? 
F N N 2 ? 
G N N 3 ? 
H N N 3 ? 
I N N 3 ? 
J N N 3 ? 
K N N 3 ? 
L N N 3 ? 
# 
loop_
_struct_ref.id 
_struct_ref.entity_id 
_struct_ref.db_name 
_struct_ref.db_code 
_struct_ref.pdbx_db_accession 
_struct_ref.pdbx_db_isoform 
_struct_ref.pdbx_seq_one_letter_code 
_struct_ref.pdbx_align_begin 
1 1 PDB 307D 307D ? ? ? 
2 2 PDB 307D 307D ? ? ? 
# 
loop_
_struct_ref_seq.align_id 
_struct_ref_seq.ref_id 
_struct_ref_seq.pdbx_PDB_id_code 
_struct_ref_seq.pdbx_strand_id 
_struct_ref_seq.seq_align_beg 
_struct_ref_seq.pdbx_seq_align_beg_ins_code 
_struct_ref_seq.seq_align_end 
_struct_ref_seq.pdbx_seq_align_end_ins_code 
_struct_ref_seq.pdbx_db_accession 
_struct_ref_seq.db_align_beg 
_struct_ref_seq.pdbx_db_align_beg_ins_code 
_struct_ref_seq.db_align_end 
_struct_ref_seq.pdbx_db_align_end_ins_code 
_struct_ref_seq.pdbx_auth_seq_align_beg 
_struct_ref_seq.pdbx_auth_seq_align_end 
1 1 307D A 1 ? 10 ? 307D 1  ? 10 ? 1  10 
2 2 307D B 1 ? 10 ? 307D 11 ? 20 ? 11 20 
3 1 307D C 1 ? 10 ? 307D 21 ? 30 ? 21 30 
4 2 307D D 1 ? 10 ? 307D 31 ? 40 ? 31 40 
5 1 307D E 1 ? 10 ? 307D 41 ? 50 ? 41 50 
6 2 307D F 1 ? 10 ? 307D 51 ? 60 ? 51 60 
# 
loop_
_pdbx_struct_assembly.id 
_pdbx_struct_assembly.details 
_pdbx_struct_assembly.method_details 
_pdbx_struct_assembly.oligomeric_details 
_pdbx_struct_assembly.oligomeric_count 
1 author_defined_assembly ? dimeric 2 
2 author_defined_assembly ? dimeric 2 
3 author_defined_assembly ? dimeric 2 
# 
loop_
_pdbx_struct_assembly_gen.assembly_id 
_pdbx_struct_assembly_gen.oper_expression 
_pdbx_struct_assembly_gen.asym_id_list 
1 1 A,B,G,H 
2 1 C,D,I,J 
3 1 E,F,K,L 
# 
_pdbx_struct_oper_list.id                   1 
_pdbx_struct_oper_list.type                 'identity operation' 
_pdbx_struct_oper_list.name                 1_555 
_pdbx_struct_oper_list.symmetry_operation   x,y,z 
_pdbx_struct_oper_list.matrix[1][1]         1.0000000000 
_pdbx_struct_oper_list.matrix[1][2]         0.0000000000 
_pdbx_struct_oper_list.matrix[1][3]         0.0000000000 
_pdbx_struct_oper_list.vector[1]            0.0000000000 
_pdbx_struct_oper_list.matrix[2][1]         0.0000000000 
_pdbx_struct_oper_list.matrix[2][2]         1.0000000000 
_pdbx_struct_oper_list.matrix[2][3]         0.0000000000 
_pdbx_struct_oper_list.vector[2]            0.0000000000 
_pdbx_struct_oper_list.matrix[3][1]         0.0000000000 
_pdbx_struct_oper_list.matrix[3][2]         0.0000000000 
_pdbx_struct_oper_list.matrix[3][3]         1.0000000000 
_pdbx_struct_oper_list.vector[3]            0.0000000000 
# 
loop_
_struct_biol.id 
1 
2 
3 
# 
loop_
_struct_conn.id 
_struct_conn.conn_type_id 
_struct_conn.pdbx_leaving_atom_flag 
_struct_conn.pdbx_PDB_id 
_struct_conn.ptnr1_label_asym_id 
_struct_conn.ptnr1_label_comp_id 
_struct_conn.ptnr1_label_seq_id 
_struct_conn.ptnr1_label_atom_id 
_struct_conn.pdbx_ptnr1_label_alt_id 
_struct_conn.pdbx_ptnr1_PDB_ins_code 
_struct_conn.pdbx_ptnr1_standard_comp_id 
_struct_conn.ptnr1_symmetry 
_struct_conn.ptnr2_label_asym_id 
_struct_conn.ptnr2_label_comp_id 
_struct_conn.ptnr2_label_seq_id 
_struct_conn.ptnr2_label_atom_id 
_struct_conn.pdbx_ptnr2_label_alt_id 
_struct_conn.pdbx_ptnr2_PDB_ins_code 
_struct_conn.ptnr1_auth_asym_id 
_struct_conn.ptnr1_auth_comp_id 
_struct_conn.ptnr1_auth_seq_id 
_struct_conn.ptnr2_auth_asym_id 
_struct_conn.ptnr2_auth_comp_id 
_struct_conn.ptnr2_auth_seq_id 
_struct_conn.ptnr2_symmetry 
_struct_conn.pdbx_ptnr3_label_atom_id 
_struct_conn.pdbx_ptnr3_label_seq_id 
_struct_conn.pdbx_ptnr3_label_comp_id 
_struct_conn.pdbx_ptnr3_label_asym_id 
_struct_conn.pdbx_ptnr3_label_alt_id 
_struct_conn.pdbx_ptnr3_PDB_ins_code 
_struct_conn.details 
_struct_conn.pdbx_dist_value 
_struct_conn.pdbx_value_order 
_struct_conn.pdbx_role 
hydrog1  hydrog ? ? A DC 1  N3 ? ? ? 1_555 B DG 10 N1 ? ? A DC 1  B DG 20 1_555 ? ? ? ? ? ? WATSON-CRICK    ? ? ? 
hydrog2  hydrog ? ? A DC 1  N4 ? ? ? 1_555 B DG 10 O6 ? ? A DC 1  B DG 20 1_555 ? ? ? ? ? ? WATSON-CRICK    ? ? ? 
hydrog3  hydrog ? ? A DC 1  O2 ? ? ? 1_555 B DG 10 N2 ? ? A DC 1  B DG 20 1_555 ? ? ? ? ? ? WATSON-CRICK    ? ? ? 
hydrog4  hydrog ? ? A DA 2  N1 ? ? ? 1_555 B DT 9  N3 ? ? A DA 2  B DT 19 1_555 ? ? ? ? ? ? WATSON-CRICK    ? ? ? 
hydrog5  hydrog ? ? A DA 2  N6 ? ? ? 1_555 B DT 9  O4 ? ? A DA 2  B DT 19 1_555 ? ? ? ? ? ? WATSON-CRICK    ? ? ? 
hydrog6  hydrog ? ? A DA 3  N1 ? ? ? 1_555 B DT 8  N3 ? ? A DA 3  B DT 18 1_555 ? ? ? ? ? ? WATSON-CRICK    ? ? ? 
hydrog7  hydrog ? ? A DA 3  N6 ? ? ? 1_555 B DT 8  O4 ? ? A DA 3  B DT 18 1_555 ? ? ? ? ? ? WATSON-CRICK    ? ? ? 
hydrog8  hydrog ? ? A DA 4  N1 ? ? ? 1_555 B DT 7  N3 ? ? A DA 4  B DT 17 1_555 ? ? ? ? ? ? WATSON-CRICK    ? ? ? 
hydrog9  hydrog ? ? A DA 4  N6 ? ? ? 1_555 B DT 7  O4 ? ? A DA 4  B DT 17 1_555 ? ? ? ? ? ? WATSON-CRICK    ? ? ? 
hydrog10 hydrog ? ? A DG 5  N1 ? ? ? 1_555 B DC 6  N3 ? ? A DG 5  B DC 16 1_555 ? ? ? ? ? ? WATSON-CRICK    ? ? ? 
hydrog11 hydrog ? ? A DG 5  N2 ? ? ? 1_555 B DC 6  O2 ? ? A DG 5  B DC 16 1_555 ? ? ? ? ? ? WATSON-CRICK    ? ? ? 
hydrog12 hydrog ? ? A DG 5  O6 ? ? ? 1_555 B DC 6  N4 ? ? A DG 5  B DC 16 1_555 ? ? ? ? ? ? WATSON-CRICK    ? ? ? 
hydrog13 hydrog ? ? A DA 6  N1 ? ? ? 1_555 B DT 5  N3 ? ? A DA 6  B DT 15 1_555 ? ? ? ? ? ? WATSON-CRICK    ? ? ? 
hydrog14 hydrog ? ? A DA 6  N6 ? ? ? 1_555 B DT 5  O4 ? ? A DA 6  B DT 15 1_555 ? ? ? ? ? ? WATSON-CRICK    ? ? ? 
hydrog15 hydrog ? ? A DA 7  N1 ? ? ? 1_555 B DT 4  N3 ? ? A DA 7  B DT 14 1_555 ? ? ? ? ? ? WATSON-CRICK    ? ? ? 
hydrog16 hydrog ? ? A DA 7  N6 ? ? ? 1_555 B DT 4  O4 ? ? A DA 7  B DT 14 1_555 ? ? ? ? ? ? WATSON-CRICK    ? ? ? 
hydrog17 hydrog ? ? A DA 8  N1 ? ? ? 1_555 B DT 3  N3 ? ? A DA 8  B DT 13 1_555 ? ? ? ? ? ? WATSON-CRICK    ? ? ? 
hydrog18 hydrog ? ? A DA 8  N6 ? ? ? 1_555 B DT 3  O4 ? ? A DA 8  B DT 13 1_555 ? ? ? ? ? ? WATSON-CRICK    ? ? ? 
hydrog19 hydrog ? ? A DA 9  N1 ? ? ? 1_555 B DT 2  N3 ? ? A DA 9  B DT 12 1_555 ? ? ? ? ? ? WATSON-CRICK    ? ? ? 
hydrog20 hydrog ? ? A DA 9  N6 ? ? ? 1_555 B DT 2  O4 ? ? A DA 9  B DT 12 1_555 ? ? ? ? ? ? WATSON-CRICK    ? ? ? 
hydrog21 hydrog ? ? A DG 10 N1 ? ? ? 1_555 B DC 1  N3 ? ? A DG 10 B DC 11 1_555 ? ? ? ? ? ? WATSON-CRICK    ? ? ? 
hydrog22 hydrog ? ? A DG 10 N2 ? ? ? 1_555 B DC 1  O2 ? ? A DG 10 B DC 11 1_555 ? ? ? ? ? ? WATSON-CRICK    ? ? ? 
hydrog23 hydrog ? ? A DG 10 O6 ? ? ? 1_555 B DC 1  N4 ? ? A DG 10 B DC 11 1_555 ? ? ? ? ? ? WATSON-CRICK    ? ? ? 
hydrog24 hydrog ? ? C DC 1  N3 ? ? ? 1_555 D DG 10 N1 ? ? C DC 21 D DG 40 1_555 ? ? ? ? ? ? WATSON-CRICK    ? ? ? 
hydrog25 hydrog ? ? C DC 1  N4 ? ? ? 1_555 D DG 10 O6 ? ? C DC 21 D DG 40 1_555 ? ? ? ? ? ? WATSON-CRICK    ? ? ? 
hydrog26 hydrog ? ? C DC 1  O2 ? ? ? 1_555 D DG 10 N2 ? ? C DC 21 D DG 40 1_555 ? ? ? ? ? ? WATSON-CRICK    ? ? ? 
hydrog27 hydrog ? ? C DA 2  N6 ? ? ? 1_555 D DT 8  O4 ? ? C DA 22 D DT 38 1_555 ? ? ? ? ? ? 'DA-DT PAIR'    ? ? ? 
hydrog28 hydrog ? ? C DA 2  N1 ? ? ? 1_555 D DT 9  N3 ? ? C DA 22 D DT 39 1_555 ? ? ? ? ? ? 'DA-DT PAIR'    ? ? ? 
hydrog29 hydrog ? ? C DA 3  N1 ? ? ? 1_555 D DT 8  N3 ? ? C DA 23 D DT 38 1_555 ? ? ? ? ? ? WATSON-CRICK    ? ? ? 
hydrog30 hydrog ? ? C DA 3  N6 ? ? ? 1_555 D DT 8  O4 ? ? C DA 23 D DT 38 1_555 ? ? ? ? ? ? WATSON-CRICK    ? ? ? 
hydrog31 hydrog ? ? C DA 4  N1 ? ? ? 1_555 D DT 7  N3 ? ? C DA 24 D DT 37 1_555 ? ? ? ? ? ? WATSON-CRICK    ? ? ? 
hydrog32 hydrog ? ? C DA 4  N6 ? ? ? 1_555 D DT 7  O4 ? ? C DA 24 D DT 37 1_555 ? ? ? ? ? ? WATSON-CRICK    ? ? ? 
hydrog33 hydrog ? ? C DG 5  N1 ? ? ? 1_555 D DC 6  N3 ? ? C DG 25 D DC 36 1_555 ? ? ? ? ? ? WATSON-CRICK    ? ? ? 
hydrog34 hydrog ? ? C DG 5  N2 ? ? ? 1_555 D DC 6  O2 ? ? C DG 25 D DC 36 1_555 ? ? ? ? ? ? WATSON-CRICK    ? ? ? 
hydrog35 hydrog ? ? C DG 5  O6 ? ? ? 1_555 D DC 6  N4 ? ? C DG 25 D DC 36 1_555 ? ? ? ? ? ? WATSON-CRICK    ? ? ? 
hydrog36 hydrog ? ? C DA 6  N1 ? ? ? 1_555 D DT 5  N3 ? ? C DA 26 D DT 35 1_555 ? ? ? ? ? ? WATSON-CRICK    ? ? ? 
hydrog37 hydrog ? ? C DA 6  N6 ? ? ? 1_555 D DT 5  O4 ? ? C DA 26 D DT 35 1_555 ? ? ? ? ? ? WATSON-CRICK    ? ? ? 
hydrog38 hydrog ? ? C DA 7  N1 ? ? ? 1_555 D DT 4  N3 ? ? C DA 27 D DT 34 1_555 ? ? ? ? ? ? 'DA-DT PAIR'    ? ? ? 
hydrog39 hydrog ? ? C DA 8  N1 ? ? ? 1_555 D DT 3  N3 ? ? C DA 28 D DT 33 1_555 ? ? ? ? ? ? WATSON-CRICK    ? ? ? 
hydrog40 hydrog ? ? C DA 8  N6 ? ? ? 1_555 D DT 3  O4 ? ? C DA 28 D DT 33 1_555 ? ? ? ? ? ? WATSON-CRICK    ? ? ? 
hydrog41 hydrog ? ? C DA 9  N6 ? ? ? 1_555 D DC 1  N3 ? ? C DA 29 D DC 31 1_555 ? ? ? ? ? ? 'DA-DC MISPAIR' ? ? ? 
hydrog42 hydrog ? ? C DA 9  N1 ? ? ? 1_555 D DT 2  N3 ? ? C DA 29 D DT 32 1_555 ? ? ? ? ? ? WATSON-CRICK    ? ? ? 
hydrog43 hydrog ? ? C DA 9  N6 ? ? ? 1_555 D DT 2  O4 ? ? C DA 29 D DT 32 1_555 ? ? ? ? ? ? WATSON-CRICK    ? ? ? 
hydrog44 hydrog ? ? C DG 10 N1 ? ? ? 1_555 D DC 1  N3 ? ? C DG 30 D DC 31 1_555 ? ? ? ? ? ? WATSON-CRICK    ? ? ? 
hydrog45 hydrog ? ? C DG 10 N2 ? ? ? 1_555 D DC 1  O2 ? ? C DG 30 D DC 31 1_555 ? ? ? ? ? ? WATSON-CRICK    ? ? ? 
hydrog46 hydrog ? ? C DG 10 O6 ? ? ? 1_555 D DC 1  N4 ? ? C DG 30 D DC 31 1_555 ? ? ? ? ? ? WATSON-CRICK    ? ? ? 
hydrog47 hydrog ? ? E DC 1  N3 ? ? ? 1_555 F DG 10 N1 ? ? E DC 41 F DG 60 1_555 ? ? ? ? ? ? WATSON-CRICK    ? ? ? 
hydrog48 hydrog ? ? E DC 1  N4 ? ? ? 1_555 F DG 10 O6 ? ? E DC 41 F DG 60 1_555 ? ? ? ? ? ? WATSON-CRICK    ? ? ? 
hydrog49 hydrog ? ? E DC 1  O2 ? ? ? 1_555 F DG 10 N2 ? ? E DC 41 F DG 60 1_555 ? ? ? ? ? ? WATSON-CRICK    ? ? ? 
hydrog50 hydrog ? ? E DA 2  N1 ? ? ? 1_555 F DT 9  N3 ? ? E DA 42 F DT 59 1_555 ? ? ? ? ? ? WATSON-CRICK    ? ? ? 
hydrog51 hydrog ? ? E DA 2  N6 ? ? ? 1_555 F DT 9  O4 ? ? E DA 42 F DT 59 1_555 ? ? ? ? ? ? WATSON-CRICK    ? ? ? 
hydrog52 hydrog ? ? E DA 3  N1 ? ? ? 1_555 F DT 8  N3 ? ? E DA 43 F DT 58 1_555 ? ? ? ? ? ? WATSON-CRICK    ? ? ? 
hydrog53 hydrog ? ? E DA 3  N6 ? ? ? 1_555 F DT 8  O4 ? ? E DA 43 F DT 58 1_555 ? ? ? ? ? ? WATSON-CRICK    ? ? ? 
hydrog54 hydrog ? ? E DA 4  N1 ? ? ? 1_555 F DT 7  N3 ? ? E DA 44 F DT 57 1_555 ? ? ? ? ? ? WATSON-CRICK    ? ? ? 
hydrog55 hydrog ? ? E DA 4  N6 ? ? ? 1_555 F DT 7  O4 ? ? E DA 44 F DT 57 1_555 ? ? ? ? ? ? WATSON-CRICK    ? ? ? 
hydrog56 hydrog ? ? E DG 5  N1 ? ? ? 1_555 F DC 6  N3 ? ? E DG 45 F DC 56 1_555 ? ? ? ? ? ? WATSON-CRICK    ? ? ? 
hydrog57 hydrog ? ? E DG 5  N2 ? ? ? 1_555 F DC 6  O2 ? ? E DG 45 F DC 56 1_555 ? ? ? ? ? ? WATSON-CRICK    ? ? ? 
hydrog58 hydrog ? ? E DG 5  O6 ? ? ? 1_555 F DC 6  N4 ? ? E DG 45 F DC 56 1_555 ? ? ? ? ? ? WATSON-CRICK    ? ? ? 
hydrog59 hydrog ? ? E DA 6  N1 ? ? ? 1_555 F DT 5  N3 ? ? E DA 46 F DT 55 1_555 ? ? ? ? ? ? WATSON-CRICK    ? ? ? 
hydrog60 hydrog ? ? E DA 6  N6 ? ? ? 1_555 F DT 5  O4 ? ? E DA 46 F DT 55 1_555 ? ? ? ? ? ? WATSON-CRICK    ? ? ? 
hydrog61 hydrog ? ? E DA 7  N1 ? ? ? 1_555 F DT 4  N3 ? ? E DA 47 F DT 54 1_555 ? ? ? ? ? ? WATSON-CRICK    ? ? ? 
hydrog62 hydrog ? ? E DA 7  N6 ? ? ? 1_555 F DT 4  O4 ? ? E DA 47 F DT 54 1_555 ? ? ? ? ? ? WATSON-CRICK    ? ? ? 
hydrog63 hydrog ? ? E DA 8  N6 ? ? ? 1_555 F DT 2  O4 ? ? E DA 48 F DT 52 1_555 ? ? ? ? ? ? 'DA-DT PAIR'    ? ? ? 
hydrog64 hydrog ? ? E DA 8  N1 ? ? ? 1_555 F DT 3  N3 ? ? E DA 48 F DT 53 1_555 ? ? ? ? ? ? WATSON-CRICK    ? ? ? 
hydrog65 hydrog ? ? E DA 8  N6 ? ? ? 1_555 F DT 3  O4 ? ? E DA 48 F DT 53 1_555 ? ? ? ? ? ? WATSON-CRICK    ? ? ? 
hydrog66 hydrog ? ? E DA 9  N1 ? ? ? 1_555 F DT 2  N3 ? ? E DA 49 F DT 52 1_555 ? ? ? ? ? ? WATSON-CRICK    ? ? ? 
hydrog67 hydrog ? ? E DA 9  N6 ? ? ? 1_555 F DT 2  O4 ? ? E DA 49 F DT 52 1_555 ? ? ? ? ? ? WATSON-CRICK    ? ? ? 
hydrog68 hydrog ? ? E DG 10 N1 ? ? ? 1_555 F DC 1  N3 ? ? E DG 50 F DC 51 1_555 ? ? ? ? ? ? WATSON-CRICK    ? ? ? 
hydrog69 hydrog ? ? E DG 10 N2 ? ? ? 1_555 F DC 1  O2 ? ? E DG 50 F DC 51 1_555 ? ? ? ? ? ? WATSON-CRICK    ? ? ? 
hydrog70 hydrog ? ? E DG 10 O6 ? ? ? 1_555 F DC 1  N4 ? ? E DG 50 F DC 51 1_555 ? ? ? ? ? ? WATSON-CRICK    ? ? ? 
# 
_struct_conn_type.id          hydrog 
_struct_conn_type.criteria    ? 
_struct_conn_type.reference   ? 
# 
loop_
_pdbx_validate_rmsd_bond.id 
_pdbx_validate_rmsd_bond.PDB_model_num 
_pdbx_validate_rmsd_bond.auth_atom_id_1 
_pdbx_validate_rmsd_bond.auth_asym_id_1 
_pdbx_validate_rmsd_bond.auth_comp_id_1 
_pdbx_validate_rmsd_bond.auth_seq_id_1 
_pdbx_validate_rmsd_bond.PDB_ins_code_1 
_pdbx_validate_rmsd_bond.label_alt_id_1 
_pdbx_validate_rmsd_bond.auth_atom_id_2 
_pdbx_validate_rmsd_bond.auth_asym_id_2 
_pdbx_validate_rmsd_bond.auth_comp_id_2 
_pdbx_validate_rmsd_bond.auth_seq_id_2 
_pdbx_validate_rmsd_bond.PDB_ins_code_2 
_pdbx_validate_rmsd_bond.label_alt_id_2 
_pdbx_validate_rmsd_bond.bond_value 
_pdbx_validate_rmsd_bond.bond_target_value 
_pdbx_validate_rmsd_bond.bond_deviation 
_pdbx_validate_rmsd_bond.bond_standard_deviation 
_pdbx_validate_rmsd_bond.linker_flag 
1  1 "O3'" A DC 1  ? ? "C3'" A DC 1  ? ? 1.363 1.419 -0.056 0.006 N 
2  1 N1    A DC 1  ? ? C2    A DC 1  ? ? 1.335 1.397 -0.062 0.010 N 
3  1 N9    A DA 2  ? ? C4    A DA 2  ? ? 1.332 1.374 -0.042 0.006 N 
4  1 "O3'" A DG 5  ? ? "C3'" A DG 5  ? ? 1.374 1.419 -0.045 0.006 N 
5  1 "O3'" A DA 8  ? ? "C3'" A DA 8  ? ? 1.379 1.419 -0.040 0.006 N 
6  1 "O3'" A DA 9  ? ? "C3'" A DA 9  ? ? 1.383 1.419 -0.036 0.006 N 
7  1 C6    A DG 10 ? ? N1    A DG 10 ? ? 1.347 1.391 -0.044 0.007 N 
8  1 "O3'" B DT 13 ? ? "C3'" B DT 13 ? ? 1.379 1.419 -0.040 0.006 N 
9  1 "C1'" B DT 19 ? ? N1    B DT 19 ? ? 1.383 1.468 -0.085 0.014 N 
10 1 N1    B DT 19 ? ? C2    B DT 19 ? ? 1.322 1.376 -0.054 0.008 N 
11 1 "O3'" C DC 21 ? ? "C3'" C DC 21 ? ? 1.370 1.419 -0.049 0.006 N 
12 1 "O3'" C DA 26 ? ? "C3'" C DA 26 ? ? 1.381 1.419 -0.038 0.006 N 
13 1 N9    C DA 29 ? ? C4    C DA 29 ? ? 1.329 1.374 -0.045 0.006 N 
14 1 "O3'" D DG 40 ? ? "C3'" D DG 40 ? ? 1.381 1.419 -0.038 0.006 N 
15 1 "O3'" E DC 41 ? ? "C3'" E DC 41 ? ? 1.383 1.419 -0.036 0.006 N 
# 
loop_
_pdbx_validate_rmsd_angle.id 
_pdbx_validate_rmsd_angle.PDB_model_num 
_pdbx_validate_rmsd_angle.auth_atom_id_1 
_pdbx_validate_rmsd_angle.auth_asym_id_1 
_pdbx_validate_rmsd_angle.auth_comp_id_1 
_pdbx_validate_rmsd_angle.auth_seq_id_1 
_pdbx_validate_rmsd_angle.PDB_ins_code_1 
_pdbx_validate_rmsd_angle.label_alt_id_1 
_pdbx_validate_rmsd_angle.auth_atom_id_2 
_pdbx_validate_rmsd_angle.auth_asym_id_2 
_pdbx_validate_rmsd_angle.auth_comp_id_2 
_pdbx_validate_rmsd_angle.auth_seq_id_2 
_pdbx_validate_rmsd_angle.PDB_ins_code_2 
_pdbx_validate_rmsd_angle.label_alt_id_2 
_pdbx_validate_rmsd_angle.auth_atom_id_3 
_pdbx_validate_rmsd_angle.auth_asym_id_3 
_pdbx_validate_rmsd_angle.auth_comp_id_3 
_pdbx_validate_rmsd_angle.auth_seq_id_3 
_pdbx_validate_rmsd_angle.PDB_ins_code_3 
_pdbx_validate_rmsd_angle.label_alt_id_3 
_pdbx_validate_rmsd_angle.angle_value 
_pdbx_validate_rmsd_angle.angle_target_value 
_pdbx_validate_rmsd_angle.angle_deviation 
_pdbx_validate_rmsd_angle.angle_standard_deviation 
_pdbx_validate_rmsd_angle.linker_flag 
1  1 "O4'" A DC 1  ? ? "C1'" A DC 1  ? ? "C2'" A DC 1  ? ? 110.40 106.80 3.60   0.50 N 
2  1 "O4'" A DC 1  ? ? "C1'" A DC 1  ? ? N1    A DC 1  ? ? 112.62 108.30 4.32   0.30 N 
3  1 "O4'" A DG 5  ? ? "C1'" A DG 5  ? ? "C2'" A DG 5  ? ? 111.34 106.80 4.54   0.50 N 
4  1 "O4'" A DG 5  ? ? "C1'" A DG 5  ? ? N9    A DG 5  ? ? 110.33 108.30 2.03   0.30 N 
5  1 "O4'" A DA 9  ? ? "C4'" A DA 9  ? ? "C3'" A DA 9  ? ? 109.63 106.00 3.63   0.60 N 
6  1 "O4'" A DG 10 ? ? "C1'" A DG 10 ? ? "C2'" A DG 10 ? ? 110.86 106.80 4.06   0.50 N 
7  1 "O4'" B DT 12 ? ? "C1'" B DT 12 ? ? "C2'" B DT 12 ? ? 110.61 106.80 3.81   0.50 N 
8  1 "O4'" B DT 12 ? ? "C1'" B DT 12 ? ? N1    B DT 12 ? ? 112.37 108.30 4.07   0.30 N 
9  1 "O4'" B DT 17 ? ? "C1'" B DT 17 ? ? N1    B DT 17 ? ? 111.19 108.30 2.89   0.30 N 
10 1 C4    B DT 19 ? ? C5    B DT 19 ? ? C7    B DT 19 ? ? 122.72 119.00 3.72   0.60 N 
11 1 "O4'" B DG 20 ? ? "C1'" B DG 20 ? ? N9    B DG 20 ? ? 102.36 108.00 -5.64  0.70 N 
12 1 "O4'" C DC 21 ? ? "C1'" C DC 21 ? ? "C2'" C DC 21 ? ? 109.97 106.80 3.17   0.50 N 
13 1 "O4'" C DC 21 ? ? "C1'" C DC 21 ? ? N1    C DC 21 ? ? 111.18 108.30 2.88   0.30 N 
14 1 "O4'" C DA 22 ? ? "C1'" C DA 22 ? ? N9    C DA 22 ? ? 111.74 108.30 3.44   0.30 N 
15 1 "O4'" C DA 23 ? ? "C1'" C DA 23 ? ? "C2'" C DA 23 ? ? 109.92 106.80 3.12   0.50 N 
16 1 "O4'" C DG 25 ? ? "C1'" C DG 25 ? ? N9    C DG 25 ? ? 111.68 108.30 3.38   0.30 N 
17 1 "O4'" C DA 27 ? ? "C1'" C DA 27 ? ? N9    C DA 27 ? ? 111.31 108.30 3.01   0.30 N 
18 1 P     C DA 29 ? ? "O5'" C DA 29 ? ? "C5'" C DA 29 ? ? 110.60 120.90 -10.30 1.60 N 
19 1 "C5'" C DA 29 ? ? "C4'" C DA 29 ? ? "O4'" C DA 29 ? ? 97.67  109.30 -11.63 1.90 N 
20 1 "O4'" C DA 29 ? ? "C1'" C DA 29 ? ? "C2'" C DA 29 ? ? 110.11 106.80 3.31   0.50 N 
21 1 "O4'" C DA 29 ? ? "C1'" C DA 29 ? ? N9    C DA 29 ? ? 111.07 108.30 2.77   0.30 N 
22 1 "O4'" C DG 30 ? ? "C1'" C DG 30 ? ? N9    C DG 30 ? ? 110.59 108.30 2.29   0.30 N 
23 1 "O4'" D DC 31 ? ? "C1'" D DC 31 ? ? "C2'" D DC 31 ? ? 110.37 106.80 3.57   0.50 N 
24 1 "O4'" D DC 31 ? ? "C1'" D DC 31 ? ? N1    D DC 31 ? ? 112.59 108.30 4.29   0.30 N 
25 1 "O4'" D DT 32 ? ? "C1'" D DT 32 ? ? N1    D DT 32 ? ? 112.05 108.30 3.75   0.30 N 
26 1 "O4'" D DT 33 ? ? "C1'" D DT 33 ? ? N1    D DT 33 ? ? 114.41 108.30 6.11   0.30 N 
27 1 "C3'" D DT 33 ? ? "O3'" D DT 33 ? ? P     D DT 34 ? ? 130.20 119.70 10.50  1.20 Y 
28 1 "O4'" D DT 35 ? ? "C1'" D DT 35 ? ? N1    D DT 35 ? ? 111.47 108.30 3.17   0.30 N 
29 1 "O4'" D DT 39 ? ? "C1'" D DT 39 ? ? "C2'" D DT 39 ? ? 109.94 106.80 3.14   0.50 N 
30 1 "O4'" D DT 39 ? ? "C1'" D DT 39 ? ? N1    D DT 39 ? ? 113.33 108.30 5.03   0.30 N 
31 1 "O4'" D DG 40 ? ? "C1'" D DG 40 ? ? N9    D DG 40 ? ? 112.55 108.30 4.25   0.30 N 
32 1 "O4'" E DC 41 ? ? "C1'" E DC 41 ? ? N1    E DC 41 ? ? 112.78 108.30 4.48   0.30 N 
33 1 "O4'" E DA 44 ? ? "C1'" E DA 44 ? ? N9    E DA 44 ? ? 111.85 108.30 3.55   0.30 N 
34 1 "O4'" E DG 45 ? ? "C1'" E DG 45 ? ? "C2'" E DG 45 ? ? 110.08 106.80 3.28   0.50 N 
35 1 "O4'" E DG 45 ? ? "C1'" E DG 45 ? ? N9    E DG 45 ? ? 112.69 108.30 4.39   0.30 N 
36 1 "O4'" E DA 47 ? ? "C1'" E DA 47 ? ? N9    E DA 47 ? ? 111.71 108.30 3.41   0.30 N 
37 1 "O4'" E DG 50 ? ? "C1'" E DG 50 ? ? "C2'" E DG 50 ? ? 110.05 106.80 3.25   0.50 N 
38 1 "O4'" E DG 50 ? ? "C1'" E DG 50 ? ? N9    E DG 50 ? ? 114.60 108.30 6.30   0.30 N 
39 1 "O4'" F DC 51 ? ? "C1'" F DC 51 ? ? N1    F DC 51 ? ? 113.25 108.30 4.95   0.30 N 
40 1 "O4'" F DT 52 ? ? "C1'" F DT 52 ? ? N1    F DT 52 ? ? 111.07 108.30 2.77   0.30 N 
41 1 "O4'" F DT 53 ? ? "C1'" F DT 53 ? ? N1    F DT 53 ? ? 111.08 108.30 2.78   0.30 N 
42 1 "C3'" F DT 53 ? ? "O3'" F DT 53 ? ? P     F DT 54 ? ? 127.18 119.70 7.48   1.20 Y 
43 1 "C5'" F DT 54 ? ? "C4'" F DT 54 ? ? "C3'" F DT 54 ? ? 123.99 115.70 8.29   1.20 N 
44 1 "O4'" F DT 54 ? ? "C1'" F DT 54 ? ? N1    F DT 54 ? ? 110.32 108.30 2.02   0.30 N 
45 1 "O4'" F DT 55 ? ? "C1'" F DT 55 ? ? N1    F DT 55 ? ? 114.02 108.30 5.72   0.30 N 
46 1 "O4'" F DT 57 ? ? "C1'" F DT 57 ? ? N1    F DT 57 ? ? 110.43 108.30 2.13   0.30 N 
47 1 "O4'" F DT 59 ? ? "C1'" F DT 59 ? ? N1    F DT 59 ? ? 119.69 108.30 11.39  0.30 N 
# 
loop_
_refine_B_iso.class 
_refine_B_iso.details 
_refine_B_iso.treatment 
_refine_B_iso.pdbx_refine_id 
'ALL ATOMS'  TR isotropic 'X-RAY DIFFRACTION' 
'ALL WATERS' TR isotropic 'X-RAY DIFFRACTION' 
# 
loop_
_refine_occupancy.class 
_refine_occupancy.treatment 
_refine_occupancy.pdbx_refine_id 
'ALL ATOMS'  fix 'X-RAY DIFFRACTION' 
'ALL WATERS' fix 'X-RAY DIFFRACTION' 
# 
loop_
_chem_comp_atom.comp_id 
_chem_comp_atom.atom_id 
_chem_comp_atom.type_symbol 
_chem_comp_atom.pdbx_aromatic_flag 
_chem_comp_atom.pdbx_stereo_config 
_chem_comp_atom.pdbx_ordinal 
DA  OP3    O N N 1   
DA  P      P N N 2   
DA  OP1    O N N 3   
DA  OP2    O N N 4   
DA  "O5'"  O N N 5   
DA  "C5'"  C N N 6   
DA  "C4'"  C N R 7   
DA  "O4'"  O N N 8   
DA  "C3'"  C N S 9   
DA  "O3'"  O N N 10  
DA  "C2'"  C N N 11  
DA  "C1'"  C N R 12  
DA  N9     N Y N 13  
DA  C8     C Y N 14  
DA  N7     N Y N 15  
DA  C5     C Y N 16  
DA  C6     C Y N 17  
DA  N6     N N N 18  
DA  N1     N Y N 19  
DA  C2     C Y N 20  
DA  N3     N Y N 21  
DA  C4     C Y N 22  
DA  HOP3   H N N 23  
DA  HOP2   H N N 24  
DA  "H5'"  H N N 25  
DA  "H5''" H N N 26  
DA  "H4'"  H N N 27  
DA  "H3'"  H N N 28  
DA  "HO3'" H N N 29  
DA  "H2'"  H N N 30  
DA  "H2''" H N N 31  
DA  "H1'"  H N N 32  
DA  H8     H N N 33  
DA  H61    H N N 34  
DA  H62    H N N 35  
DA  H2     H N N 36  
DC  OP3    O N N 37  
DC  P      P N N 38  
DC  OP1    O N N 39  
DC  OP2    O N N 40  
DC  "O5'"  O N N 41  
DC  "C5'"  C N N 42  
DC  "C4'"  C N R 43  
DC  "O4'"  O N N 44  
DC  "C3'"  C N S 45  
DC  "O3'"  O N N 46  
DC  "C2'"  C N N 47  
DC  "C1'"  C N R 48  
DC  N1     N N N 49  
DC  C2     C N N 50  
DC  O2     O N N 51  
DC  N3     N N N 52  
DC  C4     C N N 53  
DC  N4     N N N 54  
DC  C5     C N N 55  
DC  C6     C N N 56  
DC  HOP3   H N N 57  
DC  HOP2   H N N 58  
DC  "H5'"  H N N 59  
DC  "H5''" H N N 60  
DC  "H4'"  H N N 61  
DC  "H3'"  H N N 62  
DC  "HO3'" H N N 63  
DC  "H2'"  H N N 64  
DC  "H2''" H N N 65  
DC  "H1'"  H N N 66  
DC  H41    H N N 67  
DC  H42    H N N 68  
DC  H5     H N N 69  
DC  H6     H N N 70  
DG  OP3    O N N 71  
DG  P      P N N 72  
DG  OP1    O N N 73  
DG  OP2    O N N 74  
DG  "O5'"  O N N 75  
DG  "C5'"  C N N 76  
DG  "C4'"  C N R 77  
DG  "O4'"  O N N 78  
DG  "C3'"  C N S 79  
DG  "O3'"  O N N 80  
DG  "C2'"  C N N 81  
DG  "C1'"  C N R 82  
DG  N9     N Y N 83  
DG  C8     C Y N 84  
DG  N7     N Y N 85  
DG  C5     C Y N 86  
DG  C6     C N N 87  
DG  O6     O N N 88  
DG  N1     N N N 89  
DG  C2     C N N 90  
DG  N2     N N N 91  
DG  N3     N N N 92  
DG  C4     C Y N 93  
DG  HOP3   H N N 94  
DG  HOP2   H N N 95  
DG  "H5'"  H N N 96  
DG  "H5''" H N N 97  
DG  "H4'"  H N N 98  
DG  "H3'"  H N N 99  
DG  "HO3'" H N N 100 
DG  "H2'"  H N N 101 
DG  "H2''" H N N 102 
DG  "H1'"  H N N 103 
DG  H8     H N N 104 
DG  H1     H N N 105 
DG  H21    H N N 106 
DG  H22    H N N 107 
DT  OP3    O N N 108 
DT  P      P N N 109 
DT  OP1    O N N 110 
DT  OP2    O N N 111 
DT  "O5'"  O N N 112 
DT  "C5'"  C N N 113 
DT  "C4'"  C N R 114 
DT  "O4'"  O N N 115 
DT  "C3'"  C N S 116 
DT  "O3'"  O N N 117 
DT  "C2'"  C N N 118 
DT  "C1'"  C N R 119 
DT  N1     N N N 120 
DT  C2     C N N 121 
DT  O2     O N N 122 
DT  N3     N N N 123 
DT  C4     C N N 124 
DT  O4     O N N 125 
DT  C5     C N N 126 
DT  C7     C N N 127 
DT  C6     C N N 128 
DT  HOP3   H N N 129 
DT  HOP2   H N N 130 
DT  "H5'"  H N N 131 
DT  "H5''" H N N 132 
DT  "H4'"  H N N 133 
DT  "H3'"  H N N 134 
DT  "HO3'" H N N 135 
DT  "H2'"  H N N 136 
DT  "H2''" H N N 137 
DT  "H1'"  H N N 138 
DT  H3     H N N 139 
DT  H71    H N N 140 
DT  H72    H N N 141 
DT  H73    H N N 142 
DT  H6     H N N 143 
HOH O      O N N 144 
HOH H1     H N N 145 
HOH H2     H N N 146 
# 
loop_
_chem_comp_bond.comp_id 
_chem_comp_bond.atom_id_1 
_chem_comp_bond.atom_id_2 
_chem_comp_bond.value_order 
_chem_comp_bond.pdbx_aromatic_flag 
_chem_comp_bond.pdbx_stereo_config 
_chem_comp_bond.pdbx_ordinal 
DA  OP3   P      sing N N 1   
DA  OP3   HOP3   sing N N 2   
DA  P     OP1    doub N N 3   
DA  P     OP2    sing N N 4   
DA  P     "O5'"  sing N N 5   
DA  OP2   HOP2   sing N N 6   
DA  "O5'" "C5'"  sing N N 7   
DA  "C5'" "C4'"  sing N N 8   
DA  "C5'" "H5'"  sing N N 9   
DA  "C5'" "H5''" sing N N 10  
DA  "C4'" "O4'"  sing N N 11  
DA  "C4'" "C3'"  sing N N 12  
DA  "C4'" "H4'"  sing N N 13  
DA  "O4'" "C1'"  sing N N 14  
DA  "C3'" "O3'"  sing N N 15  
DA  "C3'" "C2'"  sing N N 16  
DA  "C3'" "H3'"  sing N N 17  
DA  "O3'" "HO3'" sing N N 18  
DA  "C2'" "C1'"  sing N N 19  
DA  "C2'" "H2'"  sing N N 20  
DA  "C2'" "H2''" sing N N 21  
DA  "C1'" N9     sing N N 22  
DA  "C1'" "H1'"  sing N N 23  
DA  N9    C8     sing Y N 24  
DA  N9    C4     sing Y N 25  
DA  C8    N7     doub Y N 26  
DA  C8    H8     sing N N 27  
DA  N7    C5     sing Y N 28  
DA  C5    C6     sing Y N 29  
DA  C5    C4     doub Y N 30  
DA  C6    N6     sing N N 31  
DA  C6    N1     doub Y N 32  
DA  N6    H61    sing N N 33  
DA  N6    H62    sing N N 34  
DA  N1    C2     sing Y N 35  
DA  C2    N3     doub Y N 36  
DA  C2    H2     sing N N 37  
DA  N3    C4     sing Y N 38  
DC  OP3   P      sing N N 39  
DC  OP3   HOP3   sing N N 40  
DC  P     OP1    doub N N 41  
DC  P     OP2    sing N N 42  
DC  P     "O5'"  sing N N 43  
DC  OP2   HOP2   sing N N 44  
DC  "O5'" "C5'"  sing N N 45  
DC  "C5'" "C4'"  sing N N 46  
DC  "C5'" "H5'"  sing N N 47  
DC  "C5'" "H5''" sing N N 48  
DC  "C4'" "O4'"  sing N N 49  
DC  "C4'" "C3'"  sing N N 50  
DC  "C4'" "H4'"  sing N N 51  
DC  "O4'" "C1'"  sing N N 52  
DC  "C3'" "O3'"  sing N N 53  
DC  "C3'" "C2'"  sing N N 54  
DC  "C3'" "H3'"  sing N N 55  
DC  "O3'" "HO3'" sing N N 56  
DC  "C2'" "C1'"  sing N N 57  
DC  "C2'" "H2'"  sing N N 58  
DC  "C2'" "H2''" sing N N 59  
DC  "C1'" N1     sing N N 60  
DC  "C1'" "H1'"  sing N N 61  
DC  N1    C2     sing N N 62  
DC  N1    C6     sing N N 63  
DC  C2    O2     doub N N 64  
DC  C2    N3     sing N N 65  
DC  N3    C4     doub N N 66  
DC  C4    N4     sing N N 67  
DC  C4    C5     sing N N 68  
DC  N4    H41    sing N N 69  
DC  N4    H42    sing N N 70  
DC  C5    C6     doub N N 71  
DC  C5    H5     sing N N 72  
DC  C6    H6     sing N N 73  
DG  OP3   P      sing N N 74  
DG  OP3   HOP3   sing N N 75  
DG  P     OP1    doub N N 76  
DG  P     OP2    sing N N 77  
DG  P     "O5'"  sing N N 78  
DG  OP2   HOP2   sing N N 79  
DG  "O5'" "C5'"  sing N N 80  
DG  "C5'" "C4'"  sing N N 81  
DG  "C5'" "H5'"  sing N N 82  
DG  "C5'" "H5''" sing N N 83  
DG  "C4'" "O4'"  sing N N 84  
DG  "C4'" "C3'"  sing N N 85  
DG  "C4'" "H4'"  sing N N 86  
DG  "O4'" "C1'"  sing N N 87  
DG  "C3'" "O3'"  sing N N 88  
DG  "C3'" "C2'"  sing N N 89  
DG  "C3'" "H3'"  sing N N 90  
DG  "O3'" "HO3'" sing N N 91  
DG  "C2'" "C1'"  sing N N 92  
DG  "C2'" "H2'"  sing N N 93  
DG  "C2'" "H2''" sing N N 94  
DG  "C1'" N9     sing N N 95  
DG  "C1'" "H1'"  sing N N 96  
DG  N9    C8     sing Y N 97  
DG  N9    C4     sing Y N 98  
DG  C8    N7     doub Y N 99  
DG  C8    H8     sing N N 100 
DG  N7    C5     sing Y N 101 
DG  C5    C6     sing N N 102 
DG  C5    C4     doub Y N 103 
DG  C6    O6     doub N N 104 
DG  C6    N1     sing N N 105 
DG  N1    C2     sing N N 106 
DG  N1    H1     sing N N 107 
DG  C2    N2     sing N N 108 
DG  C2    N3     doub N N 109 
DG  N2    H21    sing N N 110 
DG  N2    H22    sing N N 111 
DG  N3    C4     sing N N 112 
DT  OP3   P      sing N N 113 
DT  OP3   HOP3   sing N N 114 
DT  P     OP1    doub N N 115 
DT  P     OP2    sing N N 116 
DT  P     "O5'"  sing N N 117 
DT  OP2   HOP2   sing N N 118 
DT  "O5'" "C5'"  sing N N 119 
DT  "C5'" "C4'"  sing N N 120 
DT  "C5'" "H5'"  sing N N 121 
DT  "C5'" "H5''" sing N N 122 
DT  "C4'" "O4'"  sing N N 123 
DT  "C4'" "C3'"  sing N N 124 
DT  "C4'" "H4'"  sing N N 125 
DT  "O4'" "C1'"  sing N N 126 
DT  "C3'" "O3'"  sing N N 127 
DT  "C3'" "C2'"  sing N N 128 
DT  "C3'" "H3'"  sing N N 129 
DT  "O3'" "HO3'" sing N N 130 
DT  "C2'" "C1'"  sing N N 131 
DT  "C2'" "H2'"  sing N N 132 
DT  "C2'" "H2''" sing N N 133 
DT  "C1'" N1     sing N N 134 
DT  "C1'" "H1'"  sing N N 135 
DT  N1    C2     sing N N 136 
DT  N1    C6     sing N N 137 
DT  C2    O2     doub N N 138 
DT  C2    N3     sing N N 139 
DT  N3    C4     sing N N 140 
DT  N3    H3     sing N N 141 
DT  C4    O4     doub N N 142 
DT  C4    C5     sing N N 143 
DT  C5    C7     sing N N 144 
DT  C5    C6     doub N N 145 
DT  C7    H71    sing N N 146 
DT  C7    H72    sing N N 147 
DT  C7    H73    sing N N 148 
DT  C6    H6     sing N N 149 
HOH O     H1     sing N N 150 
HOH O     H2     sing N N 151 
# 
loop_
_ndb_struct_conf_na.entry_id 
_ndb_struct_conf_na.feature 
307D 'double helix'         
307D 'b-form double helix'  
307D 'mismatched base pair' 
# 
loop_
_ndb_struct_na_base_pair.model_number 
_ndb_struct_na_base_pair.i_label_asym_id 
_ndb_struct_na_base_pair.i_label_comp_id 
_ndb_struct_na_base_pair.i_label_seq_id 
_ndb_struct_na_base_pair.i_symmetry 
_ndb_struct_na_base_pair.j_label_asym_id 
_ndb_struct_na_base_pair.j_label_comp_id 
_ndb_struct_na_base_pair.j_label_seq_id 
_ndb_struct_na_base_pair.j_symmetry 
_ndb_struct_na_base_pair.shear 
_ndb_struct_na_base_pair.stretch 
_ndb_struct_na_base_pair.stagger 
_ndb_struct_na_base_pair.buckle 
_ndb_struct_na_base_pair.propeller 
_ndb_struct_na_base_pair.opening 
_ndb_struct_na_base_pair.pair_number 
_ndb_struct_na_base_pair.pair_name 
_ndb_struct_na_base_pair.i_auth_asym_id 
_ndb_struct_na_base_pair.i_auth_seq_id 
_ndb_struct_na_base_pair.i_PDB_ins_code 
_ndb_struct_na_base_pair.j_auth_asym_id 
_ndb_struct_na_base_pair.j_auth_seq_id 
_ndb_struct_na_base_pair.j_PDB_ins_code 
_ndb_struct_na_base_pair.hbond_type_28 
_ndb_struct_na_base_pair.hbond_type_12 
1 A DC 1  1_555 B DG 10 1_555 0.558  -0.492 0.699  -3.192  -15.203 0.034   1  A_DC1:DG20_B  A 1  ? B 20 ? 19 1 
1 A DA 2  1_555 B DT 9  1_555 0.171  -0.165 0.152  -2.541  -11.964 -5.892  2  A_DA2:DT19_B  A 2  ? B 19 ? 20 1 
1 A DA 3  1_555 B DT 8  1_555 0.049  -0.276 0.011  1.467   -15.496 -1.079  3  A_DA3:DT18_B  A 3  ? B 18 ? 20 1 
1 A DA 4  1_555 B DT 7  1_555 -0.092 -0.135 0.474  8.068   -2.468  -1.185  4  A_DA4:DT17_B  A 4  ? B 17 ? 20 1 
1 A DG 5  1_555 B DC 6  1_555 -0.026 -0.060 0.263  9.938   -5.287  -1.072  5  A_DG5:DC16_B  A 5  ? B 16 ? 19 1 
1 A DA 6  1_555 B DT 5  1_555 0.188  -0.079 0.075  1.382   -11.949 4.213   6  A_DA6:DT15_B  A 6  ? B 15 ? 20 1 
1 A DA 7  1_555 B DT 4  1_555 0.071  -0.056 -0.176 2.215   -17.725 2.796   7  A_DA7:DT14_B  A 7  ? B 14 ? 20 1 
1 A DA 8  1_555 B DT 3  1_555 -0.185 -0.161 -0.114 0.119   -16.914 2.452   8  A_DA8:DT13_B  A 8  ? B 13 ? 20 1 
1 A DA 9  1_555 B DT 2  1_555 0.008  -0.272 0.239  4.813   -12.561 4.482   9  A_DA9:DT12_B  A 9  ? B 12 ? 20 1 
1 A DG 10 1_555 B DC 1  1_555 -0.308 -0.112 0.348  10.193  -13.874 0.010   10 A_DG10:DC11_B A 10 ? B 11 ? 19 1 
1 C DC 1  1_555 D DG 10 1_555 0.353  -0.005 0.698  -9.840  -5.653  4.456   11 C_DC21:DG40_D C 21 ? D 40 ? 19 1 
1 C DA 2  1_555 D DT 9  1_555 -0.632 0.460  1.257  9.489   -26.801 21.416  12 C_DA22:DT39_D C 22 ? D 39 ? ?  1 
1 C DA 3  1_555 D DT 8  1_555 -0.340 -0.295 0.728  11.931  -14.754 10.044  13 C_DA23:DT38_D C 23 ? D 38 ? 20 1 
1 C DA 4  1_555 D DT 7  1_555 -0.186 -0.223 0.847  14.739  -8.846  13.106  14 C_DA24:DT37_D C 24 ? D 37 ? 20 1 
1 C DG 5  1_555 D DC 6  1_555 -0.759 -0.813 0.505  4.596   -17.494 0.277   15 C_DG25:DC36_D C 25 ? D 36 ? 19 1 
1 C DA 6  1_555 D DT 5  1_555 -0.472 -0.056 0.406  3.718   -0.609  4.495   16 C_DA26:DT35_D C 26 ? D 35 ? 20 1 
1 C DA 7  1_555 D DT 4  1_555 -0.695 0.116  0.294  -6.719  -29.302 6.323   17 C_DA27:DT34_D C 27 ? D 34 ? ?  ? 
1 C DA 8  1_555 D DT 3  1_555 0.588  -0.590 0.029  -8.096  -14.774 2.989   18 C_DA28:DT33_D C 28 ? D 33 ? 20 1 
1 C DA 9  1_555 D DT 2  1_555 -0.336 -0.661 -0.045 -2.540  -20.215 -9.413  19 C_DA29:DT32_D C 29 ? D 32 ? 20 1 
1 C DG 10 1_555 D DC 1  1_555 -0.546 -1.125 1.342  12.776  -8.859  -8.266  20 C_DG30:DC31_D C 30 ? D 31 ? 19 1 
1 E DC 1  1_555 F DG 10 1_555 -1.117 0.178  0.235  0.363   -2.875  0.776   21 E_DC41:DG60_F E 41 ? F 60 ? 19 1 
1 E DA 2  1_555 F DT 9  1_555 0.888  -0.670 0.439  -21.119 -9.461  -5.502  22 E_DA42:DT59_F E 42 ? F 59 ? 20 1 
1 E DA 3  1_555 F DT 8  1_555 0.551  -0.679 -0.144 0.607   -26.425 2.378   23 E_DA43:DT58_F E 43 ? F 58 ? 20 1 
1 E DA 4  1_555 F DT 7  1_555 -0.024 0.022  -0.063 -8.299  -12.297 6.682   24 E_DA44:DT57_F E 44 ? F 57 ? 20 1 
1 E DG 5  1_555 F DC 6  1_555 0.160  -0.019 -0.124 -6.894  -30.862 10.411  25 E_DG45:DC56_F E 45 ? F 56 ? 19 1 
1 E DA 6  1_555 F DT 5  1_555 0.522  -0.359 0.151  -11.061 -10.920 -3.622  26 E_DA46:DT55_F E 46 ? F 55 ? 20 1 
1 E DA 7  1_555 F DT 4  1_555 0.355  -0.332 -0.032 -5.258  -11.126 -15.201 27 E_DA47:DT54_F E 47 ? F 54 ? 20 1 
1 E DA 8  1_555 F DT 3  1_555 -1.425 -0.810 0.553  -16.735 -9.970  -3.802  28 E_DA48:DT53_F E 48 ? F 53 ? 20 1 
1 E DA 9  1_555 F DT 2  1_555 -0.133 -1.088 1.424  1.345   -0.939  5.585   29 E_DA49:DT52_F E 49 ? F 52 ? 20 1 
1 E DG 10 1_555 F DC 1  1_555 1.274  -0.502 0.041  -18.177 -3.692  1.705   30 E_DG50:DC51_F E 50 ? F 51 ? 19 1 
# 
loop_
_ndb_struct_na_base_pair_step.model_number 
_ndb_struct_na_base_pair_step.i_label_asym_id_1 
_ndb_struct_na_base_pair_step.i_label_comp_id_1 
_ndb_struct_na_base_pair_step.i_label_seq_id_1 
_ndb_struct_na_base_pair_step.i_symmetry_1 
_ndb_struct_na_base_pair_step.j_label_asym_id_1 
_ndb_struct_na_base_pair_step.j_label_comp_id_1 
_ndb_struct_na_base_pair_step.j_label_seq_id_1 
_ndb_struct_na_base_pair_step.j_symmetry_1 
_ndb_struct_na_base_pair_step.i_label_asym_id_2 
_ndb_struct_na_base_pair_step.i_label_comp_id_2 
_ndb_struct_na_base_pair_step.i_label_seq_id_2 
_ndb_struct_na_base_pair_step.i_symmetry_2 
_ndb_struct_na_base_pair_step.j_label_asym_id_2 
_ndb_struct_na_base_pair_step.j_label_comp_id_2 
_ndb_struct_na_base_pair_step.j_label_seq_id_2 
_ndb_struct_na_base_pair_step.j_symmetry_2 
_ndb_struct_na_base_pair_step.shift 
_ndb_struct_na_base_pair_step.slide 
_ndb_struct_na_base_pair_step.rise 
_ndb_struct_na_base_pair_step.tilt 
_ndb_struct_na_base_pair_step.roll 
_ndb_struct_na_base_pair_step.twist 
_ndb_struct_na_base_pair_step.x_displacement 
_ndb_struct_na_base_pair_step.y_displacement 
_ndb_struct_na_base_pair_step.helical_rise 
_ndb_struct_na_base_pair_step.inclination 
_ndb_struct_na_base_pair_step.tip 
_ndb_struct_na_base_pair_step.helical_twist 
_ndb_struct_na_base_pair_step.step_number 
_ndb_struct_na_base_pair_step.step_name 
_ndb_struct_na_base_pair_step.i_auth_asym_id_1 
_ndb_struct_na_base_pair_step.i_auth_seq_id_1 
_ndb_struct_na_base_pair_step.i_PDB_ins_code_1 
_ndb_struct_na_base_pair_step.j_auth_asym_id_1 
_ndb_struct_na_base_pair_step.j_auth_seq_id_1 
_ndb_struct_na_base_pair_step.j_PDB_ins_code_1 
_ndb_struct_na_base_pair_step.i_auth_asym_id_2 
_ndb_struct_na_base_pair_step.i_auth_seq_id_2 
_ndb_struct_na_base_pair_step.i_PDB_ins_code_2 
_ndb_struct_na_base_pair_step.j_auth_asym_id_2 
_ndb_struct_na_base_pair_step.j_auth_seq_id_2 
_ndb_struct_na_base_pair_step.j_PDB_ins_code_2 
1 A DC 1 1_555 B DG 10 1_555 A DA 2  1_555 B DT 9 1_555 0.037  2.086  3.352 3.390   -12.242 45.208 3.584  0.220  2.726 -15.565 
-4.310  46.868 1  AA_DC1DA2:DT19DG20_BB   A 1  ? B 20 ? A 2  ? B 19 ? 
1 A DA 2 1_555 B DT 9  1_555 A DA 3  1_555 B DT 8 1_555 -0.115 0.225  3.221 -1.458  6.090   33.485 -0.577 -0.033 3.213 10.457  
2.504   34.049 2  AA_DA2DA3:DT18DT19_BB   A 2  ? B 19 ? A 3  ? B 18 ? 
1 A DA 3 1_555 B DT 8  1_555 A DA 4  1_555 B DT 7 1_555 0.190  -0.357 3.080 -5.131  1.589   30.360 -0.961 -1.293 2.986 3.005   
9.702   30.820 3  AA_DA3DA4:DT17DT18_BB   A 3  ? B 18 ? A 4  ? B 17 ? 
1 A DA 4 1_555 B DT 7  1_555 A DG 5  1_555 B DC 6 1_555 0.119  -0.682 3.349 0.873   1.796   31.833 -1.574 -0.055 3.309 3.270   
-1.590  31.894 4  AA_DA4DG5:DC16DT17_BB   A 4  ? B 17 ? A 5  ? B 16 ? 
1 A DG 5 1_555 B DC 6  1_555 A DA 6  1_555 B DT 5 1_555 -0.174 -0.371 3.457 2.015   -4.381  39.451 -0.004 0.505  3.464 -6.461  
-2.971  39.733 5  AA_DG5DA6:DT15DC16_BB   A 5  ? B 16 ? A 6  ? B 15 ? 
1 A DA 6 1_555 B DT 5  1_555 A DA 7  1_555 B DT 4 1_555 -0.093 -0.445 3.154 2.149   -1.324  36.004 -0.537 0.443  3.158 -2.138  
-3.471  36.089 6  AA_DA6DA7:DT14DT15_BB   A 6  ? B 15 ? A 7  ? B 14 ? 
1 A DA 7 1_555 B DT 4  1_555 A DA 8  1_555 B DT 3 1_555 -0.125 -0.293 3.253 -1.997  -2.164  36.373 -0.169 -0.077 3.266 -3.460  
3.193   36.488 7  AA_DA7DA8:DT13DT14_BB   A 7  ? B 14 ? A 8  ? B 13 ? 
1 A DA 8 1_555 B DT 3  1_555 A DA 9  1_555 B DT 2 1_555 0.405  -0.338 3.041 -3.084  -0.921  35.789 -0.427 -1.064 3.004 -1.496  
5.006   35.928 8  AA_DA8DA9:DT12DT13_BB   A 8  ? B 13 ? A 9  ? B 12 ? 
1 A DA 9 1_555 B DT 2  1_555 A DG 10 1_555 B DC 1 1_555 0.099  -0.104 3.312 -0.178  11.215  28.475 -2.441 -0.223 3.053 21.763  
0.345   30.562 9  AA_DA9DG10:DC11DT12_BB  A 9  ? B 12 ? A 10 ? B 11 ? 
1 C DC 1 1_555 D DG 10 1_555 C DA 2  1_555 D DT 9 1_555 0.938  0.151  2.956 1.127   -2.218  25.704 0.900  -1.815 2.970 -4.972  
-2.525  25.822 10 CC_DC21DA22:DT39DG40_DD C 21 ? D 40 ? C 22 ? D 39 ? 
1 C DA 2 1_555 D DT 9  1_555 C DA 3  1_555 D DT 8 1_555 -0.452 0.200  3.202 -0.366  2.270   35.083 -0.002 0.695  3.212 3.761   
0.607   35.156 11 CC_DA22DA23:DT38DT39_DD C 22 ? D 39 ? C 23 ? D 38 ? 
1 C DA 3 1_555 D DT 8  1_555 C DA 4  1_555 D DT 7 1_555 0.462  -0.440 3.351 -1.917  -8.216  34.372 0.532  -1.055 3.335 -13.650 
3.185   35.362 12 CC_DA23DA24:DT37DT38_DD C 23 ? D 38 ? C 24 ? D 37 ? 
1 C DA 4 1_555 D DT 7  1_555 C DG 5  1_555 D DC 6 1_555 -0.452 -0.822 3.521 1.428   -3.315  33.932 -0.831 1.016  3.562 -5.661  
-2.438  34.117 13 CC_DA24DG25:DC36DT37_DD C 24 ? D 37 ? C 25 ? D 36 ? 
1 C DG 5 1_555 D DC 6  1_555 C DA 6  1_555 D DT 5 1_555 0.687  -0.538 3.038 3.251   -1.260  38.589 -0.667 -0.661 3.099 -1.901  
-4.907  38.740 14 CC_DG25DA26:DT35DC36_DD C 25 ? D 36 ? C 26 ? D 35 ? 
1 C DA 6 1_555 D DT 5  1_555 C DA 7  1_555 D DT 4 1_555 -0.176 0.071  3.578 4.214   -5.753  36.593 0.943  0.884  3.487 -9.056  
-6.635  37.258 15 CC_DA26DA27:DT34DT35_DD C 26 ? D 35 ? C 27 ? D 34 ? 
1 C DA 7 1_555 D DT 4  1_555 C DA 8  1_555 D DT 3 1_555 -0.231 0.143  3.269 2.854   -0.076  45.909 0.189  0.541  3.250 -0.097  
-3.655  45.992 16 CC_DA27DA28:DT33DT34_DD C 27 ? D 34 ? C 28 ? D 33 ? 
1 C DA 8 1_555 D DT 3  1_555 C DA 9  1_555 D DT 2 1_555 -0.186 0.107  3.103 1.053   -4.112  29.903 0.996  0.560  3.053 -7.918  
-2.027  30.196 17 CC_DA28DA29:DT32DT33_DD C 28 ? D 33 ? C 29 ? D 32 ? 
1 C DA 9 1_555 D DT 2  1_555 C DG 10 1_555 D DC 1 1_555 0.553  -0.229 2.913 -9.022  3.218   36.487 -0.717 -1.872 2.677 5.033   
14.112  37.682 18 CC_DA29DG30:DC31DT32_DD C 29 ? D 32 ? C 30 ? D 31 ? 
1 E DC 1 1_555 F DG 10 1_555 E DA 2  1_555 F DT 9 1_555 -0.246 0.416  3.861 -2.119  0.302   49.842 0.467  0.109  3.870 0.359   
2.513   49.885 19 EE_DC41DA42:DT59DG60_FF E 41 ? F 60 ? E 42 ? F 59 ? 
1 E DA 2 1_555 F DT 9  1_555 E DA 3  1_555 F DT 8 1_555 -0.537 -0.528 2.954 6.545   -4.600  25.852 -0.080 2.641  2.787 -9.982  
-14.202 27.041 20 EE_DA42DA43:DT58DT59_FF E 42 ? F 59 ? E 43 ? F 58 ? 
1 E DA 3 1_555 F DT 8  1_555 E DA 4  1_555 F DT 7 1_555 0.626  0.041  3.386 -1.020  -2.172  35.259 0.399  -1.187 3.359 -3.581  
1.682   35.338 21 EE_DA43DA44:DT57DT58_FF E 43 ? F 58 ? E 44 ? F 57 ? 
1 E DA 4 1_555 F DT 7  1_555 E DG 5  1_555 F DC 6 1_555 0.070  -0.116 3.157 5.711   4.095   32.874 -0.848 0.781  3.089 7.134   
-9.950  33.597 22 EE_DA44DG45:DC56DT57_FF E 44 ? F 57 ? E 45 ? F 56 ? 
1 E DG 5 1_555 F DC 6  1_555 E DA 6  1_555 F DT 5 1_555 -0.447 -0.625 3.118 -8.142  10.313  39.766 -1.899 -0.182 2.909 14.683  
11.592  41.797 23 EE_DG45DA46:DT55DC56_FF E 45 ? F 56 ? E 46 ? F 55 ? 
1 E DA 6 1_555 F DT 5  1_555 E DA 7  1_555 F DT 4 1_555 -1.057 -0.196 3.061 -2.001  -10.240 35.127 1.033  1.420  3.051 -16.521 
3.229   36.597 24 EE_DA46DA47:DT54DT55_FF E 46 ? F 55 ? E 47 ? F 54 ? 
1 E DA 7 1_555 F DT 4  1_555 E DA 8  1_555 F DT 3 1_555 0.796  -0.438 3.726 0.406   -1.609  29.633 -0.468 -1.456 3.754 -3.144  
-0.794  29.678 25 EE_DA47DA48:DT53DT54_FF E 47 ? F 54 ? E 48 ? F 53 ? 
1 E DA 8 1_555 F DT 3  1_555 E DA 9  1_555 F DT 2 1_555 0.540  -0.210 2.666 -10.227 -5.866  39.814 0.205  -1.637 2.466 -8.394  
14.633  41.455 26 EE_DA48DA49:DT52DT53_FF E 48 ? F 53 ? E 49 ? F 52 ? 
1 E DA 9 1_555 F DT 2  1_555 E DG 10 1_555 F DC 1 1_555 0.068  -0.800 3.887 8.417   -1.183  35.503 -1.082 1.286  3.827 -1.906  
-13.564 36.474 27 EE_DA49DG50:DC51DT52_FF E 49 ? F 52 ? E 50 ? F 51 ? 
# 
_pdbx_initial_refinement_model.accession_code   ? 
_pdbx_initial_refinement_model.id               1 
_pdbx_initial_refinement_model.entity_id_list   ? 
_pdbx_initial_refinement_model.type             'in silico model' 
_pdbx_initial_refinement_model.source_name      Other 
_pdbx_initial_refinement_model.details          'IDEAL B-DNA HELIX OF SEQUENCE CAAAGAAAAG' 
# 
_atom_sites.entry_id                    307D 
_atom_sites.fract_transf_matrix[1][1]   0.00986156 
_atom_sites.fract_transf_matrix[1][2]   -0.00576757 
_atom_sites.fract_transf_matrix[1][3]   0.01288345 
_atom_sites.fract_transf_matrix[2][1]   0.00219237 
_atom_sites.fract_transf_matrix[2][2]   -0.03155624 
_atom_sites.fract_transf_matrix[2][3]   -0.01580499 
_atom_sites.fract_transf_matrix[3][1]   0.01322675 
_atom_sites.fract_transf_matrix[3][2]   0.00303008 
_atom_sites.fract_transf_matrix[3][3]   -0.00421513 
_atom_sites.fract_transf_vector[1]      0.219196 
_atom_sites.fract_transf_vector[2]      0.275099 
_atom_sites.fract_transf_vector[3]      0.234764 
# 
loop_
_atom_type.symbol 
C 
N 
O 
P 
# 
loop_
_atom_site.group_PDB 
_atom_site.id 
_atom_site.type_symbol 
_atom_site.label_atom_id 
_atom_site.label_alt_id 
_atom_site.label_comp_id 
_atom_site.label_asym_id 
_atom_site.label_entity_id 
_atom_site.label_seq_id 
_atom_site.pdbx_PDB_ins_code 
_atom_site.Cartn_x 
_atom_site.Cartn_y 
_atom_site.Cartn_z 
_atom_site.occupancy 
_atom_site.B_iso_or_equiv 
_atom_site.pdbx_formal_charge 
_atom_site.auth_seq_id 
_atom_site.auth_comp_id 
_atom_site.auth_asym_id 
_atom_site.auth_atom_id 
_atom_site.pdbx_PDB_model_num 
ATOM   1    O "O5'" . DC  A 1 1  ? 4.040   12.991  9.238   1.00 61.00 ? 1   DC  A "O5'" 1 
ATOM   2    C "C5'" . DC  A 1 1  ? 4.128   14.410  9.357   1.00 58.62 ? 1   DC  A "C5'" 1 
ATOM   3    C "C4'" . DC  A 1 1  ? 4.495   15.034  8.023   1.00 52.06 ? 1   DC  A "C4'" 1 
ATOM   4    O "O4'" . DC  A 1 1  ? 5.896   14.818  7.716   1.00 47.29 ? 1   DC  A "O4'" 1 
ATOM   5    C "C3'" . DC  A 1 1  ? 3.688   14.523  6.821   1.00 48.11 ? 1   DC  A "C3'" 1 
ATOM   6    O "O3'" . DC  A 1 1  ? 3.054   15.554  6.193   1.00 49.39 ? 1   DC  A "O3'" 1 
ATOM   7    C "C2'" . DC  A 1 1  ? 4.681   13.952  5.824   1.00 41.48 ? 1   DC  A "C2'" 1 
ATOM   8    C "C1'" . DC  A 1 1  ? 6.005   14.477  6.344   1.00 39.93 ? 1   DC  A "C1'" 1 
ATOM   9    N N1    . DC  A 1 1  ? 7.143   13.665  6.069   1.00 33.07 ? 1   DC  A N1    1 
ATOM   10   C C2    . DC  A 1 1  ? 8.229   14.391  5.795   1.00 26.21 ? 1   DC  A C2    1 
ATOM   11   O O2    . DC  A 1 1  ? 8.096   15.603  5.868   1.00 24.53 ? 1   DC  A O2    1 
ATOM   12   N N3    . DC  A 1 1  ? 9.367   13.777  5.512   1.00 29.87 ? 1   DC  A N3    1 
ATOM   13   C C4    . DC  A 1 1  ? 9.428   12.460  5.470   1.00 20.82 ? 1   DC  A C4    1 
ATOM   14   N N4    . DC  A 1 1  ? 10.608  11.938  5.174   1.00 31.68 ? 1   DC  A N4    1 
ATOM   15   C C5    . DC  A 1 1  ? 8.301   11.644  5.728   1.00 23.50 ? 1   DC  A C5    1 
ATOM   16   C C6    . DC  A 1 1  ? 7.155   12.292  6.018   1.00 30.38 ? 1   DC  A C6    1 
ATOM   17   P P     . DA  A 1 2  ? 1.872   16.382  6.846   1.00 64.25 ? 2   DA  A P     1 
ATOM   18   O OP1   . DA  A 1 2  ? 2.196   16.612  8.280   1.00 67.73 ? 2   DA  A OP1   1 
ATOM   19   O OP2   . DA  A 1 2  ? 0.605   15.725  6.440   1.00 68.44 ? 2   DA  A OP2   1 
ATOM   20   O "O5'" . DA  A 1 2  ? 2.010   17.770  6.034   1.00 51.06 ? 2   DA  A "O5'" 1 
ATOM   21   C "C5'" . DA  A 1 2  ? 2.924   18.703  6.469   1.00 40.95 ? 2   DA  A "C5'" 1 
ATOM   22   C "C4'" . DA  A 1 2  ? 3.723   19.261  5.335   1.00 41.28 ? 2   DA  A "C4'" 1 
ATOM   23   O "O4'" . DA  A 1 2  ? 4.614   18.242  4.944   1.00 39.44 ? 2   DA  A "O4'" 1 
ATOM   24   C "C3'" . DA  A 1 2  ? 3.008   19.764  4.074   1.00 48.55 ? 2   DA  A "C3'" 1 
ATOM   25   O "O3'" . DA  A 1 2  ? 3.376   21.180  3.826   1.00 55.93 ? 2   DA  A "O3'" 1 
ATOM   26   C "C2'" . DA  A 1 2  ? 3.507   18.866  2.940   1.00 41.58 ? 2   DA  A "C2'" 1 
ATOM   27   C "C1'" . DA  A 1 2  ? 4.750   18.237  3.551   1.00 37.01 ? 2   DA  A "C1'" 1 
ATOM   28   N N9    . DA  A 1 2  ? 5.053   16.895  3.183   1.00 23.62 ? 2   DA  A N9    1 
ATOM   29   C C8    . DA  A 1 2  ? 4.245   15.828  3.002   1.00 27.55 ? 2   DA  A C8    1 
ATOM   30   N N7    . DA  A 1 2  ? 4.890   14.732  2.680   1.00 30.73 ? 2   DA  A N7    1 
ATOM   31   C C5    . DA  A 1 2  ? 6.209   15.144  2.647   1.00 24.62 ? 2   DA  A C5    1 
ATOM   32   C C6    . DA  A 1 2  ? 7.415   14.487  2.366   1.00 34.47 ? 2   DA  A C6    1 
ATOM   33   N N6    . DA  A 1 2  ? 7.492   13.188  2.036   1.00 46.23 ? 2   DA  A N6    1 
ATOM   34   N N1    . DA  A 1 2  ? 8.553   15.219  2.436   1.00 31.88 ? 2   DA  A N1    1 
ATOM   35   C C2    . DA  A 1 2  ? 8.478   16.519  2.761   1.00 37.48 ? 2   DA  A C2    1 
ATOM   36   N N3    . DA  A 1 2  ? 7.401   17.251  3.041   1.00 34.21 ? 2   DA  A N3    1 
ATOM   37   C C4    . DA  A 1 2  ? 6.299   16.490  2.941   1.00 24.24 ? 2   DA  A C4    1 
ATOM   38   P P     . DA  A 1 3  ? 3.028   21.952  2.438   1.00 53.92 ? 3   DA  A P     1 
ATOM   39   O OP1   . DA  A 1 3  ? 2.587   23.301  2.813   1.00 57.85 ? 3   DA  A OP1   1 
ATOM   40   O OP2   . DA  A 1 3  ? 2.199   21.137  1.497   1.00 50.92 ? 3   DA  A OP2   1 
ATOM   41   O "O5'" . DA  A 1 3  ? 4.453   21.993  1.762   1.00 40.33 ? 3   DA  A "O5'" 1 
ATOM   42   C "C5'" . DA  A 1 3  ? 5.489   22.602  2.411   1.00 35.08 ? 3   DA  A "C5'" 1 
ATOM   43   C "C4'" . DA  A 1 3  ? 6.705   22.394  1.552   1.00 32.58 ? 3   DA  A "C4'" 1 
ATOM   44   O "O4'" . DA  A 1 3  ? 6.884   20.981  1.378   1.00 32.28 ? 3   DA  A "O4'" 1 
ATOM   45   C "C3'" . DA  A 1 3  ? 6.613   22.997  0.165   1.00 29.12 ? 3   DA  A "C3'" 1 
ATOM   46   O "O3'" . DA  A 1 3  ? 7.772   23.847  0.009   1.00 31.90 ? 3   DA  A "O3'" 1 
ATOM   47   C "C2'" . DA  A 1 3  ? 6.598   21.806  -0.821  1.00 25.75 ? 3   DA  A "C2'" 1 
ATOM   48   C "C1'" . DA  A 1 3  ? 7.103   20.640  0.033   1.00 32.12 ? 3   DA  A "C1'" 1 
ATOM   49   N N9    . DA  A 1 3  ? 6.624   19.275  -0.147  1.00 25.30 ? 3   DA  A N9    1 
ATOM   50   C C8    . DA  A 1 3  ? 5.348   18.811  -0.100  1.00 21.94 ? 3   DA  A C8    1 
ATOM   51   N N7    . DA  A 1 3  ? 5.270   17.514  -0.269  1.00 23.20 ? 3   DA  A N7    1 
ATOM   52   C C5    . DA  A 1 3  ? 6.578   17.092  -0.427  1.00 23.37 ? 3   DA  A C5    1 
ATOM   53   C C6    . DA  A 1 3  ? 7.169   15.805  -0.633  1.00 17.56 ? 3   DA  A C6    1 
ATOM   54   N N6    . DA  A 1 3  ? 6.473   14.684  -0.733  1.00 15.56 ? 3   DA  A N6    1 
ATOM   55   N N1    . DA  A 1 3  ? 8.503   15.754  -0.765  1.00 20.48 ? 3   DA  A N1    1 
ATOM   56   C C2    . DA  A 1 3  ? 9.222   16.881  -0.658  1.00 13.70 ? 3   DA  A C2    1 
ATOM   57   N N3    . DA  A 1 3  ? 8.787   18.126  -0.461  1.00 19.78 ? 3   DA  A N3    1 
ATOM   58   C C4    . DA  A 1 3  ? 7.434   18.167  -0.366  1.00 21.02 ? 3   DA  A C4    1 
ATOM   59   P P     . DA  A 1 4  ? 7.948   24.788  -1.312  1.00 31.70 ? 4   DA  A P     1 
ATOM   60   O OP1   . DA  A 1 4  ? 8.902   25.849  -0.946  1.00 30.94 ? 4   DA  A OP1   1 
ATOM   61   O OP2   . DA  A 1 4  ? 6.611   25.036  -1.858  1.00 36.82 ? 4   DA  A OP2   1 
ATOM   62   O "O5'" . DA  A 1 4  ? 8.653   23.893  -2.385  1.00 20.26 ? 4   DA  A "O5'" 1 
ATOM   63   C "C5'" . DA  A 1 4  ? 9.927   23.434  -2.129  1.00 18.59 ? 4   DA  A "C5'" 1 
ATOM   64   C "C4'" . DA  A 1 4  ? 10.218  22.358  -3.138  1.00 31.88 ? 4   DA  A "C4'" 1 
ATOM   65   O "O4'" . DA  A 1 4  ? 9.518   21.130  -2.897  1.00 27.74 ? 4   DA  A "O4'" 1 
ATOM   66   C "C3'" . DA  A 1 4  ? 9.978   22.728  -4.593  1.00 42.67 ? 4   DA  A "C3'" 1 
ATOM   67   O "O3'" . DA  A 1 4  ? 11.247  23.002  -5.133  1.00 42.55 ? 4   DA  A "O3'" 1 
ATOM   68   C "C2'" . DA  A 1 4  ? 9.320   21.482  -5.243  1.00 38.49 ? 4   DA  A "C2'" 1 
ATOM   69   C "C1'" . DA  A 1 4  ? 9.324   20.451  -4.117  1.00 27.02 ? 4   DA  A "C1'" 1 
ATOM   70   N N9    . DA  A 1 4  ? 8.208   19.539  -3.964  1.00 18.91 ? 4   DA  A N9    1 
ATOM   71   C C8    . DA  A 1 4  ? 6.922   19.758  -3.630  1.00 21.04 ? 4   DA  A C8    1 
ATOM   72   N N7    . DA  A 1 4  ? 6.204   18.645  -3.541  1.00 19.66 ? 4   DA  A N7    1 
ATOM   73   C C5    . DA  A 1 4  ? 7.097   17.660  -3.819  1.00 18.17 ? 4   DA  A C5    1 
ATOM   74   C C6    . DA  A 1 4  ? 6.956   16.257  -3.885  1.00 27.91 ? 4   DA  A C6    1 
ATOM   75   N N6    . DA  A 1 4  ? 5.796   15.629  -3.663  1.00 24.80 ? 4   DA  A N6    1 
ATOM   76   N N1    . DA  A 1 4  ? 8.057   15.532  -4.175  1.00 31.62 ? 4   DA  A N1    1 
ATOM   77   C C2    . DA  A 1 4  ? 9.204   16.196  -4.394  1.00 31.52 ? 4   DA  A C2    1 
ATOM   78   N N3    . DA  A 1 4  ? 9.444   17.516  -4.353  1.00 23.65 ? 4   DA  A N3    1 
ATOM   79   C C4    . DA  A 1 4  ? 8.330   18.179  -4.069  1.00 18.07 ? 4   DA  A C4    1 
ATOM   80   P P     . DG  A 1 5  ? 11.388  23.390  -6.634  1.00 32.26 ? 5   DG  A P     1 
ATOM   81   O OP1   . DG  A 1 5  ? 12.688  24.063  -6.784  1.00 29.87 ? 5   DG  A OP1   1 
ATOM   82   O OP2   . DG  A 1 5  ? 10.138  24.020  -7.039  1.00 32.57 ? 5   DG  A OP2   1 
ATOM   83   O "O5'" . DG  A 1 5  ? 11.441  21.937  -7.297  1.00 23.53 ? 5   DG  A "O5'" 1 
ATOM   84   C "C5'" . DG  A 1 5  ? 12.549  21.101  -7.038  1.00 23.20 ? 5   DG  A "C5'" 1 
ATOM   85   C "C4'" . DG  A 1 5  ? 12.413  19.801  -7.831  1.00 29.66 ? 5   DG  A "C4'" 1 
ATOM   86   O "O4'" . DG  A 1 5  ? 11.348  18.997  -7.287  1.00 30.87 ? 5   DG  A "O4'" 1 
ATOM   87   C "C3'" . DG  A 1 5  ? 12.138  19.921  -9.361  1.00 35.90 ? 5   DG  A "C3'" 1 
ATOM   88   O "O3'" . DG  A 1 5  ? 13.216  19.383  -10.022 1.00 36.35 ? 5   DG  A "O3'" 1 
ATOM   89   C "C2'" . DG  A 1 5  ? 10.888  19.114  -9.668  1.00 34.64 ? 5   DG  A "C2'" 1 
ATOM   90   C "C1'" . DG  A 1 5  ? 10.596  18.426  -8.335  1.00 29.30 ? 5   DG  A "C1'" 1 
ATOM   91   N N9    . DG  A 1 5  ? 9.242   18.292  -7.952  1.00 22.31 ? 5   DG  A N9    1 
ATOM   92   C C8    . DG  A 1 5  ? 8.282   19.237  -7.647  1.00 23.37 ? 5   DG  A C8    1 
ATOM   93   N N7    . DG  A 1 5  ? 7.118   18.690  -7.316  1.00 23.57 ? 5   DG  A N7    1 
ATOM   94   C C5    . DG  A 1 5  ? 7.367   17.325  -7.424  1.00 26.64 ? 5   DG  A C5    1 
ATOM   95   C C6    . DG  A 1 5  ? 6.532   16.213  -7.209  1.00 18.12 ? 5   DG  A C6    1 
ATOM   96   O O6    . DG  A 1 5  ? 5.369   16.202  -6.872  1.00 25.26 ? 5   DG  A O6    1 
ATOM   97   N N1    . DG  A 1 5  ? 7.195   15.010  -7.442  1.00 23.01 ? 5   DG  A N1    1 
ATOM   98   C C2    . DG  A 1 5  ? 8.509   14.915  -7.806  1.00 27.28 ? 5   DG  A C2    1 
ATOM   99   N N2    . DG  A 1 5  ? 8.985   13.694  -7.977  1.00 26.64 ? 5   DG  A N2    1 
ATOM   100  N N3    . DG  A 1 5  ? 9.304   15.935  -8.018  1.00 28.13 ? 5   DG  A N3    1 
ATOM   101  C C4    . DG  A 1 5  ? 8.661   17.094  -7.820  1.00 23.29 ? 5   DG  A C4    1 
ATOM   102  P P     . DA  A 1 6  ? 13.166  19.054  -11.560 1.00 30.62 ? 6   DA  A P     1 
ATOM   103  O OP1   . DA  A 1 6  ? 14.549  19.125  -12.026 1.00 29.23 ? 6   DA  A OP1   1 
ATOM   104  O OP2   . DA  A 1 6  ? 12.084  19.735  -12.230 1.00 33.46 ? 6   DA  A OP2   1 
ATOM   105  O "O5'" . DA  A 1 6  ? 12.752  17.519  -11.470 1.00 39.58 ? 6   DA  A "O5'" 1 
ATOM   106  C "C5'" . DA  A 1 6  ? 13.706  16.579  -11.050 1.00 27.66 ? 6   DA  A "C5'" 1 
ATOM   107  C "C4'" . DA  A 1 6  ? 13.169  15.225  -11.369 1.00 26.52 ? 6   DA  A "C4'" 1 
ATOM   108  O "O4'" . DA  A 1 6  ? 11.880  15.125  -10.744 1.00 23.01 ? 6   DA  A "O4'" 1 
ATOM   109  C "C3'" . DA  A 1 6  ? 12.989  14.883  -12.880 1.00 24.65 ? 6   DA  A "C3'" 1 
ATOM   110  O "O3'" . DA  A 1 6  ? 13.559  13.595  -13.095 1.00 24.89 ? 6   DA  A "O3'" 1 
ATOM   111  C "C2'" . DA  A 1 6  ? 11.499  14.740  -13.076 1.00 20.70 ? 6   DA  A "C2'" 1 
ATOM   112  C "C1'" . DA  A 1 6  ? 10.932  14.619  -11.657 1.00 20.49 ? 6   DA  A "C1'" 1 
ATOM   113  N N9    . DA  A 1 6  ? 9.712   15.332  -11.438 1.00 18.89 ? 6   DA  A N9    1 
ATOM   114  C C8    . DA  A 1 6  ? 9.542   16.700  -11.483 1.00 21.28 ? 6   DA  A C8    1 
ATOM   115  N N7    . DA  A 1 6  ? 8.310   17.056  -11.230 1.00 21.67 ? 6   DA  A N7    1 
ATOM   116  C C5    . DA  A 1 6  ? 7.641   15.857  -11.007 1.00 16.01 ? 6   DA  A C5    1 
ATOM   117  C C6    . DA  A 1 6  ? 6.317   15.575  -10.685 1.00 23.68 ? 6   DA  A C6    1 
ATOM   118  N N6    . DA  A 1 6  ? 5.418   16.523  -10.533 1.00 29.51 ? 6   DA  A N6    1 
ATOM   119  N N1    . DA  A 1 6  ? 5.949   14.292  -10.521 1.00 20.83 ? 6   DA  A N1    1 
ATOM   120  C C2    . DA  A 1 6  ? 6.886   13.359  -10.685 1.00 17.65 ? 6   DA  A C2    1 
ATOM   121  N N3    . DA  A 1 6  ? 8.158   13.498  -10.993 1.00 20.54 ? 6   DA  A N3    1 
ATOM   122  C C4    . DA  A 1 6  ? 8.484   14.793  -11.127 1.00 16.87 ? 6   DA  A C4    1 
ATOM   123  P P     . DA  A 1 7  ? 13.577  12.871  -14.492 1.00 23.88 ? 7   DA  A P     1 
ATOM   124  O OP1   . DA  A 1 7  ? 14.733  11.978  -14.406 1.00 36.97 ? 7   DA  A OP1   1 
ATOM   125  O OP2   . DA  A 1 7  ? 13.528  13.921  -15.528 1.00 23.81 ? 7   DA  A OP2   1 
ATOM   126  O "O5'" . DA  A 1 7  ? 12.232  12.049  -14.412 1.00 17.46 ? 7   DA  A "O5'" 1 
ATOM   127  C "C5'" . DA  A 1 7  ? 12.087  11.078  -13.359 1.00 15.55 ? 7   DA  A "C5'" 1 
ATOM   128  C "C4'" . DA  A 1 7  ? 10.797  10.325  -13.521 1.00 16.09 ? 7   DA  A "C4'" 1 
ATOM   129  O "O4'" . DA  A 1 7  ? 9.705   11.183  -13.208 1.00 21.96 ? 7   DA  A "O4'" 1 
ATOM   130  C "C3'" . DA  A 1 7  ? 10.523  9.791   -14.948 1.00 24.25 ? 7   DA  A "C3'" 1 
ATOM   131  O "O3'" . DA  A 1 7  ? 10.122  8.470   -14.820 1.00 22.95 ? 7   DA  A "O3'" 1 
ATOM   132  C "C2'" . DA  A 1 7  ? 9.332   10.599  -15.529 1.00 23.18 ? 7   DA  A "C2'" 1 
ATOM   133  C "C1'" . DA  A 1 7  ? 8.674   11.147  -14.268 1.00 29.27 ? 7   DA  A "C1'" 1 
ATOM   134  N N9    . DA  A 1 7  ? 8.040   12.473  -14.309 1.00 14.92 ? 7   DA  A N9    1 
ATOM   135  C C8    . DA  A 1 7  ? 8.603   13.650  -14.665 1.00 18.56 ? 7   DA  A C8    1 
ATOM   136  N N7    . DA  A 1 7  ? 7.790   14.652  -14.542 1.00 15.57 ? 7   DA  A N7    1 
ATOM   137  C C5    . DA  A 1 7  ? 6.629   14.099  -14.036 1.00 13.33 ? 7   DA  A C5    1 
ATOM   138  C C6    . DA  A 1 7  ? 5.392   14.660  -13.691 1.00 19.77 ? 7   DA  A C6    1 
ATOM   139  N N6    . DA  A 1 7  ? 5.150   15.980  -13.804 1.00 23.00 ? 7   DA  A N6    1 
ATOM   140  N N1    . DA  A 1 7  ? 4.420   13.842  -13.227 1.00 24.64 ? 7   DA  A N1    1 
ATOM   141  C C2    . DA  A 1 7  ? 4.679   12.530  -13.133 1.00 24.91 ? 7   DA  A C2    1 
ATOM   142  N N3    . DA  A 1 7  ? 5.811   11.885  -13.434 1.00 28.51 ? 7   DA  A N3    1 
ATOM   143  C C4    . DA  A 1 7  ? 6.754   12.749  -13.906 1.00 20.27 ? 7   DA  A C4    1 
ATOM   144  P P     . DA  A 1 8  ? 9.677   7.627   -16.151 1.00 29.28 ? 8   DA  A P     1 
ATOM   145  O OP1   . DA  A 1 8  ? 9.977   6.188   -15.892 1.00 32.99 ? 8   DA  A OP1   1 
ATOM   146  O OP2   . DA  A 1 8  ? 10.261  8.337   -17.343 1.00 25.20 ? 8   DA  A OP2   1 
ATOM   147  O "O5'" . DA  A 1 8  ? 8.114   7.789   -16.113 1.00 22.02 ? 8   DA  A "O5'" 1 
ATOM   148  C "C5'" . DA  A 1 8  ? 7.434   7.225   -15.047 1.00 26.50 ? 8   DA  A "C5'" 1 
ATOM   149  C "C4'" . DA  A 1 8  ? 5.970   7.391   -15.301 1.00 29.22 ? 8   DA  A "C4'" 1 
ATOM   150  O "O4'" . DA  A 1 8  ? 5.605   8.741   -15.229 1.00 32.37 ? 8   DA  A "O4'" 1 
ATOM   151  C "C3'" . DA  A 1 8  ? 5.391   6.852   -16.593 1.00 28.87 ? 8   DA  A "C3'" 1 
ATOM   152  O "O3'" . DA  A 1 8  ? 4.415   5.962   -16.194 1.00 37.82 ? 8   DA  A "O3'" 1 
ATOM   153  C "C2'" . DA  A 1 8  ? 4.716   8.032   -17.261 1.00 20.86 ? 8   DA  A "C2'" 1 
ATOM   154  C "C1'" . DA  A 1 8  ? 4.584   9.031   -16.158 1.00 27.60 ? 8   DA  A "C1'" 1 
ATOM   155  N N9    . DA  A 1 8  ? 4.800   10.400  -16.489 1.00 20.17 ? 8   DA  A N9    1 
ATOM   156  C C8    . DA  A 1 8  ? 5.907   10.947  -17.016 1.00 21.55 ? 8   DA  A C8    1 
ATOM   157  N N7    . DA  A 1 8  ? 5.809   12.248  -17.163 1.00 28.18 ? 8   DA  A N7    1 
ATOM   158  C C5    . DA  A 1 8  ? 4.557   12.541  -16.685 1.00 24.18 ? 8   DA  A C5    1 
ATOM   159  C C6    . DA  A 1 8  ? 3.858   13.736  -16.584 1.00 15.02 ? 8   DA  A C6    1 
ATOM   160  N N6    . DA  A 1 8  ? 4.369   14.857  -16.970 1.00 22.70 ? 8   DA  A N6    1 
ATOM   161  N N1    . DA  A 1 8  ? 2.623   13.711  -16.090 1.00 17.72 ? 8   DA  A N1    1 
ATOM   162  C C2    . DA  A 1 8  ? 2.118   12.524  -15.701 1.00 25.27 ? 8   DA  A C2    1 
ATOM   163  N N3    . DA  A 1 8  ? 2.685   11.311  -15.738 1.00 21.46 ? 8   DA  A N3    1 
ATOM   164  C C4    . DA  A 1 8  ? 3.919   11.404  -16.257 1.00 19.06 ? 8   DA  A C4    1 
ATOM   165  P P     . DA  A 1 9  ? 3.654   4.992   -17.187 1.00 44.61 ? 9   DA  A P     1 
ATOM   166  O OP1   . DA  A 1 9  ? 2.982   4.011   -16.306 1.00 50.52 ? 9   DA  A OP1   1 
ATOM   167  O OP2   . DA  A 1 9  ? 4.550   4.555   -18.273 1.00 47.20 ? 9   DA  A OP2   1 
ATOM   168  O "O5'" . DA  A 1 9  ? 2.527   5.946   -17.793 1.00 41.54 ? 9   DA  A "O5'" 1 
ATOM   169  C "C5'" . DA  A 1 9  ? 1.543   6.333   -16.897 1.00 40.69 ? 9   DA  A "C5'" 1 
ATOM   170  C "C4'" . DA  A 1 9  ? 0.581   7.357   -17.430 1.00 38.31 ? 9   DA  A "C4'" 1 
ATOM   171  O "O4'" . DA  A 1 9  ? 1.070   8.691   -17.374 1.00 33.94 ? 9   DA  A "O4'" 1 
ATOM   172  C "C3'" . DA  A 1 9  ? -0.064  7.110   -18.770 1.00 46.65 ? 9   DA  A "C3'" 1 
ATOM   173  O "O3'" . DA  A 1 9  ? -1.398  6.879   -18.485 1.00 50.19 ? 9   DA  A "O3'" 1 
ATOM   174  C "C2'" . DA  A 1 9  ? -0.007  8.470   -19.464 1.00 49.54 ? 9   DA  A "C2'" 1 
ATOM   175  C "C1'" . DA  A 1 9  ? 0.472   9.438   -18.384 1.00 36.30 ? 9   DA  A "C1'" 1 
ATOM   176  N N9    . DA  A 1 9  ? 1.448   10.365  -18.844 1.00 24.57 ? 9   DA  A N9    1 
ATOM   177  C C8    . DA  A 1 9  ? 2.650   10.089  -19.329 1.00 17.06 ? 9   DA  A C8    1 
ATOM   178  N N7    . DA  A 1 9  ? 3.336   11.173  -19.687 1.00 21.39 ? 9   DA  A N7    1 
ATOM   179  C C5    . DA  A 1 9  ? 2.469   12.206  -19.405 1.00 22.64 ? 9   DA  A C5    1 
ATOM   180  C C6    . DA  A 1 9  ? 2.597   13.584  -19.549 1.00 21.39 ? 9   DA  A C6    1 
ATOM   181  N N6    . DA  A 1 9  ? 3.694   14.135  -20.043 1.00 23.99 ? 9   DA  A N6    1 
ATOM   182  N N1    . DA  A 1 9  ? 1.574   14.373  -19.181 1.00 23.44 ? 9   DA  A N1    1 
ATOM   183  C C2    . DA  A 1 9  ? 0.474   13.780  -18.696 1.00 24.54 ? 9   DA  A C2    1 
ATOM   184  N N3    . DA  A 1 9  ? 0.236   12.479  -18.529 1.00 25.64 ? 9   DA  A N3    1 
ATOM   185  C C4    . DA  A 1 9  ? 1.296   11.744  -18.903 1.00 21.58 ? 9   DA  A C4    1 
ATOM   186  P P     . DG  A 1 10 ? -2.366  6.212   -19.561 1.00 37.84 ? 10  DG  A P     1 
ATOM   187  O OP1   . DG  A 1 10 ? -3.530  5.810   -18.710 1.00 36.63 ? 10  DG  A OP1   1 
ATOM   188  O OP2   . DG  A 1 10 ? -1.586  5.282   -20.390 1.00 36.14 ? 10  DG  A OP2   1 
ATOM   189  O "O5'" . DG  A 1 10 ? -2.790  7.447   -20.421 1.00 28.57 ? 10  DG  A "O5'" 1 
ATOM   190  C "C5'" . DG  A 1 10 ? -3.499  8.474   -19.701 1.00 30.15 ? 10  DG  A "C5'" 1 
ATOM   191  C "C4'" . DG  A 1 10 ? -3.885  9.603   -20.646 1.00 42.14 ? 10  DG  A "C4'" 1 
ATOM   192  O "O4'" . DG  A 1 10 ? -2.770  10.490  -20.795 1.00 43.77 ? 10  DG  A "O4'" 1 
ATOM   193  C "C3'" . DG  A 1 10 ? -4.275  9.114   -22.063 1.00 54.26 ? 10  DG  A "C3'" 1 
ATOM   194  O "O3'" . DG  A 1 10 ? -5.504  9.708   -22.471 1.00 58.47 ? 10  DG  A "O3'" 1 
ATOM   195  C "C2'" . DG  A 1 10 ? -3.149  9.573   -22.982 1.00 44.56 ? 10  DG  A "C2'" 1 
ATOM   196  C "C1'" . DG  A 1 10 ? -2.511  10.670  -22.167 1.00 40.12 ? 10  DG  A "C1'" 1 
ATOM   197  N N9    . DG  A 1 10 ? -1.129  10.878  -22.370 1.00 34.66 ? 10  DG  A N9    1 
ATOM   198  C C8    . DG  A 1 10 ? -0.089  10.004  -22.561 1.00 37.83 ? 10  DG  A C8    1 
ATOM   199  N N7    . DG  A 1 10 ? 1.055   10.625  -22.739 1.00 34.61 ? 10  DG  A N7    1 
ATOM   200  C C5    . DG  A 1 10 ? 0.704   11.987  -22.666 1.00 29.94 ? 10  DG  A C5    1 
ATOM   201  C C6    . DG  A 1 10 ? 1.467   13.166  -22.773 1.00 25.03 ? 10  DG  A C6    1 
ATOM   202  O O6    . DG  A 1 10 ? 2.675   13.339  -22.970 1.00 29.61 ? 10  DG  A O6    1 
ATOM   203  N N1    . DG  A 1 10 ? 0.682   14.253  -22.640 1.00 25.23 ? 10  DG  A N1    1 
ATOM   204  C C2    . DG  A 1 10 ? -0.653  14.298  -22.417 1.00 35.87 ? 10  DG  A C2    1 
ATOM   205  N N2    . DG  A 1 10 ? -1.193  15.533  -22.310 1.00 33.40 ? 10  DG  A N2    1 
ATOM   206  N N3    . DG  A 1 10 ? -1.403  13.219  -22.319 1.00 35.33 ? 10  DG  A N3    1 
ATOM   207  C C4    . DG  A 1 10 ? -0.640  12.119  -22.465 1.00 34.81 ? 10  DG  A C4    1 
ATOM   208  O "O5'" . DC  B 2 1  ? 4.302   22.329  -23.622 1.00 30.33 ? 11  DC  B "O5'" 1 
ATOM   209  C "C5'" . DC  B 2 1  ? 3.361   23.126  -24.196 1.00 25.07 ? 11  DC  B "C5'" 1 
ATOM   210  C "C4'" . DC  B 2 1  ? 2.020   22.486  -24.048 1.00 30.72 ? 11  DC  B "C4'" 1 
ATOM   211  O "O4'" . DC  B 2 1  ? 1.999   21.175  -24.667 1.00 27.43 ? 11  DC  B "O4'" 1 
ATOM   212  C "C3'" . DC  B 2 1  ? 1.526   22.314  -22.635 1.00 31.06 ? 11  DC  B "C3'" 1 
ATOM   213  O "O3'" . DC  B 2 1  ? 0.600   23.300  -22.283 1.00 31.69 ? 11  DC  B "O3'" 1 
ATOM   214  C "C2'" . DC  B 2 1  ? 0.779   20.992  -22.622 1.00 31.91 ? 11  DC  B "C2'" 1 
ATOM   215  C "C1'" . DC  B 2 1  ? 1.246   20.271  -23.851 1.00 29.48 ? 11  DC  B "C1'" 1 
ATOM   216  N N1    . DC  B 2 1  ? 2.095   19.083  -23.534 1.00 25.22 ? 11  DC  B N1    1 
ATOM   217  C C2    . DC  B 2 1  ? 1.471   17.867  -23.246 1.00 29.92 ? 11  DC  B C2    1 
ATOM   218  O O2    . DC  B 2 1  ? 0.230   17.802  -23.242 1.00 32.65 ? 11  DC  B O2    1 
ATOM   219  N N3    . DC  B 2 1  ? 2.239   16.785  -22.978 1.00 19.83 ? 11  DC  B N3    1 
ATOM   220  C C4    . DC  B 2 1  ? 3.559   16.886  -22.987 1.00 19.81 ? 11  DC  B C4    1 
ATOM   221  N N4    . DC  B 2 1  ? 4.267   15.772  -22.713 1.00 21.85 ? 11  DC  B N4    1 
ATOM   222  C C5    . DC  B 2 1  ? 4.222   18.115  -23.272 1.00 22.46 ? 11  DC  B C5    1 
ATOM   223  C C6    . DC  B 2 1  ? 3.457   19.176  -23.545 1.00 23.15 ? 11  DC  B C6    1 
ATOM   224  P P     . DT  B 2 2  ? 0.536   23.671  -20.740 1.00 30.08 ? 12  DT  B P     1 
ATOM   225  O OP1   . DT  B 2 2  ? -0.222  24.942  -20.645 1.00 42.16 ? 12  DT  B OP1   1 
ATOM   226  O OP2   . DT  B 2 2  ? 1.915   23.561  -20.220 1.00 29.86 ? 12  DT  B OP2   1 
ATOM   227  O "O5'" . DT  B 2 2  ? -0.326  22.478  -20.114 1.00 31.83 ? 12  DT  B "O5'" 1 
ATOM   228  C "C5'" . DT  B 2 2  ? -1.656  22.337  -20.571 1.00 29.31 ? 12  DT  B "C5'" 1 
ATOM   229  C "C4'" . DT  B 2 2  ? -2.364  21.200  -19.899 1.00 31.45 ? 12  DT  B "C4'" 1 
ATOM   230  O "O4'" . DT  B 2 2  ? -1.762  19.962  -20.306 1.00 34.44 ? 12  DT  B "O4'" 1 
ATOM   231  C "C3'" . DT  B 2 2  ? -2.321  21.290  -18.395 1.00 35.47 ? 12  DT  B "C3'" 1 
ATOM   232  O "O3'" . DT  B 2 2  ? -3.645  21.082  -17.926 1.00 46.67 ? 12  DT  B "O3'" 1 
ATOM   233  C "C2'" . DT  B 2 2  ? -1.423  20.159  -17.944 1.00 34.75 ? 12  DT  B "C2'" 1 
ATOM   234  C "C1'" . DT  B 2 2  ? -1.274  19.297  -19.182 1.00 37.90 ? 12  DT  B "C1'" 1 
ATOM   235  N N1    . DT  B 2 2  ? 0.076   18.832  -19.363 1.00 35.00 ? 12  DT  B N1    1 
ATOM   236  C C2    . DT  B 2 2  ? 0.184   17.515  -19.225 1.00 25.88 ? 12  DT  B C2    1 
ATOM   237  O O2    . DT  B 2 2  ? -0.787  16.862  -19.001 1.00 28.03 ? 12  DT  B O2    1 
ATOM   238  N N3    . DT  B 2 2  ? 1.442   17.018  -19.352 1.00 15.08 ? 12  DT  B N3    1 
ATOM   239  C C4    . DT  B 2 2  ? 2.579   17.716  -19.620 1.00 13.72 ? 12  DT  B C4    1 
ATOM   240  O O4    . DT  B 2 2  ? 3.612   17.099  -19.738 1.00 25.58 ? 12  DT  B O4    1 
ATOM   241  C C5    . DT  B 2 2  ? 2.419   19.146  -19.772 1.00 20.41 ? 12  DT  B C5    1 
ATOM   242  C C7    . DT  B 2 2  ? 3.622   20.020  -20.066 1.00 18.71 ? 12  DT  B C7    1 
ATOM   243  C C6    . DT  B 2 2  ? 1.167   19.643  -19.618 1.00 32.02 ? 12  DT  B C6    1 
ATOM   244  P P     . DT  B 2 3  ? -4.032  21.311  -16.384 1.00 42.31 ? 13  DT  B P     1 
ATOM   245  O OP1   . DT  B 2 3  ? -5.431  21.843  -16.359 1.00 55.14 ? 13  DT  B OP1   1 
ATOM   246  O OP2   . DT  B 2 3  ? -2.959  22.032  -15.662 1.00 32.43 ? 13  DT  B OP2   1 
ATOM   247  O "O5'" . DT  B 2 3  ? -4.012  19.803  -15.884 1.00 34.52 ? 13  DT  B "O5'" 1 
ATOM   248  C "C5'" . DT  B 2 3  ? -4.835  18.886  -16.447 1.00 24.86 ? 13  DT  B "C5'" 1 
ATOM   249  C "C4'" . DT  B 2 3  ? -4.517  17.517  -15.903 1.00 29.59 ? 13  DT  B "C4'" 1 
ATOM   250  O "O4'" . DT  B 2 3  ? -3.241  17.116  -16.376 1.00 31.28 ? 13  DT  B "O4'" 1 
ATOM   251  C "C3'" . DT  B 2 3  ? -4.499  17.386  -14.385 1.00 25.53 ? 13  DT  B "C3'" 1 
ATOM   252  O "O3'" . DT  B 2 3  ? -5.396  16.381  -14.093 1.00 31.77 ? 13  DT  B "O3'" 1 
ATOM   253  C "C2'" . DT  B 2 3  ? -3.090  16.930  -14.018 1.00 23.13 ? 13  DT  B "C2'" 1 
ATOM   254  C "C1'" . DT  B 2 3  ? -2.486  16.539  -15.347 1.00 25.06 ? 13  DT  B "C1'" 1 
ATOM   255  N N1    . DT  B 2 3  ? -1.094  16.831  -15.563 1.00 26.26 ? 13  DT  B N1    1 
ATOM   256  C C2    . DT  B 2 3  ? -0.285  15.747  -15.775 1.00 23.18 ? 13  DT  B C2    1 
ATOM   257  O O2    . DT  B 2 3  ? -0.712  14.605  -15.776 1.00 31.80 ? 13  DT  B O2    1 
ATOM   258  N N3    . DT  B 2 3  ? 1.032   16.045  -15.988 1.00 28.60 ? 13  DT  B N3    1 
ATOM   259  C C4    . DT  B 2 3  ? 1.620   17.299  -16.000 1.00 29.24 ? 13  DT  B C4    1 
ATOM   260  O O4    . DT  B 2 3  ? 2.844   17.407  -16.198 1.00 29.99 ? 13  DT  B O4    1 
ATOM   261  C C5    . DT  B 2 3  ? 0.707   18.403  -15.773 1.00 32.49 ? 13  DT  B C5    1 
ATOM   262  C C7    . DT  B 2 3  ? 1.230   19.806  -15.775 1.00 35.04 ? 13  DT  B C7    1 
ATOM   263  C C6    . DT  B 2 3  ? -0.594  18.124  -15.564 1.00 30.37 ? 13  DT  B C6    1 
ATOM   264  P P     . DT  B 2 4  ? -5.691  15.984  -12.567 1.00 33.84 ? 14  DT  B P     1 
ATOM   265  O OP1   . DT  B 2 4  ? -7.043  15.412  -12.560 1.00 33.74 ? 14  DT  B OP1   1 
ATOM   266  O OP2   . DT  B 2 4  ? -5.303  17.076  -11.656 1.00 30.21 ? 14  DT  B OP2   1 
ATOM   267  O "O5'" . DT  B 2 4  ? -4.625  14.822  -12.362 1.00 25.53 ? 14  DT  B "O5'" 1 
ATOM   268  C "C5'" . DT  B 2 4  ? -4.853  13.623  -13.020 1.00 19.93 ? 14  DT  B "C5'" 1 
ATOM   269  C "C4'" . DT  B 2 4  ? -3.703  12.691  -12.780 1.00 28.79 ? 14  DT  B "C4'" 1 
ATOM   270  O "O4'" . DT  B 2 4  ? -2.472  13.281  -13.193 1.00 27.90 ? 14  DT  B "O4'" 1 
ATOM   271  C "C3'" . DT  B 2 4  ? -3.515  12.173  -11.366 1.00 25.43 ? 14  DT  B "C3'" 1 
ATOM   272  O "O3'" . DT  B 2 4  ? -3.583  10.778  -11.459 1.00 30.18 ? 14  DT  B "O3'" 1 
ATOM   273  C "C2'" . DT  B 2 4  ? -2.110  12.558  -10.983 1.00 25.19 ? 14  DT  B "C2'" 1 
ATOM   274  C "C1'" . DT  B 2 4  ? -1.470  12.913  -12.306 1.00 27.69 ? 14  DT  B "C1'" 1 
ATOM   275  N N1    . DT  B 2 4  ? -0.494  13.945  -12.344 1.00 23.87 ? 14  DT  B N1    1 
ATOM   276  C C2    . DT  B 2 4  ? 0.757   13.561  -12.719 1.00 20.07 ? 14  DT  B C2    1 
ATOM   277  O O2    . DT  B 2 4  ? 1.063   12.403  -12.994 1.00 25.34 ? 14  DT  B O2    1 
ATOM   278  N N3    . DT  B 2 4  ? 1.658   14.574  -12.781 1.00 24.00 ? 14  DT  B N3    1 
ATOM   279  C C4    . DT  B 2 4  ? 1.445   15.927  -12.497 1.00 26.93 ? 14  DT  B C4    1 
ATOM   280  O O4    . DT  B 2 4  ? 2.405   16.731  -12.593 1.00 30.96 ? 14  DT  B O4    1 
ATOM   281  C C5    . DT  B 2 4  ? 0.087   16.262  -12.091 1.00 22.27 ? 14  DT  B C5    1 
ATOM   282  C C7    . DT  B 2 4  ? -0.254  17.688  -11.766 1.00 21.11 ? 14  DT  B C7    1 
ATOM   283  C C6    . DT  B 2 4  ? -0.822  15.266  -12.043 1.00 26.39 ? 14  DT  B C6    1 
ATOM   284  P P     . DT  B 2 5  ? -3.567  9.940   -10.114 1.00 32.00 ? 15  DT  B P     1 
ATOM   285  O OP1   . DT  B 2 5  ? -4.392  8.751   -10.356 1.00 33.43 ? 15  DT  B OP1   1 
ATOM   286  O OP2   . DT  B 2 5  ? -3.825  10.889  -8.991  1.00 22.14 ? 15  DT  B OP2   1 
ATOM   287  O "O5'" . DT  B 2 5  ? -2.035  9.553   -10.030 1.00 26.67 ? 15  DT  B "O5'" 1 
ATOM   288  C "C5'" . DT  B 2 5  ? -1.506  8.792   -11.068 1.00 25.63 ? 15  DT  B "C5'" 1 
ATOM   289  C "C4'" . DT  B 2 5  ? -0.064  8.580   -10.773 1.00 28.30 ? 15  DT  B "C4'" 1 
ATOM   290  O "O4'" . DT  B 2 5  ? 0.734   9.753   -10.974 1.00 26.91 ? 15  DT  B "O4'" 1 
ATOM   291  C "C3'" . DT  B 2 5  ? 0.247   8.083   -9.374  1.00 27.41 ? 15  DT  B "C3'" 1 
ATOM   292  O "O3'" . DT  B 2 5  ? 0.923   6.873   -9.589  1.00 33.78 ? 15  DT  B "O3'" 1 
ATOM   293  C "C2'" . DT  B 2 5  ? 1.233   9.100   -8.790  1.00 17.03 ? 15  DT  B "C2'" 1 
ATOM   294  C "C1'" . DT  B 2 5  ? 1.755   9.869   -9.989  1.00 23.12 ? 15  DT  B "C1'" 1 
ATOM   295  N N1    . DT  B 2 5  ? 2.028   11.318  -9.815  1.00 18.87 ? 15  DT  B N1    1 
ATOM   296  C C2    . DT  B 2 5  ? 3.270   11.809  -10.132 1.00 16.65 ? 15  DT  B C2    1 
ATOM   297  O O2    . DT  B 2 5  ? 4.201   11.133  -10.517 1.00 15.62 ? 15  DT  B O2    1 
ATOM   298  N N3    . DT  B 2 5  ? 3.414   13.162  -9.962  1.00 22.81 ? 15  DT  B N3    1 
ATOM   299  C C4    . DT  B 2 5  ? 2.468   14.063  -9.547  1.00 27.50 ? 15  DT  B C4    1 
ATOM   300  O O4    . DT  B 2 5  ? 2.781   15.246  -9.464  1.00 24.50 ? 15  DT  B O4    1 
ATOM   301  C C5    . DT  B 2 5  ? 1.164   13.482  -9.240  1.00 28.95 ? 15  DT  B C5    1 
ATOM   302  C C7    . DT  B 2 5  ? 0.015   14.325  -8.762  1.00 22.90 ? 15  DT  B C7    1 
ATOM   303  C C6    . DT  B 2 5  ? 1.026   12.159  -9.396  1.00 22.65 ? 15  DT  B C6    1 
ATOM   304  P P     . DC  B 2 6  ? 1.607   6.140   -8.386  1.00 29.75 ? 16  DC  B P     1 
ATOM   305  O OP1   . DC  B 2 6  ? 1.669   4.691   -8.723  1.00 31.03 ? 16  DC  B OP1   1 
ATOM   306  O OP2   . DC  B 2 6  ? 0.950   6.614   -7.193  1.00 27.14 ? 16  DC  B OP2   1 
ATOM   307  O "O5'" . DC  B 2 6  ? 3.043   6.727   -8.417  1.00 24.15 ? 16  DC  B "O5'" 1 
ATOM   308  C "C5'" . DC  B 2 6  ? 3.804   6.582   -9.636  1.00 18.17 ? 16  DC  B "C5'" 1 
ATOM   309  C "C4'" . DC  B 2 6  ? 5.194   7.113   -9.406  1.00 17.41 ? 16  DC  B "C4'" 1 
ATOM   310  O "O4'" . DC  B 2 6  ? 5.171   8.525   -9.266  1.00 21.17 ? 16  DC  B "O4'" 1 
ATOM   311  C "C3'" . DC  B 2 6  ? 5.900   6.566   -8.147  1.00 22.09 ? 16  DC  B "C3'" 1 
ATOM   312  O "O3'" . DC  B 2 6  ? 7.177   6.199   -8.559  1.00 24.04 ? 16  DC  B "O3'" 1 
ATOM   313  C "C2'" . DC  B 2 6  ? 6.033   7.777   -7.205  1.00 26.05 ? 16  DC  B "C2'" 1 
ATOM   314  C "C1'" . DC  B 2 6  ? 5.937   8.958   -8.168  1.00 21.05 ? 16  DC  B "C1'" 1 
ATOM   315  N N1    . DC  B 2 6  ? 5.378   10.171  -7.681  1.00 16.85 ? 16  DC  B N1    1 
ATOM   316  C C2    . DC  B 2 6  ? 6.193   11.328  -7.656  1.00 23.66 ? 16  DC  B C2    1 
ATOM   317  O O2    . DC  B 2 6  ? 7.378   11.234  -8.048  1.00 22.42 ? 16  DC  B O2    1 
ATOM   318  N N3    . DC  B 2 6  ? 5.648   12.535  -7.215  1.00 24.81 ? 16  DC  B N3    1 
ATOM   319  C C4    . DC  B 2 6  ? 4.368   12.568  -6.810  1.00 21.49 ? 16  DC  B C4    1 
ATOM   320  N N4    . DC  B 2 6  ? 3.868   13.742  -6.374  1.00 19.12 ? 16  DC  B N4    1 
ATOM   321  C C5    . DC  B 2 6  ? 3.539   11.386  -6.842  1.00 22.01 ? 16  DC  B C5    1 
ATOM   322  C C6    . DC  B 2 6  ? 4.076   10.223  -7.268  1.00 17.83 ? 16  DC  B C6    1 
ATOM   323  P P     . DT  B 2 7  ? 8.198   5.483   -7.590  1.00 25.12 ? 17  DT  B P     1 
ATOM   324  O OP1   . DT  B 2 7  ? 9.132   4.873   -8.467  1.00 21.03 ? 17  DT  B OP1   1 
ATOM   325  O OP2   . DT  B 2 7  ? 7.397   4.786   -6.541  1.00 31.15 ? 17  DT  B OP2   1 
ATOM   326  O "O5'" . DT  B 2 7  ? 9.053   6.613   -6.916  1.00 27.13 ? 17  DT  B "O5'" 1 
ATOM   327  C "C5'" . DT  B 2 7  ? 10.074  7.218   -7.717  1.00 22.11 ? 17  DT  B "C5'" 1 
ATOM   328  C "C4'" . DT  B 2 7  ? 10.778  8.304   -6.935  1.00 18.92 ? 17  DT  B "C4'" 1 
ATOM   329  O "O4'" . DT  B 2 7  ? 9.960   9.470   -6.706  1.00 26.30 ? 17  DT  B "O4'" 1 
ATOM   330  C "C3'" . DT  B 2 7  ? 11.355  7.913   -5.599  1.00 14.96 ? 17  DT  B "C3'" 1 
ATOM   331  O "O3'" . DT  B 2 7  ? 12.754  8.077   -5.758  1.00 20.86 ? 17  DT  B "O3'" 1 
ATOM   332  C "C2'" . DT  B 2 7  ? 10.760  8.902   -4.571  1.00 23.27 ? 17  DT  B "C2'" 1 
ATOM   333  C "C1'" . DT  B 2 7  ? 10.194  10.029  -5.426  1.00 24.94 ? 17  DT  B "C1'" 1 
ATOM   334  N N1    . DT  B 2 7  ? 8.972   10.748  -4.914  1.00 20.69 ? 17  DT  B N1    1 
ATOM   335  C C2    . DT  B 2 7  ? 9.063   12.103  -4.649  1.00 16.85 ? 17  DT  B C2    1 
ATOM   336  O O2    . DT  B 2 7  ? 10.063  12.729  -4.819  1.00 22.46 ? 17  DT  B O2    1 
ATOM   337  N N3    . DT  B 2 7  ? 7.925   12.689  -4.188  1.00 15.45 ? 17  DT  B N3    1 
ATOM   338  C C4    . DT  B 2 7  ? 6.728   12.036  -3.981  1.00 22.91 ? 17  DT  B C4    1 
ATOM   339  O O4    . DT  B 2 7  ? 5.774   12.620  -3.577  1.00 21.00 ? 17  DT  B O4    1 
ATOM   340  C C5    . DT  B 2 7  ? 6.708   10.637  -4.268  1.00 22.71 ? 17  DT  B C5    1 
ATOM   341  C C7    . DT  B 2 7  ? 5.456   9.901   -4.060  1.00 24.41 ? 17  DT  B C7    1 
ATOM   342  C C6    . DT  B 2 7  ? 7.811   10.054  -4.702  1.00 20.08 ? 17  DT  B C6    1 
ATOM   343  P P     . DT  B 2 8  ? 13.757  7.641   -4.596  1.00 26.65 ? 18  DT  B P     1 
ATOM   344  O OP1   . DT  B 2 8  ? 15.011  7.114   -5.112  1.00 22.48 ? 18  DT  B OP1   1 
ATOM   345  O OP2   . DT  B 2 8  ? 12.956  6.895   -3.618  1.00 23.27 ? 18  DT  B OP2   1 
ATOM   346  O "O5'" . DT  B 2 8  ? 14.049  9.058   -3.931  1.00 19.95 ? 18  DT  B "O5'" 1 
ATOM   347  C "C5'" . DT  B 2 8  ? 14.596  10.019  -4.668  1.00 17.15 ? 18  DT  B "C5'" 1 
ATOM   348  C "C4'" . DT  B 2 8  ? 14.572  11.287  -3.878  1.00 21.45 ? 18  DT  B "C4'" 1 
ATOM   349  O "O4'" . DT  B 2 8  ? 13.288  11.849  -3.700  1.00 24.03 ? 18  DT  B "O4'" 1 
ATOM   350  C "C3'" . DT  B 2 8  ? 15.316  11.335  -2.558  1.00 17.50 ? 18  DT  B "C3'" 1 
ATOM   351  O "O3'" . DT  B 2 8  ? 16.236  12.378  -2.836  1.00 20.58 ? 18  DT  B "O3'" 1 
ATOM   352  C "C2'" . DT  B 2 8  ? 14.292  11.820  -1.527  1.00 15.30 ? 18  DT  B "C2'" 1 
ATOM   353  C "C1'" . DT  B 2 8  ? 13.186  12.443  -2.391  1.00 28.30 ? 18  DT  B "C1'" 1 
ATOM   354  N N1    . DT  B 2 8  ? 11.716  12.346  -1.896  1.00 28.33 ? 18  DT  B N1    1 
ATOM   355  C C2    . DT  B 2 8  ? 11.039  13.533  -1.701  1.00 19.20 ? 18  DT  B C2    1 
ATOM   356  O O2    . DT  B 2 8  ? 11.554  14.598  -1.870  1.00 27.37 ? 18  DT  B O2    1 
ATOM   357  N N3    . DT  B 2 8  ? 9.767   13.436  -1.278  1.00 16.21 ? 18  DT  B N3    1 
ATOM   358  C C4    . DT  B 2 8  ? 9.076   12.285  -1.054  1.00 19.26 ? 18  DT  B C4    1 
ATOM   359  O O4    . DT  B 2 8  ? 7.912   12.364  -0.679  1.00 28.26 ? 18  DT  B O4    1 
ATOM   360  C C5    . DT  B 2 8  ? 9.814   11.067  -1.265  1.00 20.59 ? 18  DT  B C5    1 
ATOM   361  C C7    . DT  B 2 8  ? 9.142   9.764   -1.024  1.00 26.27 ? 18  DT  B C7    1 
ATOM   362  C C6    . DT  B 2 8  ? 11.084  11.139  -1.678  1.00 24.32 ? 18  DT  B C6    1 
ATOM   363  P P     . DT  B 2 9  ? 17.479  12.604  -1.910  1.00 23.74 ? 19  DT  B P     1 
ATOM   364  O OP1   . DT  B 2 9  ? 18.489  13.283  -2.711  1.00 20.86 ? 19  DT  B OP1   1 
ATOM   365  O OP2   . DT  B 2 9  ? 17.766  11.302  -1.284  1.00 25.87 ? 19  DT  B OP2   1 
ATOM   366  O "O5'" . DT  B 2 9  ? 16.922  13.607  -0.796  1.00 22.67 ? 19  DT  B "O5'" 1 
ATOM   367  C "C5'" . DT  B 2 9  ? 16.757  14.960  -1.034  1.00 16.74 ? 19  DT  B "C5'" 1 
ATOM   368  C "C4'" . DT  B 2 9  ? 16.098  15.585  0.170   1.00 19.60 ? 19  DT  B "C4'" 1 
ATOM   369  O "O4'" . DT  B 2 9  ? 14.736  15.139  0.320   1.00 25.11 ? 19  DT  B "O4'" 1 
ATOM   370  C "C3'" . DT  B 2 9  ? 16.746  15.322  1.541   1.00 25.44 ? 19  DT  B "C3'" 1 
ATOM   371  O "O3'" . DT  B 2 9  ? 16.848  16.569  2.260   1.00 20.56 ? 19  DT  B "O3'" 1 
ATOM   372  C "C2'" . DT  B 2 9  ? 15.746  14.484  2.326   1.00 25.01 ? 19  DT  B "C2'" 1 
ATOM   373  C "C1'" . DT  B 2 9  ? 14.449  14.915  1.681   1.00 23.27 ? 19  DT  B "C1'" 1 
ATOM   374  N N1    . DT  B 2 9  ? 13.353  14.079  1.802   1.00 21.32 ? 19  DT  B N1    1 
ATOM   375  C C2    . DT  B 2 9  ? 12.229  14.751  1.984   1.00 27.48 ? 19  DT  B C2    1 
ATOM   376  O O2    . DT  B 2 9  ? 12.271  15.951  1.986   1.00 37.35 ? 19  DT  B O2    1 
ATOM   377  N N3    . DT  B 2 9  ? 11.092  13.998  2.091   1.00 29.51 ? 19  DT  B N3    1 
ATOM   378  C C4    . DT  B 2 9  ? 11.044  12.608  2.067   1.00 31.37 ? 19  DT  B C4    1 
ATOM   379  O O4    . DT  B 2 9  ? 9.946   12.073  2.160   1.00 30.26 ? 19  DT  B O4    1 
ATOM   380  C C5    . DT  B 2 9  ? 12.341  11.929  1.898   1.00 26.64 ? 19  DT  B C5    1 
ATOM   381  C C7    . DT  B 2 9  ? 12.475  10.417  1.837   1.00 17.58 ? 19  DT  B C7    1 
ATOM   382  C C6    . DT  B 2 9  ? 13.420  12.706  1.771   1.00 26.37 ? 19  DT  B C6    1 
ATOM   383  P P     . DG  B 2 10 ? 18.163  17.394  2.200   1.00 25.45 ? 20  DG  B P     1 
ATOM   384  O OP1   . DG  B 2 10 ? 18.691  17.489  0.840   1.00 27.19 ? 20  DG  B OP1   1 
ATOM   385  O OP2   . DG  B 2 10 ? 19.062  16.756  3.206   1.00 33.00 ? 20  DG  B OP2   1 
ATOM   386  O "O5'" . DG  B 2 10 ? 17.639  18.822  2.659   1.00 26.77 ? 20  DG  B "O5'" 1 
ATOM   387  C "C5'" . DG  B 2 10 ? 16.813  19.553  1.806   1.00 23.37 ? 20  DG  B "C5'" 1 
ATOM   388  C "C4'" . DG  B 2 10 ? 15.754  20.215  2.598   1.00 16.83 ? 20  DG  B "C4'" 1 
ATOM   389  O "O4'" . DG  B 2 10 ? 14.834  19.223  3.107   1.00 26.75 ? 20  DG  B "O4'" 1 
ATOM   390  C "C3'" . DG  B 2 10 ? 16.260  20.959  3.792   1.00 26.07 ? 20  DG  B "C3'" 1 
ATOM   391  O "O3'" . DG  B 2 10 ? 15.551  22.240  3.819   1.00 21.96 ? 20  DG  B "O3'" 1 
ATOM   392  C "C2'" . DG  B 2 10 ? 15.854  20.072  5.008   1.00 24.63 ? 20  DG  B "C2'" 1 
ATOM   393  C "C1'" . DG  B 2 10 ? 14.657  19.283  4.506   1.00 26.76 ? 20  DG  B "C1'" 1 
ATOM   394  N N9    . DG  B 2 10 ? 14.498  17.876  4.862   1.00 20.53 ? 20  DG  B N9    1 
ATOM   395  C C8    . DG  B 2 10 ? 15.440  16.915  4.976   1.00 22.37 ? 20  DG  B C8    1 
ATOM   396  N N7    . DG  B 2 10 ? 14.957  15.735  5.244   1.00 24.56 ? 20  DG  B N7    1 
ATOM   397  C C5    . DG  B 2 10 ? 13.601  15.937  5.308   1.00 20.90 ? 20  DG  B C5    1 
ATOM   398  C C6    . DG  B 2 10 ? 12.554  15.029  5.578   1.00 28.78 ? 20  DG  B C6    1 
ATOM   399  O O6    . DG  B 2 10 ? 12.621  13.811  5.819   1.00 34.01 ? 20  DG  B O6    1 
ATOM   400  N N1    . DG  B 2 10 ? 11.316  15.677  5.546   1.00 31.75 ? 20  DG  B N1    1 
ATOM   401  C C2    . DG  B 2 10 ? 11.131  17.020  5.278   1.00 27.24 ? 20  DG  B C2    1 
ATOM   402  N N2    . DG  B 2 10 ? 9.882   17.463  5.273   1.00 22.14 ? 20  DG  B N2    1 
ATOM   403  N N3    . DG  B 2 10 ? 12.109  17.872  5.041   1.00 27.75 ? 20  DG  B N3    1 
ATOM   404  C C4    . DG  B 2 10 ? 13.310  17.269  5.097   1.00 19.23 ? 20  DG  B C4    1 
ATOM   405  O "O5'" . DC  C 1 1  ? -13.192 -2.572  -3.652  0.52 42.55 ? 21  DC  C "O5'" 1 
ATOM   406  C "C5'" . DC  C 1 1  ? -12.553 -3.561  -4.421  0.52 38.81 ? 21  DC  C "C5'" 1 
ATOM   407  C "C4'" . DC  C 1 1  ? -11.072 -3.505  -4.139  0.52 38.80 ? 21  DC  C "C4'" 1 
ATOM   408  O "O4'" . DC  C 1 1  ? -10.638 -2.144  -4.324  0.52 39.40 ? 21  DC  C "O4'" 1 
ATOM   409  C "C3'" . DC  C 1 1  ? -10.682 -3.903  -2.727  0.52 44.20 ? 21  DC  C "C3'" 1 
ATOM   410  O "O3'" . DC  C 1 1  ? -9.777  -4.930  -2.775  0.52 52.57 ? 21  DC  C "O3'" 1 
ATOM   411  C "C2'" . DC  C 1 1  ? -10.018 -2.706  -2.086  0.52 40.34 ? 21  DC  C "C2'" 1 
ATOM   412  C "C1'" . DC  C 1 1  ? -9.971  -1.667  -3.188  0.52 38.32 ? 21  DC  C "C1'" 1 
ATOM   413  N N1    . DC  C 1 1  ? -10.505 -0.367  -2.766  0.52 30.15 ? 21  DC  C N1    1 
ATOM   414  C C2    . DC  C 1 1  ? -9.623  0.655   -2.881  0.52 26.71 ? 21  DC  C C2    1 
ATOM   415  O O2    . DC  C 1 1  ? -8.508  0.352   -3.350  0.52 33.09 ? 21  DC  C O2    1 
ATOM   416  N N3    . DC  C 1 1  ? -9.989  1.912   -2.515  0.52 24.70 ? 21  DC  C N3    1 
ATOM   417  C C4    . DC  C 1 1  ? -11.205 2.118   -2.030  0.52 19.91 ? 21  DC  C C4    1 
ATOM   418  N N4    . DC  C 1 1  ? -11.523 3.360   -1.680  0.52 15.23 ? 21  DC  C N4    1 
ATOM   419  C C5    . DC  C 1 1  ? -12.140 1.050   -1.877  0.52 25.71 ? 21  DC  C C5    1 
ATOM   420  C C6    . DC  C 1 1  ? -11.753 -0.178  -2.254  0.52 27.21 ? 21  DC  C C6    1 
ATOM   421  P P     . DA  C 1 2  ? -9.172  -5.434  -1.399  0.52 48.43 ? 22  DA  C P     1 
ATOM   422  O OP1   . DA  C 1 2  ? -8.912  -6.884  -1.542  0.52 53.58 ? 22  DA  C OP1   1 
ATOM   423  O OP2   . DA  C 1 2  ? -10.008 -4.880  -0.302  0.52 40.70 ? 22  DA  C OP2   1 
ATOM   424  O "O5'" . DA  C 1 2  ? -7.789  -4.664  -1.369  0.52 43.20 ? 22  DA  C "O5'" 1 
ATOM   425  C "C5'" . DA  C 1 2  ? -7.045  -4.582  -2.545  0.52 34.62 ? 22  DA  C "C5'" 1 
ATOM   426  C "C4'" . DA  C 1 2  ? -6.010  -3.496  -2.388  0.52 32.11 ? 22  DA  C "C4'" 1 
ATOM   427  O "O4'" . DA  C 1 2  ? -6.648  -2.214  -2.182  0.52 32.90 ? 22  DA  C "O4'" 1 
ATOM   428  C "C3'" . DA  C 1 2  ? -5.072  -3.741  -1.231  0.52 34.33 ? 22  DA  C "C3'" 1 
ATOM   429  O "O3'" . DA  C 1 2  ? -3.743  -3.849  -1.774  0.52 29.64 ? 22  DA  C "O3'" 1 
ATOM   430  C "C2'" . DA  C 1 2  ? -5.285  -2.543  -0.298  0.52 39.57 ? 22  DA  C "C2'" 1 
ATOM   431  C "C1'" . DA  C 1 2  ? -6.071  -1.515  -1.106  0.52 37.20 ? 22  DA  C "C1'" 1 
ATOM   432  N N9    . DA  C 1 2  ? -7.083  -0.756  -0.340  0.52 38.61 ? 22  DA  C N9    1 
ATOM   433  C C8    . DA  C 1 2  ? -8.108  -1.221  0.449   0.52 37.95 ? 22  DA  C C8    1 
ATOM   434  N N7    . DA  C 1 2  ? -8.824  -0.272  1.017   0.52 28.87 ? 22  DA  C N7    1 
ATOM   435  C C5    . DA  C 1 2  ? -8.220  0.888   0.585   0.52 27.05 ? 22  DA  C C5    1 
ATOM   436  C C6    . DA  C 1 2  ? -8.491  2.240   0.831   0.52 30.78 ? 22  DA  C C6    1 
ATOM   437  N N6    . DA  C 1 2  ? -9.493  2.664   1.602   0.52 35.05 ? 22  DA  C N6    1 
ATOM   438  N N1    . DA  C 1 2  ? -7.698  3.157   0.256   0.52 32.33 ? 22  DA  C N1    1 
ATOM   439  C C2    . DA  C 1 2  ? -6.701  2.730   -0.510  0.52 31.63 ? 22  DA  C C2    1 
ATOM   440  N N3    . DA  C 1 2  ? -6.344  1.485   -0.810  0.52 31.98 ? 22  DA  C N3    1 
ATOM   441  C C4    . DA  C 1 2  ? -7.142  0.610   -0.225  0.52 30.17 ? 22  DA  C C4    1 
ATOM   442  P P     . DA  C 1 3  ? -2.550  -4.504  -0.935  0.52 38.46 ? 23  DA  C P     1 
ATOM   443  O OP1   . DA  C 1 3  ? -1.804  -5.433  -1.798  0.52 36.30 ? 23  DA  C OP1   1 
ATOM   444  O OP2   . DA  C 1 3  ? -3.106  -4.971  0.349   0.52 40.27 ? 23  DA  C OP2   1 
ATOM   445  O "O5'" . DA  C 1 3  ? -1.660  -3.230  -0.679  0.52 32.08 ? 23  DA  C "O5'" 1 
ATOM   446  C "C5'" . DA  C 1 3  ? -2.335  -2.183  -0.159  0.52 31.80 ? 23  DA  C "C5'" 1 
ATOM   447  C "C4'" . DA  C 1 3  ? -1.545  -0.928  -0.017  0.52 31.20 ? 23  DA  C "C4'" 1 
ATOM   448  O "O4'" . DA  C 1 3  ? -2.494  0.125   0.178   0.52 23.52 ? 23  DA  C "O4'" 1 
ATOM   449  C "C3'" . DA  C 1 3  ? -0.601  -0.935  1.179   0.52 32.70 ? 23  DA  C "C3'" 1 
ATOM   450  O "O3'" . DA  C 1 3  ? 0.579   -0.257  0.747   0.52 38.19 ? 23  DA  C "O3'" 1 
ATOM   451  C "C2'" . DA  C 1 3  ? -1.324  -0.120  2.249   0.52 27.84 ? 23  DA  C "C2'" 1 
ATOM   452  C "C1'" . DA  C 1 3  ? -2.372  0.657   1.462   0.52 25.68 ? 23  DA  C "C1'" 1 
ATOM   453  N N9    . DA  C 1 3  ? -3.681  0.660   2.055   0.52 20.32 ? 23  DA  C N9    1 
ATOM   454  C C8    . DA  C 1 3  ? -4.447  -0.374  2.499   0.52 18.29 ? 23  DA  C C8    1 
ATOM   455  N N7    . DA  C 1 3  ? -5.599  0.008   3.005   0.52 18.58 ? 23  DA  C N7    1 
ATOM   456  C C5    . DA  C 1 3  ? -5.557  1.373   2.890   0.52 22.99 ? 23  DA  C C5    1 
ATOM   457  C C6    . DA  C 1 3  ? -6.467  2.378   3.237   0.52 28.07 ? 23  DA  C C6    1 
ATOM   458  N N6    . DA  C 1 3  ? -7.654  2.120   3.796   0.52 32.35 ? 23  DA  C N6    1 
ATOM   459  N N1    . DA  C 1 3  ? -6.109  3.657   2.980   0.52 26.86 ? 23  DA  C N1    1 
ATOM   460  C C2    . DA  C 1 3  ? -4.912  3.900   2.403   0.52 25.85 ? 23  DA  C C2    1 
ATOM   461  N N3    . DA  C 1 3  ? -3.964  3.037   2.031   0.52 19.64 ? 23  DA  C N3    1 
ATOM   462  C C4    . DA  C 1 3  ? -4.363  1.784   2.312   0.52 21.08 ? 23  DA  C C4    1 
ATOM   463  P P     . DA  C 1 4  ? 1.865   -0.129  1.671   0.52 37.75 ? 24  DA  C P     1 
ATOM   464  O OP1   . DA  C 1 4  ? 2.971   0.224   0.744   0.52 38.35 ? 24  DA  C OP1   1 
ATOM   465  O OP2   . DA  C 1 4  ? 1.965   -1.315  2.554   0.52 37.13 ? 24  DA  C OP2   1 
ATOM   466  O "O5'" . DA  C 1 4  ? 1.505   1.165   2.564   0.52 33.73 ? 24  DA  C "O5'" 1 
ATOM   467  C "C5'" . DA  C 1 4  ? 1.447   2.436   1.913   0.52 33.03 ? 24  DA  C "C5'" 1 
ATOM   468  C "C4'" . DA  C 1 4  ? 0.894   3.574   2.769   0.52 30.40 ? 24  DA  C "C4'" 1 
ATOM   469  O "O4'" . DA  C 1 4  ? -0.503  3.410   3.042   0.52 34.52 ? 24  DA  C "O4'" 1 
ATOM   470  C "C3'" . DA  C 1 4  ? 1.600   3.982   4.049   0.52 33.01 ? 24  DA  C "C3'" 1 
ATOM   471  O "O3'" . DA  C 1 4  ? 2.083   5.302   3.808   0.52 33.89 ? 24  DA  C "O3'" 1 
ATOM   472  C "C2'" . DA  C 1 4  ? 0.484   4.019   5.111   0.52 33.42 ? 24  DA  C "C2'" 1 
ATOM   473  C "C1'" . DA  C 1 4  ? -0.810  3.904   4.312   0.52 33.75 ? 24  DA  C "C1'" 1 
ATOM   474  N N9    . DA  C 1 4  ? -1.851  3.090   4.881   0.52 34.14 ? 24  DA  C N9    1 
ATOM   475  C C8    . DA  C 1 4  ? -1.871  1.731   5.068   0.52 35.47 ? 24  DA  C C8    1 
ATOM   476  N N7    . DA  C 1 4  ? -2.994  1.300   5.618   0.52 35.11 ? 24  DA  C N7    1 
ATOM   477  C C5    . DA  C 1 4  ? -3.748  2.468   5.800   0.52 35.77 ? 24  DA  C C5    1 
ATOM   478  C C6    . DA  C 1 4  ? -5.041  2.716   6.344   0.52 36.99 ? 24  DA  C C6    1 
ATOM   479  N N6    . DA  C 1 4  ? -5.836  1.750   6.827   0.52 39.20 ? 24  DA  C N6    1 
ATOM   480  N N1    . DA  C 1 4  ? -5.482  3.996   6.374   0.52 26.35 ? 24  DA  C N1    1 
ATOM   481  C C2    . DA  C 1 4  ? -4.683  4.950   5.893   0.52 25.51 ? 24  DA  C C2    1 
ATOM   482  N N3    . DA  C 1 4  ? -3.459  4.842   5.358   0.52 31.48 ? 24  DA  C N3    1 
ATOM   483  C C4    . DA  C 1 4  ? -3.047  3.570   5.353   0.52 32.54 ? 24  DA  C C4    1 
ATOM   484  P P     . DG  C 1 5  ? 3.199   6.030   4.714   0.52 30.66 ? 25  DG  C P     1 
ATOM   485  O OP1   . DG  C 1 5  ? 3.998   6.836   3.754   0.52 19.13 ? 25  DG  C OP1   1 
ATOM   486  O OP2   . DG  C 1 5  ? 3.867   5.049   5.595   0.52 23.65 ? 25  DG  C OP2   1 
ATOM   487  O "O5'" . DG  C 1 5  ? 2.309   6.944   5.665   0.52 27.31 ? 25  DG  C "O5'" 1 
ATOM   488  C "C5'" . DG  C 1 5  ? 1.385   7.846   5.063   0.52 26.90 ? 25  DG  C "C5'" 1 
ATOM   489  C "C4'" . DG  C 1 5  ? 0.308   8.329   6.021   0.52 24.91 ? 25  DG  C "C4'" 1 
ATOM   490  O "O4'" . DG  C 1 5  ? -0.711  7.331   6.230   0.52 25.52 ? 25  DG  C "O4'" 1 
ATOM   491  C "C3'" . DG  C 1 5  ? 0.732   8.874   7.383   0.52 24.47 ? 25  DG  C "C3'" 1 
ATOM   492  O "O3'" . DG  C 1 5  ? 0.419   10.240  7.465   0.52 26.51 ? 25  DG  C "O3'" 1 
ATOM   493  C "C2'" . DG  C 1 5  ? -0.147  8.137   8.393   0.52 23.76 ? 25  DG  C "C2'" 1 
ATOM   494  C "C1'" . DG  C 1 5  ? -1.194  7.442   7.533   0.52 23.02 ? 25  DG  C "C1'" 1 
ATOM   495  N N9    . DG  C 1 5  ? -1.694  6.175   8.028   0.52 26.82 ? 25  DG  C N9    1 
ATOM   496  C C8    . DG  C 1 5  ? -1.083  4.942   8.028   0.52 23.28 ? 25  DG  C C8    1 
ATOM   497  N N7    . DG  C 1 5  ? -1.827  4.012   8.573   0.52 19.78 ? 25  DG  C N7    1 
ATOM   498  C C5    . DG  C 1 5  ? -2.996  4.671   8.953   0.52 19.84 ? 25  DG  C C5    1 
ATOM   499  C C6    . DG  C 1 5  ? -4.180  4.199   9.593   0.52 21.71 ? 25  DG  C C6    1 
ATOM   500  O O6    . DG  C 1 5  ? -4.465  3.061   9.972   0.52 24.73 ? 25  DG  C O6    1 
ATOM   501  N N1    . DG  C 1 5  ? -5.107  5.214   9.796   0.52 28.58 ? 25  DG  C N1    1 
ATOM   502  C C2    . DG  C 1 5  ? -4.935  6.525   9.425   0.52 28.42 ? 25  DG  C C2    1 
ATOM   503  N N2    . DG  C 1 5  ? -5.947  7.360   9.709   0.52 26.05 ? 25  DG  C N2    1 
ATOM   504  N N3    . DG  C 1 5  ? -3.843  6.987   8.823   0.52 28.70 ? 25  DG  C N3    1 
ATOM   505  C C4    . DG  C 1 5  ? -2.917  6.005   8.625   0.52 25.99 ? 25  DG  C C4    1 
ATOM   506  P P     . DA  C 1 6  ? 0.926   11.068  8.733   0.52 30.64 ? 26  DA  C P     1 
ATOM   507  O OP1   . DA  C 1 6  ? 0.963   12.521  8.376   0.52 29.93 ? 26  DA  C OP1   1 
ATOM   508  O OP2   . DA  C 1 6  ? 2.114   10.393  9.274   0.52 33.04 ? 26  DA  C OP2   1 
ATOM   509  O "O5'" . DA  C 1 6  ? -0.224  10.853  9.788   0.52 24.99 ? 26  DA  C "O5'" 1 
ATOM   510  C "C5'" . DA  C 1 6  ? -1.466  11.387  9.557   0.52 24.07 ? 26  DA  C "C5'" 1 
ATOM   511  C "C4'" . DA  C 1 6  ? -2.324  11.021  10.731  0.52 30.24 ? 26  DA  C "C4'" 1 
ATOM   512  O "O4'" . DA  C 1 6  ? -2.634  9.626   10.712  0.52 32.95 ? 26  DA  C "O4'" 1 
ATOM   513  C "C3'" . DA  C 1 6  ? -1.762  11.338  12.102  0.52 31.12 ? 26  DA  C "C3'" 1 
ATOM   514  O "O3'" . DA  C 1 6  ? -2.625  12.278  12.631  0.52 37.01 ? 26  DA  C "O3'" 1 
ATOM   515  C "C2'" . DA  C 1 6  ? -1.821  10.037  12.900  0.52 29.96 ? 26  DA  C "C2'" 1 
ATOM   516  C "C1'" . DA  C 1 6  ? -2.609  9.104   12.006  0.52 31.72 ? 26  DA  C "C1'" 1 
ATOM   517  N N9    . DA  C 1 6  ? -2.248  7.706   11.923  0.52 24.88 ? 26  DA  C N9    1 
ATOM   518  C C8    . DA  C 1 6  ? -1.117  7.125   11.464  0.52 26.20 ? 26  DA  C C8    1 
ATOM   519  N N7    . DA  C 1 6  ? -1.147  5.813   11.523  0.52 29.79 ? 26  DA  C N7    1 
ATOM   520  C C5    . DA  C 1 6  ? -2.405  5.527   12.056  0.52 29.84 ? 26  DA  C C5    1 
ATOM   521  C C6    . DA  C 1 6  ? -3.096  4.319   12.381  0.52 28.82 ? 26  DA  C C6    1 
ATOM   522  N N6    . DA  C 1 6  ? -2.602  3.091   12.216  0.52 25.26 ? 26  DA  C N6    1 
ATOM   523  N N1    . DA  C 1 6  ? -4.332  4.421   12.888  0.52 30.22 ? 26  DA  C N1    1 
ATOM   524  C C2    . DA  C 1 6  ? -4.850  5.636   13.062  0.52 29.86 ? 26  DA  C C2    1 
ATOM   525  N N3    . DA  C 1 6  ? -4.311  6.821   12.803  0.52 28.85 ? 26  DA  C N3    1 
ATOM   526  C C4    . DA  C 1 6  ? -3.078  6.694   12.304  0.52 27.74 ? 26  DA  C C4    1 
ATOM   527  P P     . DA  C 1 7  ? -2.411  12.844  14.076  0.52 41.92 ? 27  DA  C P     1 
ATOM   528  O OP1   . DA  C 1 7  ? -2.679  14.297  13.998  0.52 46.07 ? 27  DA  C OP1   1 
ATOM   529  O OP2   . DA  C 1 7  ? -1.109  12.325  14.589  0.52 42.75 ? 27  DA  C OP2   1 
ATOM   530  O "O5'" . DA  C 1 7  ? -3.614  12.139  14.856  0.52 45.12 ? 27  DA  C "O5'" 1 
ATOM   531  C "C5'" . DA  C 1 7  ? -4.943  12.380  14.406  0.52 44.97 ? 27  DA  C "C5'" 1 
ATOM   532  C "C4'" . DA  C 1 7  ? -5.900  11.310  14.910  0.52 42.66 ? 27  DA  C "C4'" 1 
ATOM   533  O "O4'" . DA  C 1 7  ? -5.359  10.023  14.558  0.52 37.98 ? 27  DA  C "O4'" 1 
ATOM   534  C "C3'" . DA  C 1 7  ? -6.195  11.303  16.415  0.52 43.29 ? 27  DA  C "C3'" 1 
ATOM   535  O "O3'" . DA  C 1 7  ? -7.634  11.325  16.589  0.52 45.75 ? 27  DA  C "O3'" 1 
ATOM   536  C "C2'" . DA  C 1 7  ? -5.624  9.981   16.921  0.52 42.13 ? 27  DA  C "C2'" 1 
ATOM   537  C "C1'" . DA  C 1 7  ? -5.373  9.174   15.665  0.52 37.62 ? 27  DA  C "C1'" 1 
ATOM   538  N N9    . DA  C 1 7  ? -4.192  8.341   15.703  0.52 34.20 ? 27  DA  C N9    1 
ATOM   539  C C8    . DA  C 1 7  ? -2.874  8.665   15.601  0.52 27.90 ? 27  DA  C C8    1 
ATOM   540  N N7    . DA  C 1 7  ? -2.073  7.619   15.690  0.52 27.84 ? 27  DA  C N7    1 
ATOM   541  C C5    . DA  C 1 7  ? -2.953  6.543   15.867  0.52 29.81 ? 27  DA  C C5    1 
ATOM   542  C C6    . DA  C 1 7  ? -2.789  5.139   16.036  0.52 26.34 ? 27  DA  C C6    1 
ATOM   543  N N6    . DA  C 1 7  ? -1.621  4.504   16.059  0.52 31.23 ? 27  DA  C N6    1 
ATOM   544  N N1    . DA  C 1 7  ? -3.892  4.394   16.187  0.52 26.98 ? 27  DA  C N1    1 
ATOM   545  C C2    . DA  C 1 7  ? -5.085  4.989   16.179  0.52 28.65 ? 27  DA  C C2    1 
ATOM   546  N N3    . DA  C 1 7  ? -5.369  6.273   16.030  0.52 31.65 ? 27  DA  C N3    1 
ATOM   547  C C4    . DA  C 1 7  ? -4.253  6.994   15.882  0.52 32.13 ? 27  DA  C C4    1 
ATOM   548  P P     . DA  C 1 8  ? -8.335  11.607  18.014  0.52 38.69 ? 28  DA  C P     1 
ATOM   549  O OP1   . DA  C 1 8  ? -9.516  12.469  17.768  0.52 36.14 ? 28  DA  C OP1   1 
ATOM   550  O OP2   . DA  C 1 8  ? -7.268  12.019  18.939  0.52 34.48 ? 28  DA  C OP2   1 
ATOM   551  O "O5'" . DA  C 1 8  ? -8.879  10.191  18.489  0.52 38.73 ? 28  DA  C "O5'" 1 
ATOM   552  C "C5'" . DA  C 1 8  ? -7.982  9.157   18.559  0.52 39.27 ? 28  DA  C "C5'" 1 
ATOM   553  C "C4'" . DA  C 1 8  ? -8.561  7.919   19.171  0.52 37.57 ? 28  DA  C "C4'" 1 
ATOM   554  O "O4'" . DA  C 1 8  ? -7.628  6.858   18.886  0.52 39.17 ? 28  DA  C "O4'" 1 
ATOM   555  C "C3'" . DA  C 1 8  ? -8.709  8.006   20.673  0.52 39.15 ? 28  DA  C "C3'" 1 
ATOM   556  O "O3'" . DA  C 1 8  ? -10.036 7.473   21.031  0.52 38.47 ? 28  DA  C "O3'" 1 
ATOM   557  C "C2'" . DA  C 1 8  ? -7.514  7.200   21.212  0.52 40.25 ? 28  DA  C "C2'" 1 
ATOM   558  C "C1'" . DA  C 1 8  ? -7.003  6.372   20.031  0.52 37.66 ? 28  DA  C "C1'" 1 
ATOM   559  N N9    . DA  C 1 8  ? -5.571  6.462   19.792  0.52 35.32 ? 28  DA  C N9    1 
ATOM   560  C C8    . DA  C 1 8  ? -4.786  7.579   19.719  0.52 38.45 ? 28  DA  C C8    1 
ATOM   561  N N7    . DA  C 1 8  ? -3.516  7.318   19.497  0.52 32.72 ? 28  DA  C N7    1 
ATOM   562  C C5    . DA  C 1 8  ? -3.472  5.947   19.432  0.52 26.72 ? 28  DA  C C5    1 
ATOM   563  C C6    . DA  C 1 8  ? -2.421  5.064   19.224  0.52 29.90 ? 28  DA  C C6    1 
ATOM   564  N N6    . DA  C 1 8  ? -1.166  5.458   19.030  0.52 35.02 ? 28  DA  C N6    1 
ATOM   565  N N1    . DA  C 1 8  ? -2.703  3.758   19.219  0.52 28.24 ? 28  DA  C N1    1 
ATOM   566  C C2    . DA  C 1 8  ? -3.961  3.377   19.410  0.52 31.18 ? 28  DA  C C2    1 
ATOM   567  N N3    . DA  C 1 8  ? -5.041  4.116   19.611  0.52 26.27 ? 28  DA  C N3    1 
ATOM   568  C C4    . DA  C 1 8  ? -4.717  5.402   19.629  0.52 28.33 ? 28  DA  C C4    1 
ATOM   569  P P     . DA  C 1 9  ? -10.557 7.348   22.554  0.52 40.34 ? 29  DA  C P     1 
ATOM   570  O OP1   . DA  C 1 9  ? -11.941 7.868   22.626  0.52 50.93 ? 29  DA  C OP1   1 
ATOM   571  O OP2   . DA  C 1 9  ? -9.504  7.862   23.471  0.52 44.41 ? 29  DA  C OP2   1 
ATOM   572  O "O5'" . DA  C 1 9  ? -10.590 5.783   22.735  0.52 32.90 ? 29  DA  C "O5'" 1 
ATOM   573  C "C5'" . DA  C 1 9  ? -9.464  5.245   22.320  0.52 19.54 ? 29  DA  C "C5'" 1 
ATOM   574  C "C4'" . DA  C 1 9  ? -9.164  3.833   22.619  0.52 15.98 ? 29  DA  C "C4'" 1 
ATOM   575  O "O4'" . DA  C 1 9  ? -7.803  3.830   22.182  0.52 14.80 ? 29  DA  C "O4'" 1 
ATOM   576  C "C3'" . DA  C 1 9  ? -9.166  3.427   24.106  0.52 20.73 ? 29  DA  C "C3'" 1 
ATOM   577  O "O3'" . DA  C 1 9  ? -9.674  2.114   24.253  0.52 26.91 ? 29  DA  C "O3'" 1 
ATOM   578  C "C2'" . DA  C 1 9  ? -7.700  3.403   24.530  0.52 24.34 ? 29  DA  C "C2'" 1 
ATOM   579  C "C1'" . DA  C 1 9  ? -6.943  3.467   23.208  0.52 22.52 ? 29  DA  C "C1'" 1 
ATOM   580  N N9    . DA  C 1 9  ? -5.723  4.237   23.160  0.52 13.32 ? 29  DA  C N9    1 
ATOM   581  C C8    . DA  C 1 9  ? -5.438  5.548   23.439  0.52 16.12 ? 29  DA  C C8    1 
ATOM   582  N N7    . DA  C 1 9  ? -4.154  5.842   23.272  0.52 23.08 ? 29  DA  C N7    1 
ATOM   583  C C5    . DA  C 1 9  ? -3.606  4.630   22.867  0.52 20.22 ? 29  DA  C C5    1 
ATOM   584  C C6    . DA  C 1 9  ? -2.314  4.215   22.523  0.52 21.80 ? 29  DA  C C6    1 
ATOM   585  N N6    . DA  C 1 9  ? -1.245  4.995   22.521  0.52 23.88 ? 29  DA  C N6    1 
ATOM   586  N N1    . DA  C 1 9  ? -2.153  2.955   22.174  0.52 23.97 ? 29  DA  C N1    1 
ATOM   587  C C2    . DA  C 1 9  ? -3.204  2.152   22.171  0.52 21.54 ? 29  DA  C C2    1 
ATOM   588  N N3    . DA  C 1 9  ? -4.456  2.393   22.469  0.52 17.35 ? 29  DA  C N3    1 
ATOM   589  C C4    . DA  C 1 9  ? -4.575  3.661   22.818  0.52 16.67 ? 29  DA  C C4    1 
ATOM   590  P P     . DG  C 1 10 ? -9.940  1.501   25.712  0.52 22.11 ? 30  DG  C P     1 
ATOM   591  O OP1   . DG  C 1 10 ? -10.884 0.406   25.553  0.52 20.15 ? 30  DG  C OP1   1 
ATOM   592  O OP2   . DG  C 1 10 ? -10.210 2.595   26.650  0.52 18.21 ? 30  DG  C OP2   1 
ATOM   593  O "O5'" . DG  C 1 10 ? -8.544  0.885   26.128  0.52 19.57 ? 30  DG  C "O5'" 1 
ATOM   594  C "C5'" . DG  C 1 10 ? -8.119  -0.275  25.545  0.52 23.10 ? 30  DG  C "C5'" 1 
ATOM   595  C "C4'" . DG  C 1 10 ? -6.746  -0.642  26.039  0.52 25.03 ? 30  DG  C "C4'" 1 
ATOM   596  O "O4'" . DG  C 1 10 ? -5.765  0.332   25.611  0.52 32.94 ? 30  DG  C "O4'" 1 
ATOM   597  C "C3'" . DG  C 1 10 ? -6.584  -0.816  27.543  0.52 28.06 ? 30  DG  C "C3'" 1 
ATOM   598  O "O3'" . DG  C 1 10 ? -6.321  -2.175  27.798  0.52 32.40 ? 30  DG  C "O3'" 1 
ATOM   599  C "C2'" . DG  C 1 10 ? -5.372  0.038   27.945  0.52 30.93 ? 30  DG  C "C2'" 1 
ATOM   600  C "C1'" . DG  C 1 10 ? -4.770  0.476   26.612  0.52 32.72 ? 30  DG  C "C1'" 1 
ATOM   601  N N9    . DG  C 1 10 ? -4.167  1.802   26.548  0.52 28.17 ? 30  DG  C N9    1 
ATOM   602  C C8    . DG  C 1 10 ? -4.739  3.018   26.794  0.52 29.02 ? 30  DG  C C8    1 
ATOM   603  N N7    . DG  C 1 10 ? -3.911  4.004   26.641  0.52 25.24 ? 30  DG  C N7    1 
ATOM   604  C C5    . DG  C 1 10 ? -2.724  3.399   26.292  0.52 21.10 ? 30  DG  C C5    1 
ATOM   605  C C6    . DG  C 1 10 ? -1.469  3.960   26.013  0.52 23.37 ? 30  DG  C C6    1 
ATOM   606  O O6    . DG  C 1 10 ? -1.153  5.155   26.013  0.52 28.54 ? 30  DG  C O6    1 
ATOM   607  N N1    . DG  C 1 10 ? -0.527  2.981   25.698  0.52 27.53 ? 30  DG  C N1    1 
ATOM   608  C C2    . DG  C 1 10 ? -0.780  1.619   25.671  0.52 28.64 ? 30  DG  C C2    1 
ATOM   609  N N2    . DG  C 1 10 ? 0.245   0.808   25.344  0.52 27.23 ? 30  DG  C N2    1 
ATOM   610  N N3    . DG  C 1 10 ? -1.965  1.092   25.940  0.52 25.30 ? 30  DG  C N3    1 
ATOM   611  C C4    . DG  C 1 10 ? -2.870  2.044   26.244  0.52 20.55 ? 30  DG  C C4    1 
ATOM   612  O "O5'" . DC  D 2 1  ? 8.930   4.388   24.433  0.52 61.13 ? 31  DC  D "O5'" 1 
ATOM   613  C "C5'" . DC  D 2 1  ? 7.603   4.571   24.905  0.52 58.87 ? 31  DC  D "C5'" 1 
ATOM   614  C "C4'" . DC  D 2 1  ? 6.787   3.289   24.874  0.52 57.06 ? 31  DC  D "C4'" 1 
ATOM   615  O "O4'" . DC  D 2 1  ? 5.477   3.603   25.397  0.52 54.96 ? 31  DC  D "O4'" 1 
ATOM   616  C "C3'" . DC  D 2 1  ? 6.599   2.687   23.479  0.52 57.12 ? 31  DC  D "C3'" 1 
ATOM   617  O "O3'" . DC  D 2 1  ? 6.969   1.307   23.449  0.52 57.71 ? 31  DC  D "O3'" 1 
ATOM   618  C "C2'" . DC  D 2 1  ? 5.110   2.833   23.152  0.52 55.68 ? 31  DC  D "C2'" 1 
ATOM   619  C "C1'" . DC  D 2 1  ? 4.483   3.216   24.481  0.52 53.55 ? 31  DC  D "C1'" 1 
ATOM   620  N N1    . DC  D 2 1  ? 3.346   4.163   24.441  0.52 45.85 ? 31  DC  D N1    1 
ATOM   621  C C2    . DC  D 2 1  ? 2.091   3.593   24.461  0.52 35.61 ? 31  DC  D C2    1 
ATOM   622  O O2    . DC  D 2 1  ? 2.036   2.358   24.503  0.52 31.84 ? 31  DC  D O2    1 
ATOM   623  N N3    . DC  D 2 1  ? 0.985   4.387   24.434  0.52 33.14 ? 31  DC  D N3    1 
ATOM   624  C C4    . DC  D 2 1  ? 1.116   5.709   24.388  0.52 32.61 ? 31  DC  D C4    1 
ATOM   625  N N4    . DC  D 2 1  ? 0.002   6.449   24.359  0.52 22.78 ? 31  DC  D N4    1 
ATOM   626  C C5    . DC  D 2 1  ? 2.409   6.323   24.370  0.52 43.18 ? 31  DC  D C5    1 
ATOM   627  C C6    . DC  D 2 1  ? 3.492   5.516   24.394  0.52 46.54 ? 31  DC  D C6    1 
ATOM   628  P P     . DT  D 2 2  ? 7.385   0.693   22.027  0.52 61.48 ? 32  DT  D P     1 
ATOM   629  O OP1   . DT  D 2 2  ? 8.330   -0.422  22.294  0.52 59.85 ? 32  DT  D OP1   1 
ATOM   630  O OP2   . DT  D 2 2  ? 7.809   1.836   21.185  0.52 64.45 ? 32  DT  D OP2   1 
ATOM   631  O "O5'" . DT  D 2 2  ? 6.038   0.085   21.377  0.52 54.80 ? 32  DT  D "O5'" 1 
ATOM   632  C "C5'" . DT  D 2 2  ? 5.619   -1.228  21.713  0.52 51.40 ? 32  DT  D "C5'" 1 
ATOM   633  C "C4'" . DT  D 2 2  ? 4.165   -1.525  21.349  0.52 52.66 ? 32  DT  D "C4'" 1 
ATOM   634  O "O4'" . DT  D 2 2  ? 3.316   -0.510  21.923  0.52 51.42 ? 32  DT  D "O4'" 1 
ATOM   635  C "C3'" . DT  D 2 2  ? 3.736   -1.705  19.879  0.52 50.41 ? 32  DT  D "C3'" 1 
ATOM   636  O "O3'" . DT  D 2 2  ? 3.310   -3.107  19.689  0.52 52.02 ? 32  DT  D "O3'" 1 
ATOM   637  C "C2'" . DT  D 2 2  ? 2.595   -0.716  19.661  0.52 44.99 ? 32  DT  D "C2'" 1 
ATOM   638  C "C1'" . DT  D 2 2  ? 2.261   -0.203  21.045  0.52 45.01 ? 32  DT  D "C1'" 1 
ATOM   639  N N1    . DT  D 2 2  ? 1.891   1.199   21.107  0.52 35.67 ? 32  DT  D N1    1 
ATOM   640  C C2    . DT  D 2 2  ? 0.633   1.453   21.557  0.52 28.56 ? 32  DT  D C2    1 
ATOM   641  O O2    . DT  D 2 2  ? -0.137  0.574   21.923  0.52 21.59 ? 32  DT  D O2    1 
ATOM   642  N N3    . DT  D 2 2  ? 0.317   2.775   21.599  0.52 30.72 ? 32  DT  D N3    1 
ATOM   643  C C4    . DT  D 2 2  ? 1.112   3.825   21.216  0.52 29.47 ? 32  DT  D C4    1 
ATOM   644  O O4    . DT  D 2 2  ? 0.687   4.951   21.298  0.52 36.77 ? 32  DT  D O4    1 
ATOM   645  C C5    . DT  D 2 2  ? 2.400   3.498   20.738  0.52 29.75 ? 32  DT  D C5    1 
ATOM   646  C C7    . DT  D 2 2  ? 3.312   4.602   20.306  0.52 27.34 ? 32  DT  D C7    1 
ATOM   647  C C6    . DT  D 2 2  ? 2.742   2.204   20.698  0.52 34.71 ? 32  DT  D C6    1 
ATOM   648  P P     . DT  D 2 3  ? 2.423   -3.662  18.443  0.52 48.91 ? 33  DT  D P     1 
ATOM   649  O OP1   . DT  D 2 3  ? 3.351   -4.307  17.490  0.52 46.41 ? 33  DT  D OP1   1 
ATOM   650  O OP2   . DT  D 2 3  ? 1.513   -2.617  17.950  0.52 53.62 ? 33  DT  D OP2   1 
ATOM   651  O "O5'" . DT  D 2 3  ? 1.478   -4.792  19.079  0.52 48.90 ? 33  DT  D "O5'" 1 
ATOM   652  C "C5'" . DT  D 2 3  ? 0.408   -4.588  20.049  0.52 52.25 ? 33  DT  D "C5'" 1 
ATOM   653  C "C4'" . DT  D 2 3  ? -0.884  -3.993  19.472  0.52 50.37 ? 33  DT  D "C4'" 1 
ATOM   654  O "O4'" . DT  D 2 3  ? -1.016  -2.608  19.837  0.52 50.12 ? 33  DT  D "O4'" 1 
ATOM   655  C "C3'" . DT  D 2 3  ? -1.126  -4.133  17.962  0.52 53.03 ? 33  DT  D "C3'" 1 
ATOM   656  O "O3'" . DT  D 2 3  ? -2.413  -4.633  17.544  0.52 57.30 ? 33  DT  D "O3'" 1 
ATOM   657  C "C2'" . DT  D 2 3  ? -1.243  -2.698  17.521  0.52 51.71 ? 33  DT  D "C2'" 1 
ATOM   658  C "C1'" . DT  D 2 3  ? -1.624  -1.933  18.771  0.52 47.90 ? 33  DT  D "C1'" 1 
ATOM   659  N N1    . DT  D 2 3  ? -1.218  -0.548  18.630  0.52 42.41 ? 33  DT  D N1    1 
ATOM   660  C C2    . DT  D 2 3  ? -2.092  0.457   19.025  0.52 39.92 ? 33  DT  D C2    1 
ATOM   661  O O2    . DT  D 2 3  ? -3.177  0.257   19.567  0.52 30.67 ? 33  DT  D O2    1 
ATOM   662  N N3    . DT  D 2 3  ? -1.611  1.720   18.804  0.52 37.63 ? 33  DT  D N3    1 
ATOM   663  C C4    . DT  D 2 3  ? -0.405  2.054   18.218  0.52 29.28 ? 33  DT  D C4    1 
ATOM   664  O O4    . DT  D 2 3  ? -0.108  3.223   18.081  0.52 31.29 ? 33  DT  D O4    1 
ATOM   665  C C5    . DT  D 2 3  ? 0.424   0.951   17.810  0.52 31.71 ? 33  DT  D C5    1 
ATOM   666  C C7    . DT  D 2 3  ? 1.749   1.202   17.155  0.52 36.59 ? 33  DT  D C7    1 
ATOM   667  C C6    . DT  D 2 3  ? -0.020  -0.277  18.019  0.52 33.06 ? 33  DT  D C6    1 
ATOM   668  P P     . DT  D 2 4  ? -3.318  -5.780  18.166  0.52 54.80 ? 34  DT  D P     1 
ATOM   669  O OP1   . DT  D 2 4  ? -3.005  -5.893  19.614  0.52 58.37 ? 34  DT  D OP1   1 
ATOM   670  O OP2   . DT  D 2 4  ? -3.208  -6.961  17.292  0.52 57.28 ? 34  DT  D OP2   1 
ATOM   671  O "O5'" . DT  D 2 4  ? -4.773  -5.103  17.973  0.52 45.19 ? 34  DT  D "O5'" 1 
ATOM   672  C "C5'" . DT  D 2 4  ? -5.293  -4.263  19.012  0.52 42.99 ? 34  DT  D "C5'" 1 
ATOM   673  C "C4'" . DT  D 2 4  ? -6.179  -3.104  18.565  0.52 44.96 ? 34  DT  D "C4'" 1 
ATOM   674  O "O4'" . DT  D 2 4  ? -5.458  -1.870  18.429  0.52 43.39 ? 34  DT  D "O4'" 1 
ATOM   675  C "C3'" . DT  D 2 4  ? -7.099  -3.261  17.373  0.52 47.53 ? 34  DT  D "C3'" 1 
ATOM   676  O "O3'" . DT  D 2 4  ? -8.455  -3.104  17.827  0.52 48.52 ? 34  DT  D "O3'" 1 
ATOM   677  C "C2'" . DT  D 2 4  ? -6.736  -2.080  16.449  0.52 45.90 ? 34  DT  D "C2'" 1 
ATOM   678  C "C1'" . DT  D 2 4  ? -5.898  -1.142  17.308  0.52 42.21 ? 34  DT  D "C1'" 1 
ATOM   679  N N1    . DT  D 2 4  ? -4.714  -0.553  16.639  0.52 41.36 ? 34  DT  D N1    1 
ATOM   680  C C2    . DT  D 2 4  ? -4.574  0.828   16.656  0.52 38.09 ? 34  DT  D C2    1 
ATOM   681  O O2    . DT  D 2 4  ? -5.356  1.579   17.198  0.52 38.77 ? 34  DT  D O2    1 
ATOM   682  N N3    . DT  D 2 4  ? -3.455  1.294   16.032  0.52 35.37 ? 34  DT  D N3    1 
ATOM   683  C C4    . DT  D 2 4  ? -2.490  0.545   15.388  0.52 38.42 ? 34  DT  D C4    1 
ATOM   684  O O4    . DT  D 2 4  ? -1.534  1.115   14.856  0.52 44.29 ? 34  DT  D O4    1 
ATOM   685  C C5    . DT  D 2 4  ? -2.699  -0.881  15.397  0.52 36.25 ? 34  DT  D C5    1 
ATOM   686  C C7    . DT  D 2 4  ? -1.714  -1.779  14.719  0.52 40.41 ? 34  DT  D C7    1 
ATOM   687  C C6    . DT  D 2 4  ? -3.788  -1.363  16.013  0.52 37.54 ? 34  DT  D C6    1 
ATOM   688  P P     . DT  D 2 5  ? -9.686  -3.307  16.812  0.52 49.06 ? 35  DT  D P     1 
ATOM   689  O OP1   . DT  D 2 5  ? -10.891 -3.627  17.617  0.52 55.08 ? 35  DT  D OP1   1 
ATOM   690  O OP2   . DT  D 2 5  ? -9.260  -4.220  15.719  0.52 46.72 ? 35  DT  D OP2   1 
ATOM   691  O "O5'" . DT  D 2 5  ? -9.921  -1.843  16.217  0.52 46.03 ? 35  DT  D "O5'" 1 
ATOM   692  C "C5'" . DT  D 2 5  ? -10.515 -0.851  17.049  0.52 46.11 ? 35  DT  D "C5'" 1 
ATOM   693  C "C4'" . DT  D 2 5  ? -10.555 0.498   16.353  0.52 49.19 ? 35  DT  D "C4'" 1 
ATOM   694  O "O4'" . DT  D 2 5  ? -9.206  0.971   16.169  0.52 49.96 ? 35  DT  D "O4'" 1 
ATOM   695  C "C3'" . DT  D 2 5  ? -11.251 0.563   14.984  0.52 52.86 ? 35  DT  D "C3'" 1 
ATOM   696  O "O3'" . DT  D 2 5  ? -12.347 1.468   15.023  0.52 57.36 ? 35  DT  D "O3'" 1 
ATOM   697  C "C2'" . DT  D 2 5  ? -10.220 1.109   14.009  0.52 51.20 ? 35  DT  D "C2'" 1 
ATOM   698  C "C1'" . DT  D 2 5  ? -9.056  1.544   14.883  0.52 51.72 ? 35  DT  D "C1'" 1 
ATOM   699  N N1    . DT  D 2 5  ? -7.750  1.212   14.295  0.52 50.81 ? 35  DT  D N1    1 
ATOM   700  C C2    . DT  D 2 5  ? -6.976  2.259   13.839  0.52 42.65 ? 35  DT  D C2    1 
ATOM   701  O O2    . DT  D 2 5  ? -7.324  3.419   13.927  0.52 41.86 ? 35  DT  D O2    1 
ATOM   702  N N3    . DT  D 2 5  ? -5.780  1.885   13.300  0.52 37.54 ? 35  DT  D N3    1 
ATOM   703  C C4    . DT  D 2 5  ? -5.312  0.591   13.166  0.52 39.18 ? 35  DT  D C4    1 
ATOM   704  O O4    . DT  D 2 5  ? -4.220  0.402   12.655  0.52 47.59 ? 35  DT  D O4    1 
ATOM   705  C C5    . DT  D 2 5  ? -6.176  -0.449  13.661  0.52 37.72 ? 35  DT  D C5    1 
ATOM   706  C C7    . DT  D 2 5  ? -5.769  -1.879  13.573  0.52 38.36 ? 35  DT  D C7    1 
ATOM   707  C C6    . DT  D 2 5  ? -7.344  -0.098  14.192  0.52 44.80 ? 35  DT  D C6    1 
ATOM   708  P P     . DC  D 2 6  ? -13.104 1.858   13.658  0.52 56.28 ? 36  DC  D P     1 
ATOM   709  O OP1   . DC  D 2 6  ? -14.515 2.100   13.999  0.52 58.09 ? 36  DC  D OP1   1 
ATOM   710  O OP2   . DC  D 2 6  ? -12.782 0.840   12.634  0.52 58.79 ? 36  DC  D OP2   1 
ATOM   711  O "O5'" . DC  D 2 6  ? -12.408 3.252   13.247  0.52 49.96 ? 36  DC  D "O5'" 1 
ATOM   712  C "C5'" . DC  D 2 6  ? -12.472 4.360   14.161  0.52 50.32 ? 36  DC  D "C5'" 1 
ATOM   713  C "C4'" . DC  D 2 6  ? -11.632 5.571   13.728  0.52 51.21 ? 36  DC  D "C4'" 1 
ATOM   714  O "O4'" . DC  D 2 6  ? -10.238 5.205   13.589  0.52 48.15 ? 36  DC  D "O4'" 1 
ATOM   715  C "C3'" . DC  D 2 6  ? -12.051 6.318   12.452  0.52 46.92 ? 36  DC  D "C3'" 1 
ATOM   716  O "O3'" . DC  D 2 6  ? -12.219 7.720   12.736  0.52 41.10 ? 36  DC  D "O3'" 1 
ATOM   717  C "C2'" . DC  D 2 6  ? -10.859 6.181   11.505  0.52 48.62 ? 36  DC  D "C2'" 1 
ATOM   718  C "C1'" . DC  D 2 6  ? -9.718  5.669   12.371  0.52 45.08 ? 36  DC  D "C1'" 1 
ATOM   719  N N1    . DC  D 2 6  ? -8.939  4.605   11.775  0.52 44.61 ? 36  DC  D N1    1 
ATOM   720  C C2    . DC  D 2 6  ? -7.748  4.935   11.109  0.52 45.94 ? 36  DC  D C2    1 
ATOM   721  O O2    . DC  D 2 6  ? -7.398  6.122   11.039  0.52 41.81 ? 36  DC  D O2    1 
ATOM   722  N N3    . DC  D 2 6  ? -7.014  3.932   10.557  0.52 45.98 ? 36  DC  D N3    1 
ATOM   723  C C4    . DC  D 2 6  ? -7.437  2.668   10.667  0.52 43.46 ? 36  DC  D C4    1 
ATOM   724  N N4    . DC  D 2 6  ? -6.692  1.716   10.120  0.52 45.91 ? 36  DC  D N4    1 
ATOM   725  C C5    . DC  D 2 6  ? -8.642  2.324   11.343  0.52 41.67 ? 36  DC  D C5    1 
ATOM   726  C C6    . DC  D 2 6  ? -9.356  3.314   11.878  0.52 41.68 ? 36  DC  D C6    1 
ATOM   727  P P     . DT  D 2 7  ? -12.759 8.701   11.579  0.52 41.75 ? 37  DT  D P     1 
ATOM   728  O OP1   . DT  D 2 7  ? -13.108 10.000  12.211  0.52 44.94 ? 37  DT  D OP1   1 
ATOM   729  O OP2   . DT  D 2 7  ? -13.764 7.982   10.788  0.52 38.24 ? 37  DT  D OP2   1 
ATOM   730  O "O5'" . DT  D 2 7  ? -11.509 8.908   10.604  0.52 39.98 ? 37  DT  D "O5'" 1 
ATOM   731  C "C5'" . DT  D 2 7  ? -10.353 9.624   10.985  0.52 40.20 ? 37  DT  D "C5'" 1 
ATOM   732  C "C4'" . DT  D 2 7  ? -9.411  9.824   9.794   0.52 37.40 ? 37  DT  D "C4'" 1 
ATOM   733  O "O4'" . DT  D 2 7  ? -8.657  8.623   9.530   0.52 39.92 ? 37  DT  D "O4'" 1 
ATOM   734  C "C3'" . DT  D 2 7  ? -10.011 10.301  8.473   0.52 38.69 ? 37  DT  D "C3'" 1 
ATOM   735  O "O3'" . DT  D 2 7  ? -9.409  11.566  8.133   0.52 35.00 ? 37  DT  D "O3'" 1 
ATOM   736  C "C2'" . DT  D 2 7  ? -9.617  9.227   7.435   0.52 40.64 ? 37  DT  D "C2'" 1 
ATOM   737  C "C1'" . DT  D 2 7  ? -8.574  8.360   8.146   0.52 37.18 ? 37  DT  D "C1'" 1 
ATOM   738  N N1    . DT  D 2 7  ? -8.665  6.884   7.940   0.52 34.31 ? 37  DT  D N1    1 
ATOM   739  C C2    . DT  D 2 7  ? -7.678  6.251   7.203   0.52 32.01 ? 37  DT  D C2    1 
ATOM   740  O O2    . DT  D 2 7  ? -6.738  6.825   6.699   0.52 34.87 ? 37  DT  D O2    1 
ATOM   741  N N3    . DT  D 2 7  ? -7.831  4.903   7.083   0.52 31.77 ? 37  DT  D N3    1 
ATOM   742  C C4    . DT  D 2 7  ? -8.858  4.138   7.606   0.52 30.83 ? 37  DT  D C4    1 
ATOM   743  O O4    . DT  D 2 7  ? -8.883  2.926   7.414   0.52 27.19 ? 37  DT  D O4    1 
ATOM   744  C C5    . DT  D 2 7  ? -9.839  4.859   8.358   0.52 31.32 ? 37  DT  D C5    1 
ATOM   745  C C7    . DT  D 2 7  ? -10.981 4.117   8.971   0.52 33.65 ? 37  DT  D C7    1 
ATOM   746  C C6    . DT  D 2 7  ? -9.702  6.177   8.494   0.52 28.96 ? 37  DT  D C6    1 
ATOM   747  P P     . DT  D 2 8  ? -9.811  12.383  6.802   0.52 33.65 ? 38  DT  D P     1 
ATOM   748  O OP1   . DT  D 2 8  ? -9.550  13.817  7.050   0.52 37.95 ? 38  DT  D OP1   1 
ATOM   749  O OP2   . DT  D 2 8  ? -11.147 11.943  6.371   0.52 35.61 ? 38  DT  D OP2   1 
ATOM   750  O "O5'" . DT  D 2 8  ? -8.738  11.832  5.754   0.52 34.37 ? 38  DT  D "O5'" 1 
ATOM   751  C "C5'" . DT  D 2 8  ? -7.388  11.712  6.186   0.52 30.85 ? 38  DT  D "C5'" 1 
ATOM   752  C "C4'" . DT  D 2 8  ? -6.460  11.072  5.166   0.52 22.59 ? 38  DT  D "C4'" 1 
ATOM   753  O "O4'" . DT  D 2 8  ? -6.511  9.652   5.197   0.52 27.47 ? 38  DT  D "O4'" 1 
ATOM   754  C "C3'" . DT  D 2 8  ? -6.565  11.517  3.726   0.52 33.04 ? 38  DT  D "C3'" 1 
ATOM   755  O "O3'" . DT  D 2 8  ? -5.321  12.028  3.380   0.52 33.79 ? 38  DT  D "O3'" 1 
ATOM   756  C "C2'" . DT  D 2 8  ? -6.795  10.236  2.914   0.52 35.92 ? 38  DT  D "C2'" 1 
ATOM   757  C "C1'" . DT  D 2 8  ? -6.501  9.115   3.892   0.52 29.57 ? 38  DT  D "C1'" 1 
ATOM   758  N N1    . DT  D 2 8  ? -7.396  7.947   3.850   0.52 25.32 ? 38  DT  D N1    1 
ATOM   759  C C2    . DT  D 2 8  ? -6.864  6.777   3.391   0.52 29.85 ? 38  DT  D C2    1 
ATOM   760  O O2    . DT  D 2 8  ? -5.714  6.687   3.025   0.52 34.30 ? 38  DT  D O2    1 
ATOM   761  N N3    . DT  D 2 8  ? -7.715  5.707   3.381   0.52 30.07 ? 38  DT  D N3    1 
ATOM   762  C C4    . DT  D 2 8  ? -9.029  5.705   3.784   0.52 35.80 ? 38  DT  D C4    1 
ATOM   763  O O4    . DT  D 2 8  ? -9.684  4.672   3.719   0.52 39.30 ? 38  DT  D O4    1 
ATOM   764  C C5    . DT  D 2 8  ? -9.531  6.968   4.258   0.52 35.56 ? 38  DT  D C5    1 
ATOM   765  C C7    . DT  D 2 8  ? -10.954 7.060   4.719   0.52 41.54 ? 38  DT  D C7    1 
ATOM   766  C C6    . DT  D 2 8  ? -8.700  8.027   4.266   0.52 26.44 ? 38  DT  D C6    1 
ATOM   767  P P     . DT  D 2 9  ? -5.168  12.863  2.047   0.52 33.53 ? 39  DT  D P     1 
ATOM   768  O OP1   . DT  D 2 9  ? -4.048  13.813  2.228   0.52 28.33 ? 39  DT  D OP1   1 
ATOM   769  O OP2   . DT  D 2 9  ? -6.525  13.327  1.681   0.52 37.50 ? 39  DT  D OP2   1 
ATOM   770  O "O5'" . DT  D 2 9  ? -4.709  11.741  1.022   0.52 28.18 ? 39  DT  D "O5'" 1 
ATOM   771  C "C5'" . DT  D 2 9  ? -3.548  11.007  1.334   0.52 28.45 ? 39  DT  D "C5'" 1 
ATOM   772  C "C4'" . DT  D 2 9  ? -3.440  9.841   0.388   0.52 33.61 ? 39  DT  D "C4'" 1 
ATOM   773  O "O4'" . DT  D 2 9  ? -4.367  8.800   0.743   0.52 31.52 ? 39  DT  D "O4'" 1 
ATOM   774  C "C3'" . DT  D 2 9  ? -3.706  10.232  -1.059  0.52 36.86 ? 39  DT  D "C3'" 1 
ATOM   775  O "O3'" . DT  D 2 9  ? -2.532  10.101  -1.797  0.52 36.99 ? 39  DT  D "O3'" 1 
ATOM   776  C "C2'" . DT  D 2 9  ? -4.766  9.278   -1.571  0.52 38.83 ? 39  DT  D "C2'" 1 
ATOM   777  C "C1'" . DT  D 2 9  ? -5.022  8.332   -0.411  0.52 34.72 ? 39  DT  D "C1'" 1 
ATOM   778  N N1    . DT  D 2 9  ? -6.452  8.033   -0.192  0.52 27.70 ? 39  DT  D N1    1 
ATOM   779  C C2    . DT  D 2 9  ? -6.784  6.715   -0.320  0.52 32.35 ? 39  DT  D C2    1 
ATOM   780  O O2    . DT  D 2 9  ? -5.957  5.850   -0.553  0.52 36.20 ? 39  DT  D O2    1 
ATOM   781  N N3    . DT  D 2 9  ? -8.091  6.430   -0.130  0.52 34.38 ? 39  DT  D N3    1 
ATOM   782  C C4    . DT  D 2 9  ? -9.092  7.327   0.141   0.52 41.48 ? 39  DT  D C4    1 
ATOM   783  O O4    . DT  D 2 9  ? -10.239 6.900   0.280   0.52 49.31 ? 39  DT  D O4    1 
ATOM   784  C C5    . DT  D 2 9  ? -8.690  8.714   0.239   0.52 33.51 ? 39  DT  D C5    1 
ATOM   785  C C7    . DT  D 2 9  ? -9.722  9.766   0.541   0.52 34.59 ? 39  DT  D C7    1 
ATOM   786  C C6    . DT  D 2 9  ? -7.389  9.007   0.059   0.52 24.00 ? 39  DT  D C6    1 
ATOM   787  P P     . DG  D 2 10 ? -2.402  10.804  -3.219  0.52 23.12 ? 40  DG  D P     1 
ATOM   788  O OP1   . DG  D 2 10 ? -1.054  11.356  -3.194  0.52 23.45 ? 40  DG  D OP1   1 
ATOM   789  O OP2   . DG  D 2 10 ? -3.606  11.650  -3.480  0.52 24.07 ? 40  DG  D OP2   1 
ATOM   790  O "O5'" . DG  D 2 10 ? -2.459  9.565   -4.189  0.52 15.84 ? 40  DG  D "O5'" 1 
ATOM   791  C "C5'" . DG  D 2 10 ? -1.491  8.572   -4.131  0.52 19.45 ? 40  DG  D "C5'" 1 
ATOM   792  C "C4'" . DG  D 2 10 ? -2.015  7.369   -4.873  0.52 15.29 ? 40  DG  D "C4'" 1 
ATOM   793  O "O4'" . DG  D 2 10 ? -3.213  6.921   -4.217  0.52 19.58 ? 40  DG  D "O4'" 1 
ATOM   794  C "C3'" . DG  D 2 10 ? -2.378  7.608   -6.330  0.52 13.17 ? 40  DG  D "C3'" 1 
ATOM   795  O "O3'" . DG  D 2 10 ? -1.852  6.575   -7.081  0.52 15.06 ? 40  DG  D "O3'" 1 
ATOM   796  C "C2'" . DG  D 2 10 ? -3.889  7.518   -6.396  0.52 19.58 ? 40  DG  D "C2'" 1 
ATOM   797  C "C1'" . DG  D 2 10 ? -4.210  6.675   -5.166  0.52 22.02 ? 40  DG  D "C1'" 1 
ATOM   798  N N9    . DG  D 2 10 ? -5.533  6.806   -4.622  0.52 14.90 ? 40  DG  D N9    1 
ATOM   799  C C8    . DG  D 2 10 ? -6.268  7.929   -4.383  0.52 17.52 ? 40  DG  D C8    1 
ATOM   800  N N7    . DG  D 2 10 ? -7.456  7.648   -3.907  0.52 15.56 ? 40  DG  D N7    1 
ATOM   801  C C5    . DG  D 2 10 ? -7.489  6.252   -3.875  0.52 14.69 ? 40  DG  D C5    1 
ATOM   802  C C6    . DG  D 2 10 ? -8.503  5.339   -3.449  0.52 17.38 ? 40  DG  D C6    1 
ATOM   803  O O6    . DG  D 2 10 ? -9.633  5.581   -3.008  0.52 22.89 ? 40  DG  D O6    1 
ATOM   804  N N1    . DG  D 2 10 ? -8.096  4.018   -3.581  0.52 18.57 ? 40  DG  D N1    1 
ATOM   805  C C2    . DG  D 2 10 ? -6.866  3.628   -4.044  0.52 18.13 ? 40  DG  D C2    1 
ATOM   806  N N2    . DG  D 2 10 ? -6.630  2.319   -4.108  0.52 17.98 ? 40  DG  D N2    1 
ATOM   807  N N3    . DG  D 2 10 ? -5.924  4.465   -4.435  0.52 18.89 ? 40  DG  D N3    1 
ATOM   808  C C4    . DG  D 2 10 ? -6.316  5.751   -4.330  0.52 12.89 ? 40  DG  D C4    1 
ATOM   809  O "O5'" . DC  E 1 1  ? 10.344  -21.153 10.159  0.46 35.18 ? 41  DC  E "O5'" 1 
ATOM   810  C "C5'" . DC  E 1 1  ? 10.617  -22.152 11.136  0.46 30.08 ? 41  DC  E "C5'" 1 
ATOM   811  C "C4'" . DC  E 1 1  ? 9.494   -23.148 11.193  0.46 28.64 ? 41  DC  E "C4'" 1 
ATOM   812  O "O4'" . DC  E 1 1  ? 8.337   -22.613 11.872  0.46 33.55 ? 41  DC  E "O4'" 1 
ATOM   813  C "C3'" . DC  E 1 1  ? 9.038   -23.608 9.831   0.46 36.59 ? 41  DC  E "C3'" 1 
ATOM   814  O "O3'" . DC  E 1 1  ? 9.141   -24.986 9.784   0.46 44.84 ? 41  DC  E "O3'" 1 
ATOM   815  C "C2'" . DC  E 1 1  ? 7.572   -23.211 9.688   0.46 34.89 ? 41  DC  E "C2'" 1 
ATOM   816  C "C1'" . DC  E 1 1  ? 7.171   -22.822 11.095  0.46 33.63 ? 41  DC  E "C1'" 1 
ATOM   817  N N1    . DC  E 1 1  ? 6.160   -21.706 11.243  0.46 25.81 ? 41  DC  E N1    1 
ATOM   818  C C2    . DC  E 1 1  ? 4.897   -22.093 11.686  0.46 21.30 ? 41  DC  E C2    1 
ATOM   819  O O2    . DC  E 1 1  ? 4.718   -23.286 11.915  0.46 19.10 ? 41  DC  E O2    1 
ATOM   820  N N3    . DC  E 1 1  ? 3.923   -21.168 11.870  0.46 19.22 ? 41  DC  E N3    1 
ATOM   821  C C4    . DC  E 1 1  ? 4.179   -19.890 11.609  0.46 21.32 ? 41  DC  E C4    1 
ATOM   822  N N4    . DC  E 1 1  ? 3.178   -18.997 11.797  0.46 19.00 ? 41  DC  E N4    1 
ATOM   823  C C5    . DC  E 1 1  ? 5.487   -19.469 11.143  0.46 19.42 ? 41  DC  E C5    1 
ATOM   824  C C6    . DC  E 1 1  ? 6.437   -20.395 10.975  0.46 13.59 ? 41  DC  E C6    1 
ATOM   825  P P     . DA  E 1 2  ? 8.605   -25.698 8.481   0.46 49.19 ? 42  DA  E P     1 
ATOM   826  O OP1   . DA  E 1 2  ? 9.397   -26.935 8.284   0.46 57.89 ? 42  DA  E OP1   1 
ATOM   827  O OP2   . DA  E 1 2  ? 8.482   -24.676 7.412   0.46 47.18 ? 42  DA  E OP2   1 
ATOM   828  O "O5'" . DA  E 1 2  ? 7.142   -26.074 8.936   0.46 38.94 ? 42  DA  E "O5'" 1 
ATOM   829  C "C5'" . DA  E 1 2  ? 6.967   -26.737 10.159  0.46 41.46 ? 42  DA  E "C5'" 1 
ATOM   830  C "C4'" . DA  E 1 2  ? 5.519   -27.121 10.301  0.46 41.02 ? 42  DA  E "C4'" 1 
ATOM   831  O "O4'" . DA  E 1 2  ? 4.751   -25.940 10.583  0.46 38.90 ? 42  DA  E "O4'" 1 
ATOM   832  C "C3'" . DA  E 1 2  ? 4.952   -27.781 9.056   0.46 46.30 ? 42  DA  E "C3'" 1 
ATOM   833  O "O3'" . DA  E 1 2  ? 4.418   -29.043 9.440   0.46 52.13 ? 42  DA  E "O3'" 1 
ATOM   834  C "C2'" . DA  E 1 2  ? 3.883   -26.806 8.540   0.46 47.98 ? 42  DA  E "C2'" 1 
ATOM   835  C "C1'" . DA  E 1 2  ? 3.715   -25.770 9.647   0.46 43.61 ? 42  DA  E "C1'" 1 
ATOM   836  N N9    . DA  E 1 2  ? 3.698   -24.377 9.217   0.46 38.66 ? 42  DA  E N9    1 
ATOM   837  C C8    . DA  E 1 2  ? 4.740   -23.605 8.791   0.46 36.97 ? 42  DA  E C8    1 
ATOM   838  N N7    . DA  E 1 2  ? 4.390   -22.382 8.481   0.46 34.86 ? 42  DA  E N7    1 
ATOM   839  C C5    . DA  E 1 2  ? 3.036   -22.362 8.715   0.46 30.68 ? 42  DA  E C5    1 
ATOM   840  C C6    . DA  E 1 2  ? 2.084   -21.360 8.578   0.46 34.18 ? 42  DA  E C6    1 
ATOM   841  N N6    . DA  E 1 2  ? 2.390   -20.155 8.149   0.46 39.55 ? 42  DA  E N6    1 
ATOM   842  N N1    . DA  E 1 2  ? 0.805   -21.643 8.896   0.46 32.56 ? 42  DA  E N1    1 
ATOM   843  C C2    . DA  E 1 2  ? 0.519   -22.883 9.324   0.46 34.41 ? 42  DA  E C2    1 
ATOM   844  N N3    . DA  E 1 2  ? 1.337   -23.920 9.494   0.46 31.46 ? 42  DA  E N3    1 
ATOM   845  C C4    . DA  E 1 2  ? 2.590   -23.583 9.162   0.46 32.72 ? 42  DA  E C4    1 
ATOM   846  P P     . DA  E 1 3  ? 4.006   -30.186 8.384   0.46 50.62 ? 43  DA  E P     1 
ATOM   847  O OP1   . DA  E 1 3  ? 4.363   -31.490 9.003   0.46 49.81 ? 43  DA  E OP1   1 
ATOM   848  O OP2   . DA  E 1 3  ? 4.524   -29.802 7.050   0.46 47.35 ? 43  DA  E OP2   1 
ATOM   849  O "O5'" . DA  E 1 3  ? 2.414   -30.079 8.342   0.46 48.34 ? 43  DA  E "O5'" 1 
ATOM   850  C "C5'" . DA  E 1 3  ? 1.859   -28.893 7.889   0.46 45.47 ? 43  DA  E "C5'" 1 
ATOM   851  C "C4'" . DA  E 1 3  ? 0.394   -28.750 8.199   0.46 44.32 ? 43  DA  E "C4'" 1 
ATOM   852  O "O4'" . DA  E 1 3  ? 0.168   -27.343 8.364   0.46 45.49 ? 43  DA  E "O4'" 1 
ATOM   853  C "C3'" . DA  E 1 3  ? -0.551  -29.265 7.119   0.46 43.76 ? 43  DA  E "C3'" 1 
ATOM   854  O "O3'" . DA  E 1 3  ? -1.641  -29.994 7.751   0.46 47.21 ? 43  DA  E "O3'" 1 
ATOM   855  C "C2'" . DA  E 1 3  ? -1.082  -27.993 6.438   0.46 40.31 ? 43  DA  E "C2'" 1 
ATOM   856  C "C1'" . DA  E 1 3  ? -0.712  -26.846 7.391   0.46 41.97 ? 43  DA  E "C1'" 1 
ATOM   857  N N9    . DA  E 1 3  ? -0.088  -25.684 6.752   0.46 39.54 ? 43  DA  E N9    1 
ATOM   858  C C8    . DA  E 1 3  ? 1.027   -25.620 5.942   0.46 35.99 ? 43  DA  E C8    1 
ATOM   859  N N7    . DA  E 1 3  ? 1.304   -24.399 5.524   0.46 32.95 ? 43  DA  E N7    1 
ATOM   860  C C5    . DA  E 1 3  ? 0.299   -23.619 6.086   0.46 34.81 ? 43  DA  E C5    1 
ATOM   861  C C6    . DA  E 1 3  ? 0.001   -22.234 6.046   0.46 31.86 ? 43  DA  E C6    1 
ATOM   862  N N6    . DA  E 1 3  ? 0.709   -21.317 5.377   0.46 28.35 ? 43  DA  E N6    1 
ATOM   863  N N1    . DA  E 1 3  ? -1.074  -21.816 6.735   0.46 32.66 ? 43  DA  E N1    1 
ATOM   864  C C2    . DA  E 1 3  ? -1.802  -22.705 7.411   0.46 36.20 ? 43  DA  E C2    1 
ATOM   865  N N3    . DA  E 1 3  ? -1.630  -24.012 7.525   0.46 34.40 ? 43  DA  E N3    1 
ATOM   866  C C4    . DA  E 1 3  ? -0.564  -24.408 6.834   0.46 36.35 ? 43  DA  E C4    1 
ATOM   867  P P     . DA  E 1 4  ? -2.776  -30.767 6.886   0.46 47.91 ? 44  DA  E P     1 
ATOM   868  O OP1   . DA  E 1 4  ? -3.422  -31.714 7.834   0.46 47.33 ? 44  DA  E OP1   1 
ATOM   869  O OP2   . DA  E 1 4  ? -2.188  -31.278 5.624   0.46 40.71 ? 44  DA  E OP2   1 
ATOM   870  O "O5'" . DA  E 1 4  ? -3.842  -29.613 6.493   0.46 41.82 ? 44  DA  E "O5'" 1 
ATOM   871  C "C5'" . DA  E 1 4  ? -4.682  -29.051 7.510   0.46 40.32 ? 44  DA  E "C5'" 1 
ATOM   872  C "C4'" . DA  E 1 4  ? -5.357  -27.746 7.094   0.46 37.32 ? 44  DA  E "C4'" 1 
ATOM   873  O "O4'" . DA  E 1 4  ? -4.357  -26.749 6.794   0.46 37.36 ? 44  DA  E "O4'" 1 
ATOM   874  C "C3'" . DA  E 1 4  ? -6.343  -27.794 5.921   0.46 36.98 ? 44  DA  E "C3'" 1 
ATOM   875  O "O3'" . DA  E 1 4  ? -7.654  -27.370 6.372   0.46 37.02 ? 44  DA  E "O3'" 1 
ATOM   876  C "C2'" . DA  E 1 4  ? -5.805  -26.787 4.904   0.46 37.87 ? 44  DA  E "C2'" 1 
ATOM   877  C "C1'" . DA  E 1 4  ? -4.717  -26.035 5.644   0.46 36.31 ? 44  DA  E "C1'" 1 
ATOM   878  N N9    . DA  E 1 4  ? -3.555  -25.644 4.863   0.46 38.60 ? 44  DA  E N9    1 
ATOM   879  C C8    . DA  E 1 4  ? -2.545  -26.412 4.344   0.46 41.72 ? 44  DA  E C8    1 
ATOM   880  N N7    . DA  E 1 4  ? -1.641  -25.716 3.679   0.46 39.00 ? 44  DA  E N7    1 
ATOM   881  C C5    . DA  E 1 4  ? -2.110  -24.407 3.763   0.46 37.06 ? 44  DA  E C5    1 
ATOM   882  C C6    . DA  E 1 4  ? -1.634  -23.176 3.270   0.46 36.06 ? 44  DA  E C6    1 
ATOM   883  N N6    . DA  E 1 4  ? -0.513  -23.021 2.547   0.46 33.01 ? 44  DA  E N6    1 
ATOM   884  N N1    . DA  E 1 4  ? -2.361  -22.080 3.545   0.46 37.14 ? 44  DA  E N1    1 
ATOM   885  C C2    . DA  E 1 4  ? -3.477  -22.196 4.263   0.46 35.70 ? 44  DA  E C2    1 
ATOM   886  N N3    . DA  E 1 4  ? -4.021  -23.285 4.774   0.46 37.04 ? 44  DA  E N3    1 
ATOM   887  C C4    . DA  E 1 4  ? -3.290  -24.360 4.479   0.46 38.03 ? 44  DA  E C4    1 
ATOM   888  P P     . DG  E 1 5  ? -8.951  -27.521 5.434   0.46 35.78 ? 45  DG  E P     1 
ATOM   889  O OP1   . DG  E 1 5  ? -10.156 -27.653 6.281   0.46 26.73 ? 45  DG  E OP1   1 
ATOM   890  O OP2   . DG  E 1 5  ? -8.653  -28.510 4.375   0.46 39.56 ? 45  DG  E OP2   1 
ATOM   891  O "O5'" . DG  E 1 5  ? -9.011  -26.112 4.753   0.46 33.58 ? 45  DG  E "O5'" 1 
ATOM   892  C "C5'" . DG  E 1 5  ? -9.207  -25.025 5.557   0.46 36.60 ? 45  DG  E "C5'" 1 
ATOM   893  C "C4'" . DG  E 1 5  ? -8.946  -23.792 4.753   0.46 40.63 ? 45  DG  E "C4'" 1 
ATOM   894  O "O4'" . DG  E 1 5  ? -7.590  -23.840 4.277   0.46 46.60 ? 45  DG  E "O4'" 1 
ATOM   895  C "C3'" . DG  E 1 5  ? -9.859  -23.606 3.548   0.46 41.29 ? 45  DG  E "C3'" 1 
ATOM   896  O "O3'" . DG  E 1 5  ? -10.664 -22.464 3.743   0.46 41.79 ? 45  DG  E "O3'" 1 
ATOM   897  C "C2'" . DG  E 1 5  ? -8.932  -23.398 2.348   0.46 45.29 ? 45  DG  E "C2'" 1 
ATOM   898  C "C1'" . DG  E 1 5  ? -7.553  -23.333 2.971   0.46 49.41 ? 45  DG  E "C1'" 1 
ATOM   899  N N9    . DG  E 1 5  ? -6.425  -23.839 2.205   0.46 51.95 ? 45  DG  E N9    1 
ATOM   900  C C8    . DG  E 1 5  ? -6.079  -25.124 1.810   0.46 49.10 ? 45  DG  E C8    1 
ATOM   901  N N7    . DG  E 1 5  ? -4.958  -25.147 1.104   0.46 45.06 ? 45  DG  E N7    1 
ATOM   902  C C5    . DG  E 1 5  ? -4.572  -23.802 1.042   0.46 43.03 ? 45  DG  E C5    1 
ATOM   903  C C6    . DG  E 1 5  ? -3.466  -23.175 0.435   0.46 37.59 ? 45  DG  E C6    1 
ATOM   904  O O6    . DG  E 1 5  ? -2.547  -23.688 -0.215  0.46 41.16 ? 45  DG  E O6    1 
ATOM   905  N N1    . DG  E 1 5  ? -3.484  -21.799 0.636   0.46 31.18 ? 45  DG  E N1    1 
ATOM   906  C C2    . DG  E 1 5  ? -4.453  -21.120 1.332   0.46 35.56 ? 45  DG  E C2    1 
ATOM   907  N N2    . DG  E 1 5  ? -4.334  -19.790 1.424   0.46 36.31 ? 45  DG  E N2    1 
ATOM   908  N N3    . DG  E 1 5  ? -5.486  -21.689 1.897   0.46 39.11 ? 45  DG  E N3    1 
ATOM   909  C C4    . DG  E 1 5  ? -5.478  -23.012 1.703   0.46 45.40 ? 45  DG  E C4    1 
ATOM   910  P P     . DA  E 1 6  ? -11.884 -22.203 2.753   0.46 40.87 ? 46  DA  E P     1 
ATOM   911  O OP1   . DA  E 1 6  ? -12.853 -21.309 3.439   0.46 36.70 ? 46  DA  E OP1   1 
ATOM   912  O OP2   . DA  E 1 6  ? -12.320 -23.513 2.203   0.46 41.88 ? 46  DA  E OP2   1 
ATOM   913  O "O5'" . DA  E 1 6  ? -11.155 -21.387 1.610   0.46 35.96 ? 46  DA  E "O5'" 1 
ATOM   914  C "C5'" . DA  E 1 6  ? -10.514 -20.208 1.999   0.46 41.57 ? 46  DA  E "C5'" 1 
ATOM   915  C "C4'" . DA  E 1 6  ? -9.909  -19.488 0.813   0.46 42.51 ? 46  DA  E "C4'" 1 
ATOM   916  O "O4'" . DA  E 1 6  ? -8.550  -19.896 0.537   0.46 36.38 ? 46  DA  E "O4'" 1 
ATOM   917  C "C3'" . DA  E 1 6  ? -10.716 -19.500 -0.476  0.46 41.27 ? 46  DA  E "C3'" 1 
ATOM   918  O "O3'" . DA  E 1 6  ? -11.153 -18.165 -0.685  0.46 46.01 ? 46  DA  E "O3'" 1 
ATOM   919  C "C2'" . DA  E 1 6  ? -9.715  -19.962 -1.548  0.46 39.72 ? 46  DA  E "C2'" 1 
ATOM   920  C "C1'" . DA  E 1 6  ? -8.350  -19.965 -0.846  0.46 36.23 ? 46  DA  E "C1'" 1 
ATOM   921  N N9    . DA  E 1 6  ? -7.456  -21.071 -1.116  0.46 35.47 ? 46  DA  E N9    1 
ATOM   922  C C8    . DA  E 1 6  ? -7.600  -22.386 -0.787  0.46 34.08 ? 46  DA  E C8    1 
ATOM   923  N N7    . DA  E 1 6  ? -6.591  -23.137 -1.172  0.46 34.86 ? 46  DA  E N7    1 
ATOM   924  C C5    . DA  E 1 6  ? -5.730  -22.251 -1.797  0.46 34.73 ? 46  DA  E C5    1 
ATOM   925  C C6    . DA  E 1 6  ? -4.473  -22.405 -2.425  0.46 33.25 ? 46  DA  E C6    1 
ATOM   926  N N6    . DA  E 1 6  ? -3.832  -23.573 -2.535  0.46 33.13 ? 46  DA  E N6    1 
ATOM   927  N N1    . DA  E 1 6  ? -3.894  -21.307 -2.944  0.46 34.34 ? 46  DA  E N1    1 
ATOM   928  C C2    . DA  E 1 6  ? -4.525  -20.129 -2.836  0.46 35.59 ? 46  DA  E C2    1 
ATOM   929  N N3    . DA  E 1 6  ? -5.696  -19.852 -2.273  0.46 37.25 ? 46  DA  E N3    1 
ATOM   930  C C4    . DA  E 1 6  ? -6.255  -20.969 -1.775  0.46 38.00 ? 46  DA  E C4    1 
ATOM   931  P P     . DA  E 1 7  ? -12.070 -17.729 -1.928  0.46 49.09 ? 47  DA  E P     1 
ATOM   932  O OP1   . DA  E 1 7  ? -13.006 -16.677 -1.453  0.46 50.94 ? 47  DA  E OP1   1 
ATOM   933  O OP2   . DA  E 1 7  ? -12.572 -18.936 -2.649  0.46 45.68 ? 47  DA  E OP2   1 
ATOM   934  O "O5'" . DA  E 1 7  ? -11.008 -17.023 -2.852  0.46 48.45 ? 47  DA  E "O5'" 1 
ATOM   935  C "C5'" . DA  E 1 7  ? -10.263 -15.965 -2.327  0.46 44.11 ? 47  DA  E "C5'" 1 
ATOM   936  C "C4'" . DA  E 1 7  ? -9.143  -15.653 -3.283  0.46 40.82 ? 47  DA  E "C4'" 1 
ATOM   937  O "O4'" . DA  E 1 7  ? -8.177  -16.736 -3.293  0.46 35.48 ? 47  DA  E "O4'" 1 
ATOM   938  C "C3'" . DA  E 1 7  ? -9.606  -15.417 -4.714  0.46 38.66 ? 47  DA  E "C3'" 1 
ATOM   939  O "O3'" . DA  E 1 7  ? -9.215  -14.070 -5.063  0.46 46.95 ? 47  DA  E "O3'" 1 
ATOM   940  C "C2'" . DA  E 1 7  ? -8.920  -16.502 -5.548  0.46 33.70 ? 47  DA  E "C2'" 1 
ATOM   941  C "C1'" . DA  E 1 7  ? -7.856  -17.087 -4.615  0.46 32.72 ? 47  DA  E "C1'" 1 
ATOM   942  N N9    . DA  E 1 7  ? -7.599  -18.514 -4.747  0.46 29.83 ? 47  DA  E N9    1 
ATOM   943  C C8    . DA  E 1 7  ? -8.424  -19.559 -4.482  0.46 24.92 ? 47  DA  E C8    1 
ATOM   944  N N7    . DA  E 1 7  ? -7.884  -20.728 -4.727  0.46 26.63 ? 47  DA  E N7    1 
ATOM   945  C C5    . DA  E 1 7  ? -6.618  -20.423 -5.193  0.46 28.29 ? 47  DA  E C5    1 
ATOM   946  C C6    . DA  E 1 7  ? -5.539  -21.218 -5.633  0.46 26.84 ? 47  DA  E C6    1 
ATOM   947  N N6    . DA  E 1 7  ? -5.587  -22.549 -5.672  0.46 25.57 ? 47  DA  E N6    1 
ATOM   948  N N1    . DA  E 1 7  ? -4.423  -20.600 -6.037  0.46 23.67 ? 47  DA  E N1    1 
ATOM   949  C C2    . DA  E 1 7  ? -4.389  -19.271 -6.005  0.46 26.65 ? 47  DA  E C2    1 
ATOM   950  N N3    . DA  E 1 7  ? -5.332  -18.419 -5.619  0.46 27.96 ? 47  DA  E N3    1 
ATOM   951  C C4    . DA  E 1 7  ? -6.433  -19.065 -5.229  0.46 28.68 ? 47  DA  E C4    1 
ATOM   952  P P     . DA  E 1 8  ? -9.461  -13.436 -6.517  0.46 52.91 ? 48  DA  E P     1 
ATOM   953  O OP1   . DA  E 1 8  ? -10.029 -12.074 -6.348  0.46 55.83 ? 48  DA  E OP1   1 
ATOM   954  O OP2   . DA  E 1 8  ? -10.183 -14.446 -7.336  0.46 58.37 ? 48  DA  E OP2   1 
ATOM   955  O "O5'" . DA  E 1 8  ? -7.967  -13.347 -7.082  0.46 42.68 ? 48  DA  E "O5'" 1 
ATOM   956  C "C5'" . DA  E 1 8  ? -7.240  -14.560 -7.080  0.46 40.48 ? 48  DA  E "C5'" 1 
ATOM   957  C "C4'" . DA  E 1 8  ? -6.008  -14.593 -7.957  0.46 39.90 ? 48  DA  E "C4'" 1 
ATOM   958  O "O4'" . DA  E 1 8  ? -5.526  -15.959 -7.927  0.46 38.31 ? 48  DA  E "O4'" 1 
ATOM   959  C "C3'" . DA  E 1 8  ? -6.252  -14.238 -9.426  0.46 41.12 ? 48  DA  E "C3'" 1 
ATOM   960  O "O3'" . DA  E 1 8  ? -5.113  -13.433 -9.863  0.46 46.88 ? 48  DA  E "O3'" 1 
ATOM   961  C "C2'" . DA  E 1 8  ? -6.291  -15.588 -10.144 0.46 36.61 ? 48  DA  E "C2'" 1 
ATOM   962  C "C1'" . DA  E 1 8  ? -5.571  -16.548 -9.202  0.46 32.02 ? 48  DA  E "C1'" 1 
ATOM   963  N N9    . DA  E 1 8  ? -6.176  -17.861 -9.121  0.46 29.77 ? 48  DA  E N9    1 
ATOM   964  C C8    . DA  E 1 8  ? -7.431  -18.201 -8.719  0.46 31.83 ? 48  DA  E C8    1 
ATOM   965  N N7    . DA  E 1 8  ? -7.674  -19.495 -8.779  0.46 31.57 ? 48  DA  E N7    1 
ATOM   966  C C5    . DA  E 1 8  ? -6.491  -20.025 -9.269  0.46 29.66 ? 48  DA  E C5    1 
ATOM   967  C C6    . DA  E 1 8  ? -6.075  -21.336 -9.576  0.46 30.17 ? 48  DA  E C6    1 
ATOM   968  N N6    . DA  E 1 8  ? -6.835  -22.417 -9.426  0.46 33.26 ? 48  DA  E N6    1 
ATOM   969  N N1    . DA  E 1 8  ? -4.828  -21.504 -10.044 0.46 33.34 ? 48  DA  E N1    1 
ATOM   970  C C2    . DA  E 1 8  ? -4.043  -20.437 -10.196 0.46 30.66 ? 48  DA  E C2    1 
ATOM   971  N N3    . DA  E 1 8  ? -4.331  -19.169 -9.953  0.46 30.46 ? 48  DA  E N3    1 
ATOM   972  C C4    . DA  E 1 8  ? -5.574  -19.029 -9.497  0.46 28.56 ? 48  DA  E C4    1 
ATOM   973  P P     . DA  E 1 9  ? -4.983  -12.823 -11.347 0.46 53.07 ? 49  DA  E P     1 
ATOM   974  O OP1   . DA  E 1 9  ? -4.330  -11.504 -11.213 0.46 59.13 ? 49  DA  E OP1   1 
ATOM   975  O OP2   . DA  E 1 9  ? -6.317  -12.913 -11.980 0.46 54.14 ? 49  DA  E OP2   1 
ATOM   976  O "O5'" . DA  E 1 9  ? -3.959  -13.811 -12.126 0.46 45.19 ? 49  DA  E "O5'" 1 
ATOM   977  C "C5'" . DA  E 1 9  ? -4.300  -15.170 -12.328 0.46 46.98 ? 49  DA  E "C5'" 1 
ATOM   978  C "C4'" . DA  E 1 9  ? -3.129  -16.095 -12.641 0.46 54.10 ? 49  DA  E "C4'" 1 
ATOM   979  O "O4'" . DA  E 1 9  ? -3.446  -17.368 -12.055 0.46 53.67 ? 49  DA  E "O4'" 1 
ATOM   980  C "C3'" . DA  E 1 9  ? -2.864  -16.338 -14.130 0.46 60.38 ? 49  DA  E "C3'" 1 
ATOM   981  O "O3'" . DA  E 1 9  ? -1.442  -16.468 -14.367 0.46 64.44 ? 49  DA  E "O3'" 1 
ATOM   982  C "C2'" . DA  E 1 9  ? -3.532  -17.688 -14.410 0.46 57.08 ? 49  DA  E "C2'" 1 
ATOM   983  C "C1'" . DA  E 1 9  ? -3.725  -18.332 -13.039 0.46 51.11 ? 49  DA  E "C1'" 1 
ATOM   984  N N9    . DA  E 1 9  ? -5.054  -18.881 -12.752 0.46 43.18 ? 49  DA  E N9    1 
ATOM   985  C C8    . DA  E 1 9  ? -6.171  -18.216 -12.352 0.46 37.61 ? 49  DA  E C8    1 
ATOM   986  N N7    . DA  E 1 9  ? -7.205  -19.002 -12.160 0.46 37.36 ? 49  DA  E N7    1 
ATOM   987  C C5    . DA  E 1 9  ? -6.734  -20.263 -12.455 0.46 34.68 ? 49  DA  E C5    1 
ATOM   988  C C6    . DA  E 1 9  ? -7.336  -21.531 -12.450 0.46 38.05 ? 49  DA  E C6    1 
ATOM   989  N N6    . DA  E 1 9  ? -8.612  -21.738 -12.118 0.46 45.29 ? 49  DA  E N6    1 
ATOM   990  N N1    . DA  E 1 9  ? -6.579  -22.589 -12.790 0.46 36.81 ? 49  DA  E N1    1 
ATOM   991  C C2    . DA  E 1 9  ? -5.312  -22.371 -13.122 0.46 33.96 ? 49  DA  E C2    1 
ATOM   992  N N3    . DA  E 1 9  ? -4.638  -21.234 -13.158 0.46 34.06 ? 49  DA  E N3    1 
ATOM   993  C C4    . DA  E 1 9  ? -5.418  -20.207 -12.825 0.46 37.76 ? 49  DA  E C4    1 
ATOM   994  P P     . DG  E 1 10 ? -0.847  -16.446 -15.865 0.46 67.33 ? 50  DG  E P     1 
ATOM   995  O OP1   . DG  E 1 10 ? 0.623   -16.314 -15.766 0.46 63.58 ? 50  DG  E OP1   1 
ATOM   996  O OP2   . DG  E 1 10 ? -1.638  -15.455 -16.645 0.46 65.75 ? 50  DG  E OP2   1 
ATOM   997  O "O5'" . DG  E 1 10 ? -1.155  -17.928 -16.413 0.46 71.04 ? 50  DG  E "O5'" 1 
ATOM   998  C "C5'" . DG  E 1 10 ? -0.639  -19.083 -15.752 0.46 69.62 ? 50  DG  E "C5'" 1 
ATOM   999  C "C4'" . DG  E 1 10 ? -1.497  -20.329 -15.978 0.46 65.37 ? 50  DG  E "C4'" 1 
ATOM   1000 O "O4'" . DG  E 1 10 ? -2.807  -20.198 -15.388 0.46 64.23 ? 50  DG  E "O4'" 1 
ATOM   1001 C "C3'" . DG  E 1 10 ? -1.706  -20.859 -17.404 0.46 61.79 ? 50  DG  E "C3'" 1 
ATOM   1002 O "O3'" . DG  E 1 10 ? -1.179  -22.173 -17.450 0.46 62.21 ? 50  DG  E "O3'" 1 
ATOM   1003 C "C2'" . DG  E 1 10 ? -3.214  -20.942 -17.612 0.46 58.34 ? 50  DG  E "C2'" 1 
ATOM   1004 C "C1'" . DG  E 1 10 ? -3.748  -20.834 -16.215 0.46 57.58 ? 50  DG  E "C1'" 1 
ATOM   1005 N N9    . DG  E 1 10 ? -5.144  -20.476 -15.940 0.46 48.43 ? 50  DG  E N9    1 
ATOM   1006 C C8    . DG  E 1 10 ? -5.721  -19.245 -15.723 0.46 46.47 ? 50  DG  E C8    1 
ATOM   1007 N N7    . DG  E 1 10 ? -7.011  -19.311 -15.474 0.46 40.87 ? 50  DG  E N7    1 
ATOM   1008 C C5    . DG  E 1 10 ? -7.296  -20.669 -15.539 0.46 36.17 ? 50  DG  E C5    1 
ATOM   1009 C C6    . DG  E 1 10 ? -8.513  -21.369 -15.356 0.46 34.75 ? 50  DG  E C6    1 
ATOM   1010 O O6    . DG  E 1 10 ? -9.630  -20.912 -15.094 0.46 38.88 ? 50  DG  E O6    1 
ATOM   1011 N N1    . DG  E 1 10 ? -8.354  -22.732 -15.506 0.46 36.65 ? 50  DG  E N1    1 
ATOM   1012 C C2    . DG  E 1 10 ? -7.152  -23.341 -15.790 0.46 42.77 ? 50  DG  E C2    1 
ATOM   1013 N N2    . DG  E 1 10 ? -7.155  -24.675 -15.912 0.46 45.34 ? 50  DG  E N2    1 
ATOM   1014 N N3    . DG  E 1 10 ? -6.013  -22.695 -15.958 0.46 41.59 ? 50  DG  E N3    1 
ATOM   1015 C C4    . DG  E 1 10 ? -6.160  -21.377 -15.825 0.46 41.19 ? 50  DG  E C4    1 
ATOM   1016 O "O5'" . DC  F 2 1  ? -12.555 -32.468 -13.720 0.46 65.75 ? 51  DC  F "O5'" 1 
ATOM   1017 C "C5'" . DC  F 2 1  ? -12.324 -31.096 -14.039 0.46 65.61 ? 51  DC  F "C5'" 1 
ATOM   1018 C "C4'" . DC  F 2 1  ? -10.843 -30.759 -14.025 0.46 66.83 ? 51  DC  F "C4'" 1 
ATOM   1019 O "O4'" . DC  F 2 1  ? -10.627 -29.586 -14.846 0.46 65.81 ? 51  DC  F "O4'" 1 
ATOM   1020 C "C3'" . DC  F 2 1  ? -10.184 -30.482 -12.662 0.46 69.51 ? 51  DC  F "C3'" 1 
ATOM   1021 O "O3'" . DC  F 2 1  ? -9.330  -31.505 -12.226 0.46 74.23 ? 51  DC  F "O3'" 1 
ATOM   1022 C "C2'" . DC  F 2 1  ? -9.329  -29.236 -12.868 0.46 66.64 ? 51  DC  F "C2'" 1 
ATOM   1023 C "C1'" . DC  F 2 1  ? -9.612  -28.778 -14.292 0.46 64.95 ? 51  DC  F "C1'" 1 
ATOM   1024 N N1    . DC  F 2 1  ? -9.933  -27.332 -14.323 0.46 60.93 ? 51  DC  F N1    1 
ATOM   1025 C C2    . DC  F 2 1  ? -8.982  -26.485 -14.875 0.46 60.60 ? 51  DC  F C2    1 
ATOM   1026 O O2    . DC  F 2 1  ? -7.941  -26.977 -15.343 0.46 64.77 ? 51  DC  F O2    1 
ATOM   1027 N N3    . DC  F 2 1  ? -9.218  -25.153 -14.906 0.46 53.10 ? 51  DC  F N3    1 
ATOM   1028 C C4    . DC  F 2 1  ? -10.343 -24.667 -14.397 0.46 47.23 ? 51  DC  F C4    1 
ATOM   1029 N N4    . DC  F 2 1  ? -10.530 -23.340 -14.452 0.46 43.29 ? 51  DC  F N4    1 
ATOM   1030 C C5    . DC  F 2 1  ? -11.328 -25.518 -13.811 0.46 47.16 ? 51  DC  F C5    1 
ATOM   1031 C C6    . DC  F 2 1  ? -11.086 -26.832 -13.787 0.46 52.70 ? 51  DC  F C6    1 
ATOM   1032 P P     . DT  F 2 2  ? -8.612  -31.288 -10.805 0.46 77.84 ? 52  DT  F P     1 
ATOM   1033 O OP1   . DT  F 2 2  ? -8.199  -32.612 -10.287 0.46 76.79 ? 52  DT  F OP1   1 
ATOM   1034 O OP2   . DT  F 2 2  ? -9.482  -30.413 -9.986  0.46 80.37 ? 52  DT  F OP2   1 
ATOM   1035 O "O5'" . DT  F 2 2  ? -7.312  -30.448 -11.219 0.46 72.13 ? 52  DT  F "O5'" 1 
ATOM   1036 C "C5'" . DT  F 2 2  ? -6.510  -30.917 -12.300 0.46 67.47 ? 52  DT  F "C5'" 1 
ATOM   1037 C "C4'" . DT  F 2 2  ? -5.383  -29.965 -12.654 0.46 60.99 ? 52  DT  F "C4'" 1 
ATOM   1038 O "O4'" . DT  F 2 2  ? -5.931  -28.712 -13.118 0.46 59.30 ? 52  DT  F "O4'" 1 
ATOM   1039 C "C3'" . DT  F 2 2  ? -4.420  -29.654 -11.523 0.46 55.74 ? 52  DT  F "C3'" 1 
ATOM   1040 O "O3'" . DT  F 2 2  ? -3.125  -30.179 -11.795 0.46 53.66 ? 52  DT  F "O3'" 1 
ATOM   1041 C "C2'" . DT  F 2 2  ? -4.403  -28.137 -11.366 0.46 54.47 ? 52  DT  F "C2'" 1 
ATOM   1042 C "C1'" . DT  F 2 2  ? -5.321  -27.623 -12.458 0.46 57.20 ? 52  DT  F "C1'" 1 
ATOM   1043 N N1    . DT  F 2 2  ? -6.340  -26.636 -11.997 0.46 57.41 ? 52  DT  F N1    1 
ATOM   1044 C C2    . DT  F 2 2  ? -5.961  -25.319 -11.912 0.46 53.62 ? 52  DT  F C2    1 
ATOM   1045 O O2    . DT  F 2 2  ? -4.834  -24.946 -12.181 0.46 54.16 ? 52  DT  F O2    1 
ATOM   1046 N N3    . DT  F 2 2  ? -6.945  -24.466 -11.489 0.46 50.24 ? 52  DT  F N3    1 
ATOM   1047 C C4    . DT  F 2 2  ? -8.248  -24.803 -11.156 0.46 56.00 ? 52  DT  F C4    1 
ATOM   1048 O O4    . DT  F 2 2  ? -9.038  -23.935 -10.788 0.46 60.80 ? 52  DT  F O4    1 
ATOM   1049 C C5    . DT  F 2 2  ? -8.574  -26.196 -11.279 0.46 56.80 ? 52  DT  F C5    1 
ATOM   1050 C C7    . DT  F 2 2  ? -9.956  -26.677 -10.948 0.46 58.33 ? 52  DT  F C7    1 
ATOM   1051 C C6    . DT  F 2 2  ? -7.620  -27.036 -11.689 0.46 59.08 ? 52  DT  F C6    1 
ATOM   1052 P P     . DT  F 2 3  ? -1.966  -30.040 -10.693 0.46 52.85 ? 53  DT  F P     1 
ATOM   1053 O OP1   . DT  F 2 3  ? -1.644  -31.423 -10.268 0.46 58.04 ? 53  DT  F OP1   1 
ATOM   1054 O OP2   . DT  F 2 3  ? -2.365  -29.035 -9.677  0.46 51.37 ? 53  DT  F OP2   1 
ATOM   1055 O "O5'" . DT  F 2 3  ? -0.694  -29.443 -11.478 0.46 50.89 ? 53  DT  F "O5'" 1 
ATOM   1056 C "C5'" . DT  F 2 3  ? -0.654  -28.190 -12.183 0.46 49.19 ? 53  DT  F "C5'" 1 
ATOM   1057 C "C4'" . DT  F 2 3  ? -0.479  -26.973 -11.281 0.46 49.74 ? 53  DT  F "C4'" 1 
ATOM   1058 O "O4'" . DT  F 2 3  ? -1.687  -26.199 -11.132 0.46 49.14 ? 53  DT  F "O4'" 1 
ATOM   1059 C "C3'" . DT  F 2 3  ? 0.153   -27.175 -9.917  0.46 50.90 ? 53  DT  F "C3'" 1 
ATOM   1060 O "O3'" . DT  F 2 3  ? 1.396   -26.505 -9.764  0.46 54.48 ? 53  DT  F "O3'" 1 
ATOM   1061 C "C2'" . DT  F 2 3  ? -0.818  -26.492 -8.955  0.46 51.71 ? 53  DT  F "C2'" 1 
ATOM   1062 C "C1'" . DT  F 2 3  ? -1.747  -25.664 -9.836  0.46 48.49 ? 53  DT  F "C1'" 1 
ATOM   1063 N N1    . DT  F 2 3  ? -3.152  -25.559 -9.366  0.46 43.29 ? 53  DT  F N1    1 
ATOM   1064 C C2    . DT  F 2 3  ? -3.711  -24.321 -9.447  0.46 34.68 ? 53  DT  F C2    1 
ATOM   1065 O O2    . DT  F 2 3  ? -3.113  -23.374 -9.914  0.46 40.04 ? 53  DT  F O2    1 
ATOM   1066 N N3    . DT  F 2 3  ? -5.003  -24.230 -9.017  0.46 29.32 ? 53  DT  F N3    1 
ATOM   1067 C C4    . DT  F 2 3  ? -5.771  -25.239 -8.481  0.46 41.36 ? 53  DT  F C4    1 
ATOM   1068 O O4    . DT  F 2 3  ? -6.927  -25.010 -8.114  0.46 44.60 ? 53  DT  F O4    1 
ATOM   1069 C C5    . DT  F 2 3  ? -5.119  -26.526 -8.395  0.46 49.04 ? 53  DT  F C5    1 
ATOM   1070 C C7    . DT  F 2 3  ? -5.875  -27.691 -7.827  0.46 50.15 ? 53  DT  F C7    1 
ATOM   1071 C C6    . DT  F 2 3  ? -3.843  -26.629 -8.832  0.46 46.53 ? 53  DT  F C6    1 
ATOM   1072 P P     . DT  F 2 4  ? 2.598   -26.432 -10.830 0.46 62.38 ? 54  DT  F P     1 
ATOM   1073 O OP1   . DT  F 2 4  ? 2.052   -26.146 -12.176 0.46 67.92 ? 54  DT  F OP1   1 
ATOM   1074 O OP2   . DT  F 2 4  ? 3.507   -27.588 -10.627 0.46 62.74 ? 54  DT  F OP2   1 
ATOM   1075 O "O5'" . DT  F 2 4  ? 3.322   -25.103 -10.283 0.46 57.92 ? 54  DT  F "O5'" 1 
ATOM   1076 C "C5'" . DT  F 2 4  ? 2.911   -23.815 -10.762 0.46 53.68 ? 54  DT  F "C5'" 1 
ATOM   1077 C "C4'" . DT  F 2 4  ? 2.582   -22.762 -9.695  0.46 49.60 ? 54  DT  F "C4'" 1 
ATOM   1078 O "O4'" . DT  F 2 4  ? 1.189   -22.715 -9.372  0.46 46.28 ? 54  DT  F "O4'" 1 
ATOM   1079 C "C3'" . DT  F 2 4  ? 3.398   -22.556 -8.417  0.46 48.95 ? 54  DT  F "C3'" 1 
ATOM   1080 O "O3'" . DT  F 2 4  ? 4.071   -21.289 -8.532  0.46 55.48 ? 54  DT  F "O3'" 1 
ATOM   1081 C "C2'" . DT  F 2 4  ? 2.339   -22.427 -7.315  0.46 47.12 ? 54  DT  F "C2'" 1 
ATOM   1082 C "C1'" . DT  F 2 4  ? 1.043   -22.202 -8.086  0.46 44.93 ? 54  DT  F "C1'" 1 
ATOM   1083 N N1    . DT  F 2 4  ? -0.199  -22.667 -7.496  0.46 44.94 ? 54  DT  F N1    1 
ATOM   1084 C C2    . DT  F 2 4  ? -1.156  -21.697 -7.297  0.46 40.51 ? 54  DT  F C2    1 
ATOM   1085 O O2    . DT  F 2 4  ? -0.983  -20.521 -7.609  0.46 34.93 ? 54  DT  F O2    1 
ATOM   1086 N N3    . DT  F 2 4  ? -2.326  -22.165 -6.744  0.46 41.67 ? 54  DT  F N3    1 
ATOM   1087 C C4    . DT  F 2 4  ? -2.599  -23.484 -6.366  0.46 43.74 ? 54  DT  F C4    1 
ATOM   1088 O O4    . DT  F 2 4  ? -3.675  -23.788 -5.868  0.46 45.58 ? 54  DT  F O4    1 
ATOM   1089 C C5    . DT  F 2 4  ? -1.561  -24.434 -6.596  0.46 40.48 ? 54  DT  F C5    1 
ATOM   1090 C C7    . DT  F 2 4  ? -1.815  -25.858 -6.203  0.46 39.86 ? 54  DT  F C7    1 
ATOM   1091 C C6    . DT  F 2 4  ? -0.407  -23.998 -7.147  0.46 41.98 ? 54  DT  F C6    1 
ATOM   1092 P P     . DT  F 2 5  ? 5.057   -20.753 -7.376  0.46 59.06 ? 55  DT  F P     1 
ATOM   1093 O OP1   . DT  F 2 5  ? 6.193   -20.072 -8.042  0.46 60.52 ? 55  DT  F OP1   1 
ATOM   1094 O OP2   . DT  F 2 5  ? 5.303   -21.876 -6.440  0.46 61.23 ? 55  DT  F OP2   1 
ATOM   1095 O "O5'" . DT  F 2 5  ? 4.199   -19.641 -6.601  0.46 53.25 ? 55  DT  F "O5'" 1 
ATOM   1096 C "C5'" . DT  F 2 5  ? 3.801   -18.465 -7.282  0.46 49.75 ? 55  DT  F "C5'" 1 
ATOM   1097 C "C4'" . DT  F 2 5  ? 2.598   -17.822 -6.614  0.46 46.55 ? 55  DT  F "C4'" 1 
ATOM   1098 O "O4'" . DT  F 2 5  ? 1.553   -18.805 -6.455  0.46 46.29 ? 55  DT  F "O4'" 1 
ATOM   1099 C "C3'" . DT  F 2 5  ? 2.816   -17.170 -5.246  0.46 44.24 ? 55  DT  F "C3'" 1 
ATOM   1100 O "O3'" . DT  F 2 5  ? 2.504   -15.789 -5.291  0.46 40.29 ? 55  DT  F "O3'" 1 
ATOM   1101 C "C2'" . DT  F 2 5  ? 1.828   -17.840 -4.304  0.46 42.42 ? 55  DT  F "C2'" 1 
ATOM   1102 C "C1'" . DT  F 2 5  ? 0.920   -18.621 -5.226  0.46 41.48 ? 55  DT  F "C1'" 1 
ATOM   1103 N N1    . DT  F 2 5  ? 0.376   -19.843 -4.651  0.46 39.04 ? 55  DT  F N1    1 
ATOM   1104 C C2    . DT  F 2 5  ? -0.948  -19.785 -4.302  0.46 32.48 ? 55  DT  F C2    1 
ATOM   1105 O O2    . DT  F 2 5  ? -1.635  -18.790 -4.485  0.46 26.73 ? 55  DT  F O2    1 
ATOM   1106 N N3    . DT  F 2 5  ? -1.446  -20.922 -3.750  0.46 32.62 ? 55  DT  F N3    1 
ATOM   1107 C C4    . DT  F 2 5  ? -0.758  -22.086 -3.510  0.46 42.00 ? 55  DT  F C4    1 
ATOM   1108 O O4    . DT  F 2 5  ? -1.358  -23.031 -3.002  0.46 51.97 ? 55  DT  F O4    1 
ATOM   1109 C C5    . DT  F 2 5  ? 0.643   -22.084 -3.892  0.46 40.60 ? 55  DT  F C5    1 
ATOM   1110 C C7    . DT  F 2 5  ? 1.488   -23.309 -3.675  0.46 42.43 ? 55  DT  F C7    1 
ATOM   1111 C C6    . DT  F 2 5  ? 1.141   -20.965 -4.440  0.46 38.84 ? 55  DT  F C6    1 
ATOM   1112 P P     . DC  F 2 6  ? 2.814   -14.892 -4.002  0.46 42.49 ? 56  DC  F P     1 
ATOM   1113 O OP1   . DC  F 2 6  ? 2.987   -13.494 -4.461  0.46 47.00 ? 56  DC  F OP1   1 
ATOM   1114 O OP2   . DC  F 2 6  ? 3.899   -15.555 -3.236  0.46 45.31 ? 56  DC  F OP2   1 
ATOM   1115 O "O5'" . DC  F 2 6  ? 1.474   -14.972 -3.130  0.46 37.88 ? 56  DC  F "O5'" 1 
ATOM   1116 C "C5'" . DC  F 2 6  ? 0.301   -14.316 -3.557  0.46 38.27 ? 56  DC  F "C5'" 1 
ATOM   1117 C "C4'" . DC  F 2 6  ? -0.808  -14.438 -2.523  0.46 42.66 ? 56  DC  F "C4'" 1 
ATOM   1118 O "O4'" . DC  F 2 6  ? -1.301  -15.792 -2.441  0.46 46.62 ? 56  DC  F "O4'" 1 
ATOM   1119 C "C3'" . DC  F 2 6  ? -0.500  -13.977 -1.101  0.46 41.28 ? 56  DC  F "C3'" 1 
ATOM   1120 O "O3'" . DC  F 2 6  ? -1.405  -12.954 -0.766  0.46 41.28 ? 56  DC  F "O3'" 1 
ATOM   1121 C "C2'" . DC  F 2 6  ? -0.803  -15.170 -0.201  0.46 40.07 ? 56  DC  F "C2'" 1 
ATOM   1122 C "C1'" . DC  F 2 6  ? -1.525  -16.162 -1.103  0.46 42.56 ? 56  DC  F "C1'" 1 
ATOM   1123 N N1    . DC  F 2 6  ? -1.105  -17.543 -0.901  0.46 35.62 ? 56  DC  F N1    1 
ATOM   1124 C C2    . DC  F 2 6  ? -2.094  -18.485 -0.632  0.46 34.19 ? 56  DC  F C2    1 
ATOM   1125 O O2    . DC  F 2 6  ? -3.270  -18.109 -0.601  0.46 38.07 ? 56  DC  F O2    1 
ATOM   1126 N N3    . DC  F 2 6  ? -1.742  -19.776 -0.438  0.46 29.28 ? 56  DC  F N3    1 
ATOM   1127 C C4    . DC  F 2 6  ? -0.450  -20.115 -0.487  0.46 28.75 ? 56  DC  F C4    1 
ATOM   1128 N N4    . DC  F 2 6  ? -0.123  -21.403 -0.287  0.46 24.30 ? 56  DC  F N4    1 
ATOM   1129 C C5    . DC  F 2 6  ? 0.570   -19.150 -0.753  0.46 28.31 ? 56  DC  F C5    1 
ATOM   1130 C C6    . DC  F 2 6  ? 0.201   -17.884 -0.948  0.46 26.59 ? 56  DC  F C6    1 
ATOM   1131 P P     . DT  F 2 7  ? -1.242  -12.183 0.614   0.46 33.50 ? 57  DT  F P     1 
ATOM   1132 O OP1   . DT  F 2 7  ? -1.954  -10.900 0.500   0.46 34.00 ? 57  DT  F OP1   1 
ATOM   1133 O OP2   . DT  F 2 7  ? 0.190   -12.243 0.990   0.46 32.06 ? 57  DT  F OP2   1 
ATOM   1134 O "O5'" . DT  F 2 7  ? -2.071  -13.085 1.601   0.46 34.86 ? 57  DT  F "O5'" 1 
ATOM   1135 C "C5'" . DT  F 2 7  ? -3.440  -13.179 1.404   0.46 38.62 ? 57  DT  F "C5'" 1 
ATOM   1136 C "C4'" . DT  F 2 7  ? -4.042  -14.060 2.467   0.46 39.10 ? 57  DT  F "C4'" 1 
ATOM   1137 O "O4'" . DT  F 2 7  ? -3.779  -15.444 2.176   0.46 37.28 ? 57  DT  F "O4'" 1 
ATOM   1138 C "C3'" . DT  F 2 7  ? -3.572  -13.785 3.891   0.46 40.18 ? 57  DT  F "C3'" 1 
ATOM   1139 O "O3'" . DT  F 2 7  ? -4.679  -13.282 4.626   0.46 43.86 ? 57  DT  F "O3'" 1 
ATOM   1140 C "C2'" . DT  F 2 7  ? -3.049  -15.124 4.425   0.46 39.43 ? 57  DT  F "C2'" 1 
ATOM   1141 C "C1'" . DT  F 2 7  ? -3.386  -16.130 3.337   0.46 39.03 ? 57  DT  F "C1'" 1 
ATOM   1142 N N1    . DT  F 2 7  ? -2.321  -17.110 3.022   0.46 39.61 ? 57  DT  F N1    1 
ATOM   1143 C C2    . DT  F 2 7  ? -2.662  -18.429 3.197   0.46 39.77 ? 57  DT  F C2    1 
ATOM   1144 O O2    . DT  F 2 7  ? -3.771  -18.782 3.566   0.46 41.85 ? 57  DT  F O2    1 
ATOM   1145 N N3    . DT  F 2 7  ? -1.670  -19.322 2.903   0.46 37.18 ? 57  DT  F N3    1 
ATOM   1146 C C4    . DT  F 2 7  ? -0.394  -19.027 2.475   0.46 39.77 ? 57  DT  F C4    1 
ATOM   1147 O O4    . DT  F 2 7  ? 0.387   -19.949 2.254   0.46 45.87 ? 57  DT  F O4    1 
ATOM   1148 C C5    . DT  F 2 7  ? -0.091  -17.625 2.323   0.46 38.21 ? 57  DT  F C5    1 
ATOM   1149 C C7    . DT  F 2 7  ? 1.273   -17.210 1.862   0.46 37.23 ? 57  DT  F C7    1 
ATOM   1150 C C6    . DT  F 2 7  ? -1.061  -16.730 2.603   0.46 37.15 ? 57  DT  F C6    1 
ATOM   1151 P P     . DT  F 2 8  ? -4.674  -13.169 6.227   0.46 55.23 ? 58  DT  F P     1 
ATOM   1152 O OP1   . DT  F 2 8  ? -5.059  -11.774 6.546   0.46 63.09 ? 58  DT  F OP1   1 
ATOM   1153 O OP2   . DT  F 2 8  ? -3.422  -13.712 6.800   0.46 57.50 ? 58  DT  F OP2   1 
ATOM   1154 O "O5'" . DT  F 2 8  ? -5.879  -14.120 6.675   0.46 51.97 ? 58  DT  F "O5'" 1 
ATOM   1155 C "C5'" . DT  F 2 8  ? -6.484  -15.062 5.812   0.46 47.84 ? 58  DT  F "C5'" 1 
ATOM   1156 C "C4'" . DT  F 2 8  ? -6.828  -16.322 6.576   0.46 44.53 ? 58  DT  F "C4'" 1 
ATOM   1157 O "O4'" . DT  F 2 8  ? -5.955  -17.391 6.185   0.46 43.68 ? 58  DT  F "O4'" 1 
ATOM   1158 C "C3'" . DT  F 2 8  ? -6.776  -16.196 8.088   0.46 46.20 ? 58  DT  F "C3'" 1 
ATOM   1159 O "O3'" . DT  F 2 8  ? -8.013  -16.619 8.673   0.46 52.71 ? 58  DT  F "O3'" 1 
ATOM   1160 C "C2'" . DT  F 2 8  ? -5.660  -17.158 8.517   0.46 44.44 ? 58  DT  F "C2'" 1 
ATOM   1161 C "C1'" . DT  F 2 8  ? -5.419  -18.052 7.300   0.46 41.00 ? 58  DT  F "C1'" 1 
ATOM   1162 N N1    . DT  F 2 8  ? -4.004  -18.364 7.024   0.46 37.92 ? 58  DT  F N1    1 
ATOM   1163 C C2    . DT  F 2 8  ? -3.607  -19.693 6.929   0.46 30.72 ? 58  DT  F C2    1 
ATOM   1164 O O2    . DT  F 2 8  ? -4.369  -20.641 7.040   0.46 28.23 ? 58  DT  F O2    1 
ATOM   1165 N N3    . DT  F 2 8  ? -2.269  -19.865 6.673   0.46 21.07 ? 58  DT  F N3    1 
ATOM   1166 C C4    . DT  F 2 8  ? -1.319  -18.882 6.511   0.46 26.47 ? 58  DT  F C4    1 
ATOM   1167 O O4    . DT  F 2 8  ? -0.165  -19.197 6.289   0.46 29.60 ? 58  DT  F O4    1 
ATOM   1168 C C5    . DT  F 2 8  ? -1.793  -17.528 6.633   0.46 37.10 ? 58  DT  F C5    1 
ATOM   1169 C C7    . DT  F 2 8  ? -0.850  -16.369 6.483   0.46 37.34 ? 58  DT  F C7    1 
ATOM   1170 C C6    . DT  F 2 8  ? -3.096  -17.337 6.882   0.46 42.87 ? 58  DT  F C6    1 
ATOM   1171 P P     . DT  F 2 9  ? -8.211  -16.444 10.259  0.46 58.20 ? 59  DT  F P     1 
ATOM   1172 O OP1   . DT  F 2 9  ? -9.635  -16.664 10.592  0.46 59.11 ? 59  DT  F OP1   1 
ATOM   1173 O OP2   . DT  F 2 9  ? -7.560  -15.176 10.650  0.46 64.25 ? 59  DT  F OP2   1 
ATOM   1174 O "O5'" . DT  F 2 9  ? -7.343  -17.656 10.865  0.46 50.49 ? 59  DT  F "O5'" 1 
ATOM   1175 C "C5'" . DT  F 2 9  ? -7.670  -19.025 10.602  0.46 45.26 ? 59  DT  F "C5'" 1 
ATOM   1176 C "C4'" . DT  F 2 9  ? -6.651  -19.911 11.296  0.46 45.59 ? 59  DT  F "C4'" 1 
ATOM   1177 O "O4'" . DT  F 2 9  ? -5.463  -20.105 10.456  0.46 37.61 ? 59  DT  F "O4'" 1 
ATOM   1178 C "C3'" . DT  F 2 9  ? -6.173  -19.363 12.668  0.46 45.44 ? 59  DT  F "C3'" 1 
ATOM   1179 O "O3'" . DT  F 2 9  ? -6.180  -20.340 13.731  0.46 52.99 ? 59  DT  F "O3'" 1 
ATOM   1180 C "C2'" . DT  F 2 9  ? -4.724  -19.040 12.440  0.46 35.12 ? 59  DT  F "C2'" 1 
ATOM   1181 C "C1'" . DT  F 2 9  ? -4.353  -20.009 11.320  0.46 34.56 ? 59  DT  F "C1'" 1 
ATOM   1182 N N1    . DT  F 2 9  ? -3.036  -19.733 10.771  0.46 32.72 ? 59  DT  F N1    1 
ATOM   1183 C C2    . DT  F 2 9  ? -2.232  -20.808 10.436  0.46 27.99 ? 59  DT  F C2    1 
ATOM   1184 O O2    . DT  F 2 9  ? -2.595  -21.972 10.472  0.46 27.73 ? 59  DT  F O2    1 
ATOM   1185 N N3    . DT  F 2 9  ? -1.000  -20.459 9.986   0.46 29.09 ? 59  DT  F N3    1 
ATOM   1186 C C4    . DT  F 2 9  ? -0.482  -19.182 9.892   0.46 34.04 ? 59  DT  F C4    1 
ATOM   1187 O O4    . DT  F 2 9  ? 0.659   -19.040 9.465   0.46 44.92 ? 59  DT  F O4    1 
ATOM   1188 C C5    . DT  F 2 9  ? -1.352  -18.109 10.303  0.46 32.13 ? 59  DT  F C5    1 
ATOM   1189 C C7    . DT  F 2 9  ? -0.877  -16.679 10.229  0.46 32.83 ? 59  DT  F C7    1 
ATOM   1190 C C6    . DT  F 2 9  ? -2.569  -18.432 10.739  0.46 31.55 ? 59  DT  F C6    1 
ATOM   1191 P P     . DG  F 2 10 ? -7.477  -21.011 14.374  0.46 58.98 ? 60  DG  F P     1 
ATOM   1192 O OP1   . DG  F 2 10 ? -8.542  -21.060 13.345  0.46 65.98 ? 60  DG  F OP1   1 
ATOM   1193 O OP2   . DG  F 2 10 ? -7.707  -20.352 15.677  0.46 62.52 ? 60  DG  F OP2   1 
ATOM   1194 O "O5'" . DG  F 2 10 ? -6.979  -22.487 14.707  0.46 51.17 ? 60  DG  F "O5'" 1 
ATOM   1195 C "C5'" . DG  F 2 10 ? -6.664  -23.465 13.744  0.46 46.26 ? 60  DG  F "C5'" 1 
ATOM   1196 C "C4'" . DG  F 2 10 ? -5.402  -24.186 14.188  0.46 44.59 ? 60  DG  F "C4'" 1 
ATOM   1197 O "O4'" . DG  F 2 10 ? -4.245  -23.614 13.560  0.46 41.77 ? 60  DG  F "O4'" 1 
ATOM   1198 C "C3'" . DG  F 2 10 ? -5.145  -24.210 15.696  0.46 44.59 ? 60  DG  F "C3'" 1 
ATOM   1199 O "O3'" . DG  F 2 10 ? -5.085  -25.559 16.139  0.46 52.72 ? 60  DG  F "O3'" 1 
ATOM   1200 C "C2'" . DG  F 2 10 ? -3.793  -23.525 15.910  0.46 36.57 ? 60  DG  F "C2'" 1 
ATOM   1201 C "C1'" . DG  F 2 10 ? -3.216  -23.370 14.505  0.46 39.05 ? 60  DG  F "C1'" 1 
ATOM   1202 N N9    . DG  F 2 10 ? -2.653  -22.065 14.215  0.46 34.25 ? 60  DG  F N9    1 
ATOM   1203 C C8    . DG  F 2 10 ? -3.276  -20.850 14.322  0.46 36.35 ? 60  DG  F C8    1 
ATOM   1204 N N7    . DG  F 2 10 ? -2.512  -19.845 13.987  0.46 33.32 ? 60  DG  F N7    1 
ATOM   1205 C C5    . DG  F 2 10 ? -1.303  -20.447 13.658  0.46 29.65 ? 60  DG  F C5    1 
ATOM   1206 C C6    . DG  F 2 10 ? -0.090  -19.872 13.230  0.46 30.36 ? 60  DG  F C6    1 
ATOM   1207 O O6    . DG  F 2 10 ? 0.171   -18.677 13.042  0.46 30.21 ? 60  DG  F O6    1 
ATOM   1208 N N1    . DG  F 2 10 ? 0.884   -20.842 13.008  0.46 29.40 ? 60  DG  F N1    1 
ATOM   1209 C C2    . DG  F 2 10 ? 0.701   -22.191 13.179  0.46 29.41 ? 60  DG  F C2    1 
ATOM   1210 N N2    . DG  F 2 10 ? 1.759   -22.972 12.914  0.46 33.21 ? 60  DG  F N2    1 
ATOM   1211 N N3    . DG  F 2 10 ? -0.435  -22.738 13.579  0.46 26.11 ? 60  DG  F N3    1 
ATOM   1212 C C4    . DG  F 2 10 ? -1.380  -21.809 13.806  0.46 28.37 ? 60  DG  F C4    1 
HETATM 1213 O O     . HOH G 3 .  ? 16.411  18.851  -9.747  0.93 32.79 ? 63  HOH A O     1 
HETATM 1214 O O     . HOH G 3 .  ? 12.002  16.159  -7.328  0.93 27.90 ? 64  HOH A O     1 
HETATM 1215 O O     . HOH G 3 .  ? -4.341  7.962   -17.097 0.93 48.76 ? 67  HOH A O     1 
HETATM 1216 O O     . HOH G 3 .  ? 11.834  12.936  -8.803  0.93 31.44 ? 71  HOH A O     1 
HETATM 1217 O O     . HOH G 3 .  ? 5.358   15.490  -19.239 0.93 82.81 ? 73  HOH A O     1 
HETATM 1218 O O     . HOH G 3 .  ? 14.979  16.283  -15.591 0.93 15.99 ? 74  HOH A O     1 
HETATM 1219 O O     . HOH G 3 .  ? 5.260   10.767  -21.514 0.93 35.73 ? 78  HOH A O     1 
HETATM 1220 O O     . HOH G 3 .  ? 11.026  19.888  -0.377  0.93 29.94 ? 80  HOH A O     1 
HETATM 1221 O O     . HOH G 3 .  ? -8.228  11.516  -26.965 0.93 52.13 ? 81  HOH A O     1 
HETATM 1222 O O     . HOH G 3 .  ? 11.721  10.123  -18.611 0.93 35.51 ? 83  HOH A O     1 
HETATM 1223 O O     . HOH G 3 .  ? 5.305   17.381  9.312   0.93 39.63 ? 86  HOH A O     1 
HETATM 1224 O O     . HOH G 3 .  ? 2.824   16.799  -3.502  0.93 45.60 ? 87  HOH A O     1 
HETATM 1225 O O     . HOH G 3 .  ? 8.538   9.700   -18.897 0.93 32.26 ? 89  HOH A O     1 
HETATM 1226 O O     . HOH G 3 .  ? 16.406  21.060  -13.867 0.93 27.13 ? 90  HOH A O     1 
HETATM 1227 O O     . HOH G 3 .  ? 4.051   20.029  -5.602  0.93 50.88 ? 95  HOH A O     1 
HETATM 1228 O O     . HOH G 3 .  ? 1.368   9.997   -14.070 0.93 24.57 ? 96  HOH A O     1 
HETATM 1229 O O     . HOH G 3 .  ? 3.437   17.926  -6.278  0.93 32.49 ? 99  HOH A O     1 
HETATM 1230 O O     . HOH G 3 .  ? 11.398  14.377  -16.240 0.93 32.52 ? 102 HOH A O     1 
HETATM 1231 O O     . HOH G 3 .  ? 4.145   23.237  5.010   0.93 60.93 ? 106 HOH A O     1 
HETATM 1232 O O     . HOH G 3 .  ? 5.674   23.226  -4.311  0.93 58.07 ? 114 HOH A O     1 
HETATM 1233 O O     . HOH G 3 .  ? 4.108   6.712   -20.168 0.93 37.51 ? 116 HOH A O     1 
HETATM 1234 O O     . HOH G 3 .  ? 12.122  17.500  -3.485  0.93 37.45 ? 117 HOH A O     1 
HETATM 1235 O O     . HOH G 3 .  ? 9.797   19.500  -14.073 0.93 56.80 ? 120 HOH A O     1 
HETATM 1236 O O     . HOH G 3 .  ? 7.963   27.067  4.405   0.93 44.70 ? 124 HOH A O     1 
HETATM 1237 O O     . HOH G 3 .  ? 10.501  27.423  -1.873  0.93 29.60 ? 126 HOH A O     1 
HETATM 1238 O O     . HOH G 3 .  ? 15.817  26.199  -3.925  0.93 38.98 ? 128 HOH A O     1 
HETATM 1239 O O     . HOH G 3 .  ? 10.174  6.037   -13.558 0.93 78.14 ? 129 HOH A O     1 
HETATM 1240 O O     . HOH G 3 .  ? 8.324   25.912  -5.786  0.93 41.97 ? 131 HOH A O     1 
HETATM 1241 O O     . HOH G 3 .  ? 14.167  23.923  -3.792  0.93 39.09 ? 133 HOH A O     1 
HETATM 1242 O O     . HOH G 3 .  ? 9.723   20.642  2.859   0.93 52.17 ? 134 HOH A O     1 
HETATM 1243 O O     . HOH G 3 .  ? 10.475  22.479  0.982   0.93 42.32 ? 135 HOH A O     1 
HETATM 1244 O O     . HOH G 3 .  ? 6.730   18.408  -14.726 0.93 67.36 ? 136 HOH A O     1 
HETATM 1245 O O     . HOH G 3 .  ? 5.541   9.400   -12.251 0.93 26.31 ? 140 HOH A O     1 
HETATM 1246 O O     . HOH G 3 .  ? 8.352   22.995  5.536   0.93 38.10 ? 143 HOH A O     1 
HETATM 1247 O O     . HOH G 3 .  ? 14.659  10.642  -17.360 0.93 60.41 ? 145 HOH A O     1 
HETATM 1248 O O     . HOH G 3 .  ? 14.817  9.018   -15.227 0.93 37.23 ? 146 HOH A O     1 
HETATM 1249 O O     . HOH G 3 .  ? 3.101   7.984   -12.974 0.93 27.92 ? 147 HOH A O     1 
HETATM 1250 O O     . HOH G 3 .  ? 5.749   28.158  -1.861  0.93 38.78 ? 148 HOH A O     1 
HETATM 1251 O O     . HOH G 3 .  ? 8.173   23.140  -7.801  0.93 65.32 ? 149 HOH A O     1 
HETATM 1252 O O     . HOH G 3 .  ? 1.561   15.624  -21.126 0.93 60.41 ? 154 HOH A O     1 
HETATM 1253 O O     . HOH G 3 .  ? 12.837  17.934  -1.350  0.93 42.28 ? 156 HOH A O     1 
HETATM 1254 O O     . HOH G 3 .  ? 3.313   24.697  -0.985  0.93 51.47 ? 158 HOH A O     1 
HETATM 1255 O O     . HOH G 3 .  ? 7.487   13.708  -18.880 0.93 32.24 ? 162 HOH A O     1 
HETATM 1256 O O     . HOH G 3 .  ? 13.037  22.013  0.144   0.93 25.61 ? 167 HOH A O     1 
HETATM 1257 O O     . HOH G 3 .  ? -1.219  9.755   -14.682 0.93 29.51 ? 169 HOH A O     1 
HETATM 1258 O O     . HOH G 3 .  ? 12.865  29.857  -3.812  0.93 50.69 ? 170 HOH A O     1 
HETATM 1259 O O     . HOH G 3 .  ? 3.997   19.452  9.472   0.93 49.74 ? 172 HOH A O     1 
HETATM 1260 O O     . HOH G 3 .  ? -5.666  10.219  -25.477 0.93 48.38 ? 173 HOH A O     1 
HETATM 1261 O O     . HOH G 3 .  ? 13.566  18.069  -15.884 0.93 46.05 ? 176 HOH A O     1 
HETATM 1262 O O     . HOH G 3 .  ? 8.242   19.907  -16.091 0.93 60.51 ? 177 HOH A O     1 
HETATM 1263 O O     . HOH G 3 .  ? -2.599  16.723  -24.581 0.93 40.75 ? 178 HOH A O     1 
HETATM 1264 O O     . HOH G 3 .  ? 14.685  17.909  -2.736  0.93 35.55 ? 179 HOH A O     1 
HETATM 1265 O O     . HOH G 3 .  ? 0.169   15.077  10.098  0.93 89.31 ? 192 HOH A O     1 
HETATM 1266 O O     . HOH H 3 .  ? 16.386  23.432  6.274   0.93 26.45 ? 61  HOH B O     1 
HETATM 1267 O O     . HOH H 3 .  ? 8.877   10.791  -10.199 0.93 16.40 ? 62  HOH B O     1 
HETATM 1268 O O     . HOH H 3 .  ? -2.071  12.260  -16.188 0.93 40.99 ? 65  HOH B O     1 
HETATM 1269 O O     . HOH H 3 .  ? 12.542  8.022   -0.989  0.93 26.57 ? 66  HOH B O     1 
HETATM 1270 O O     . HOH H 3 .  ? -3.564  15.330  -19.568 0.93 26.74 ? 69  HOH B O     1 
HETATM 1271 O O     . HOH H 3 .  ? 12.571  13.697  -5.856  0.93 26.07 ? 70  HOH B O     1 
HETATM 1272 O O     . HOH H 3 .  ? 19.707  19.861  4.356   0.93 16.75 ? 72  HOH B O     1 
HETATM 1273 O O     . HOH H 3 .  ? 11.720  20.754  3.965   0.93 21.61 ? 75  HOH B O     1 
HETATM 1274 O O     . HOH H 3 .  ? 1.857   17.381  -8.590  0.93 31.00 ? 76  HOH B O     1 
HETATM 1275 O O     . HOH H 3 .  ? 2.298   8.038   -5.833  0.93 35.77 ? 79  HOH B O     1 
HETATM 1276 O O     . HOH H 3 .  ? 7.496   0.553   -10.519 0.93 38.83 ? 82  HOH B O     1 
HETATM 1277 O O     . HOH H 3 .  ? -6.557  21.286  -19.168 0.93 42.70 ? 85  HOH B O     1 
HETATM 1278 O O     . HOH H 3 .  ? 8.162   4.666   -11.267 0.93 27.31 ? 92  HOH B O     1 
HETATM 1279 O O     . HOH H 3 .  ? 23.535  17.701  3.832   0.93 17.75 ? 93  HOH B O     1 
HETATM 1280 O O     . HOH H 3 .  ? 16.082  10.651  0.906   0.93 27.44 ? 94  HOH B O     1 
HETATM 1281 O O     . HOH H 3 .  ? 19.155  15.793  -4.979  0.93 35.22 ? 97  HOH B O     1 
HETATM 1282 O O     . HOH H 3 .  ? 20.751  12.309  -3.829  0.93 22.58 ? 98  HOH B O     1 
HETATM 1283 O O     . HOH H 3 .  ? 22.825  13.676  1.031   0.93 44.98 ? 100 HOH B O     1 
HETATM 1284 O O     . HOH H 3 .  ? 10.436  4.648   -11.043 0.93 31.85 ? 101 HOH B O     1 
HETATM 1285 O O     . HOH H 3 .  ? -4.097  12.197  -17.213 0.93 35.47 ? 103 HOH B O     1 
HETATM 1286 O O     . HOH H 3 .  ? -5.791  10.287  -6.593  0.93 63.22 ? 104 HOH B O     1 
HETATM 1287 O O     . HOH H 3 .  ? -3.053  16.553  -10.135 0.93 35.98 ? 105 HOH B O     1 
HETATM 1288 O O     . HOH H 3 .  ? 1.978   22.569  -17.344 0.93 41.97 ? 107 HOH B O     1 
HETATM 1289 O O     . HOH H 3 .  ? 15.613  26.307  4.759   0.93 23.32 ? 108 HOH B O     1 
HETATM 1290 O O     . HOH H 3 .  ? 18.110  1.566   -5.704  0.93 43.80 ? 109 HOH B O     1 
HETATM 1291 O O     . HOH H 3 .  ? 2.900   19.318  -11.932 0.93 29.39 ? 111 HOH B O     1 
HETATM 1292 O O     . HOH H 3 .  ? 17.561  14.172  -4.728  0.93 27.02 ? 118 HOH B O     1 
HETATM 1293 O O     . HOH H 3 .  ? 5.918   10.183  0.362   0.93 49.18 ? 119 HOH B O     1 
HETATM 1294 O O     . HOH H 3 .  ? -1.268  16.076  -5.808  0.93 40.67 ? 121 HOH B O     1 
HETATM 1295 O O     . HOH H 3 .  ? 3.379   12.576  -2.857  0.93 31.69 ? 122 HOH B O     1 
HETATM 1296 O O     . HOH H 3 .  ? -1.604  11.485  -7.348  0.93 34.12 ? 123 HOH B O     1 
HETATM 1297 O O     . HOH H 3 .  ? 22.474  13.985  -1.210  0.93 27.19 ? 125 HOH B O     1 
HETATM 1298 O O     . HOH H 3 .  ? 19.634  9.134   2.053   0.93 58.49 ? 127 HOH B O     1 
HETATM 1299 O O     . HOH H 3 .  ? 21.190  16.513  2.378   0.93 39.32 ? 130 HOH B O     1 
HETATM 1300 O O     . HOH H 3 .  ? 18.164  9.188   -3.025  0.93 27.47 ? 132 HOH B O     1 
HETATM 1301 O O     . HOH H 3 .  ? 4.506   19.380  -16.074 0.93 23.09 ? 137 HOH B O     1 
HETATM 1302 O O     . HOH H 3 .  ? 19.976  15.571  -2.470  0.93 30.55 ? 138 HOH B O     1 
HETATM 1303 O O     . HOH H 3 .  ? 19.417  15.299  -0.249  0.93 68.58 ? 139 HOH B O     1 
HETATM 1304 O O     . HOH H 3 .  ? -1.545  18.191  -7.805  0.93 32.62 ? 141 HOH B O     1 
HETATM 1305 O O     . HOH H 3 .  ? 21.248  14.350  -5.233  0.93 31.48 ? 144 HOH B O     1 
HETATM 1306 O O     . HOH H 3 .  ? 14.892  12.296  5.367   0.93 44.08 ? 150 HOH B O     1 
HETATM 1307 O O     . HOH H 3 .  ? 11.665  4.402   -12.951 0.93 27.23 ? 151 HOH B O     1 
HETATM 1308 O O     . HOH H 3 .  ? 0.934   3.770   -11.267 0.93 59.88 ? 153 HOH B O     1 
HETATM 1309 O O     . HOH H 3 .  ? 6.197   7.633   -0.791  0.93 41.49 ? 157 HOH B O     1 
HETATM 1310 O O     . HOH H 3 .  ? 18.766  5.336   -5.391  0.93 41.94 ? 160 HOH B O     1 
HETATM 1311 O O     . HOH H 3 .  ? 17.263  6.835   -6.685  0.93 40.05 ? 161 HOH B O     1 
HETATM 1312 O O     . HOH H 3 .  ? 13.226  22.270  3.144   0.93 29.71 ? 163 HOH B O     1 
HETATM 1313 O O     . HOH H 3 .  ? 18.661  12.159  -4.767  0.93 73.87 ? 164 HOH B O     1 
HETATM 1314 O O     . HOH H 3 .  ? 1.430   13.798  -4.853  0.93 46.16 ? 175 HOH B O     1 
HETATM 1315 O O     . HOH I 3 .  ? -4.631  9.288   7.874   0.93 47.39 ? 68  HOH C O     1 
HETATM 1316 O O     . HOH I 3 .  ? -13.422 4.826   23.773  0.93 45.00 ? 77  HOH C O     1 
HETATM 1317 O O     . HOH I 3 .  ? 0.740   -0.969  4.877   0.93 41.35 ? 91  HOH C O     1 
HETATM 1318 O O     . HOH I 3 .  ? -3.189  -7.651  -5.802  0.93 65.65 ? 113 HOH C O     1 
HETATM 1319 O O     . HOH I 3 .  ? -1.963  4.626   0.735   0.93 45.40 ? 142 HOH C O     1 
HETATM 1320 O O     . HOH I 3 .  ? -0.046  0.266   -4.690  0.93 47.46 ? 159 HOH C O     1 
HETATM 1321 O O     . HOH I 3 .  ? -8.643  1.221   20.792  0.93 57.33 ? 171 HOH C O     1 
HETATM 1322 O O     . HOH I 3 .  ? -8.087  6.820   15.369  0.93 66.35 ? 181 HOH C O     1 
HETATM 1323 O O     . HOH I 3 .  ? -1.149  6.552   1.905   0.93 40.87 ? 188 HOH C O     1 
HETATM 1324 O O     . HOH I 3 .  ? -4.229  7.410   28.274  0.67 43.83 ? 195 HOH C O     1 
HETATM 1325 O O     . HOH I 3 .  ? -7.591  2.645   19.044  0.67 18.50 ? 198 HOH C O     1 
HETATM 1326 O O     . HOH J 3 .  ? -2.483  5.660   -10.371 0.93 53.44 ? 88  HOH D O     1 
HETATM 1327 O O     . HOH J 3 .  ? 1.834   3.981   16.861  0.93 47.93 ? 110 HOH D O     1 
HETATM 1328 O O     . HOH J 3 .  ? 9.406   3.203   27.306  0.93 82.35 ? 112 HOH D O     1 
HETATM 1329 O O     . HOH J 3 .  ? -13.475 -1.201  13.979  0.93 47.28 ? 115 HOH D O     1 
HETATM 1330 O O     . HOH J 3 .  ? -6.817  14.415  5.817   0.93 44.54 ? 182 HOH D O     1 
HETATM 1331 O O     . HOH J 3 .  ? -0.335  9.782   -1.153  0.93 55.43 ? 187 HOH D O     1 
HETATM 1332 O O     . HOH J 3 .  ? -0.370  6.832   -1.267  0.93 65.21 ? 189 HOH D O     1 
HETATM 1333 O O     . HOH J 3 .  ? -5.330  15.166  4.124   0.93 77.61 ? 191 HOH D O     1 
HETATM 1334 O O     . HOH K 3 .  ? 13.162  -26.228 15.948  0.93 52.12 ? 84  HOH E O     1 
HETATM 1335 O O     . HOH K 3 .  ? 4.844   -25.060 13.366  0.93 46.08 ? 152 HOH E O     1 
HETATM 1336 O O     . HOH K 3 .  ? -12.802 -15.224 -6.956  0.93 58.49 ? 155 HOH E O     1 
HETATM 1337 O O     . HOH K 3 .  ? -13.325 -12.541 -4.941  0.93 73.17 ? 165 HOH E O     1 
HETATM 1338 O O     . HOH K 3 .  ? 2.666   -20.917 -17.744 0.93 35.25 ? 168 HOH E O     1 
HETATM 1339 O O     . HOH K 3 .  ? -7.176  -20.537 2.952   0.93 60.94 ? 184 HOH E O     1 
HETATM 1340 O O     . HOH K 3 .  ? 3.446   -18.248 7.452   0.93 56.51 ? 185 HOH E O     1 
HETATM 1341 O O     . HOH K 3 .  ? 12.412  -24.946 10.965  0.93 60.39 ? 190 HOH E O     1 
HETATM 1342 O O     . HOH K 3 .  ? -7.091  -30.781 8.376   0.93 62.15 ? 193 HOH E O     1 
HETATM 1343 O O     . HOH L 3 .  ? -4.959  -32.456 -9.954  0.93 59.40 ? 166 HOH F O     1 
HETATM 1344 O O     . HOH L 3 .  ? -5.426  -16.498 -0.427  0.93 43.26 ? 174 HOH F O     1 
HETATM 1345 O O     . HOH L 3 .  ? -6.378  -24.293 10.396  0.93 75.55 ? 180 HOH F O     1 
HETATM 1346 O O     . HOH L 3 .  ? -7.169  -16.635 1.385   0.93 52.42 ? 183 HOH F O     1 
HETATM 1347 O O     . HOH L 3 .  ? 4.311   -22.218 -4.045  0.93 56.14 ? 186 HOH F O     1 
HETATM 1348 O O     . HOH L 3 .  ? 3.845   -12.531 -0.094  0.93 79.66 ? 194 HOH F O     1 
HETATM 1349 O O     . HOH L 3 .  ? -7.269  -20.814 6.360   0.67 34.28 ? 196 HOH F O     1 
HETATM 1350 O O     . HOH L 3 .  ? -1.712  -16.146 14.280  0.67 49.66 ? 197 HOH F O     1 
# 
